data_6QNP
#
_entry.id   6QNP
#
_cell.length_a   95.090
_cell.length_b   90.150
_cell.length_c   100.230
_cell.angle_alpha   90.000
_cell.angle_beta   110.120
_cell.angle_gamma   90.000
#
_symmetry.space_group_name_H-M   'P 1 21 1'
#
loop_
_entity.id
_entity.type
_entity.pdbx_description
1 polymer 'Clathrin heavy chain 1'
2 polymer 'G2 and S phase-expressed protein 1'
3 water water
#
loop_
_entity_poly.entity_id
_entity_poly.type
_entity_poly.pdbx_seq_one_letter_code
_entity_poly.pdbx_strand_id
1 'polypeptide(L)'
;MAQILPIRFQEHLQLQNLGINPANIGFSTLTMESDKFICIREKVGEQAQVVIIDMNDPSNPIRRPISADSAIMNPASKVI
ALKAGKTLQIFNIEMKSKMKAHTMTDDVTFWKWISLNTVALVTDNAVYHWSMEGESQPVKMFDRHSSLAGCQIINYRTDA
KQKWLLLTGISAQQNRVVGAMQLYSVDRKVSQPIEGHAASFAQFKMEGNAEESTLFCFAVRGQAGGKLHIIEVGTPPTGN
QPFPKKAVDVFFPPEAQNDFPVAMQISEKHDVVFLITKYGYIHLYDLETGTCIYMNRISGETIFVTAPHEATAGIIGVNR
KGQVLSVCVEEENIIPYITNVLQNPDLALRMAVRNNLAGAEELF
;
A,B,C,D
2 'polypeptide(L)' LAVTPDAASQPLIDLPLIDFCDTPEAHVAVGSESRPLIDLMTNTPDMNKNVAKPSPVVGQLIDLSSP H,I,J,K
#
# COMPACT_ATOMS: atom_id res chain seq x y z
N GLN A 3 -43.29 -28.71 -22.25
CA GLN A 3 -43.05 -28.27 -23.62
C GLN A 3 -41.54 -28.12 -23.85
N ILE A 4 -41.14 -28.43 -25.09
CA ILE A 4 -39.76 -28.45 -25.56
C ILE A 4 -39.41 -27.05 -26.05
N LEU A 5 -38.31 -26.48 -25.51
CA LEU A 5 -37.90 -25.07 -25.61
C LEU A 5 -36.55 -24.94 -26.34
N PRO A 6 -36.30 -23.85 -27.08
CA PRO A 6 -35.06 -23.77 -27.87
C PRO A 6 -33.81 -23.41 -27.07
N ILE A 7 -33.95 -22.83 -25.87
CA ILE A 7 -32.81 -22.45 -25.07
C ILE A 7 -32.88 -23.18 -23.74
N ARG A 8 -31.71 -23.29 -23.10
CA ARG A 8 -31.57 -23.93 -21.80
C ARG A 8 -31.05 -22.91 -20.80
N PHE A 9 -31.67 -22.88 -19.62
CA PHE A 9 -31.31 -22.03 -18.50
C PHE A 9 -30.51 -22.82 -17.46
N GLN A 10 -29.57 -22.15 -16.81
CA GLN A 10 -28.83 -22.73 -15.71
C GLN A 10 -28.54 -21.68 -14.66
N GLU A 11 -28.64 -22.08 -13.38
CA GLU A 11 -28.17 -21.25 -12.26
C GLU A 11 -26.79 -21.75 -11.84
N HIS A 12 -25.84 -20.83 -11.72
CA HIS A 12 -24.49 -21.19 -11.30
C HIS A 12 -24.23 -20.83 -9.85
N LEU A 13 -24.58 -19.60 -9.47
CA LEU A 13 -24.28 -19.10 -8.15
C LEU A 13 -25.33 -18.07 -7.74
N GLN A 14 -25.44 -17.88 -6.43
CA GLN A 14 -26.01 -16.66 -5.86
C GLN A 14 -24.99 -16.12 -4.89
N LEU A 15 -24.54 -14.89 -5.13
CA LEU A 15 -23.38 -14.34 -4.44
C LEU A 15 -23.65 -14.01 -2.97
N GLN A 16 -24.92 -13.81 -2.61
CA GLN A 16 -25.34 -13.56 -1.23
C GLN A 16 -25.08 -14.73 -0.30
N ASN A 17 -24.96 -15.95 -0.82
CA ASN A 17 -24.58 -17.11 -0.03
C ASN A 17 -23.09 -17.14 0.29
N LEU A 18 -22.28 -16.29 -0.33
CA LEU A 18 -20.85 -16.22 -0.02
C LEU A 18 -20.46 -14.91 0.66
N GLY A 19 -21.42 -14.22 1.25
CA GLY A 19 -21.13 -13.03 2.03
C GLY A 19 -20.88 -11.78 1.22
N ILE A 20 -21.68 -11.55 0.17
CA ILE A 20 -21.57 -10.36 -0.68
C ILE A 20 -22.83 -9.52 -0.45
N ASN A 21 -22.64 -8.31 0.07
CA ASN A 21 -23.73 -7.39 0.38
C ASN A 21 -24.19 -6.71 -0.92
N PRO A 22 -25.49 -6.72 -1.24
CA PRO A 22 -25.95 -6.41 -2.61
C PRO A 22 -25.89 -4.94 -3.02
N ALA A 23 -25.42 -4.04 -2.16
CA ALA A 23 -25.06 -2.71 -2.62
C ALA A 23 -23.75 -2.73 -3.40
N ASN A 24 -22.95 -3.78 -3.25
CA ASN A 24 -21.74 -3.99 -4.01
C ASN A 24 -21.96 -4.89 -5.22
N ILE A 25 -23.18 -5.40 -5.42
CA ILE A 25 -23.55 -6.10 -6.64
C ILE A 25 -24.16 -5.05 -7.55
N GLY A 26 -23.31 -4.44 -8.38
CA GLY A 26 -23.74 -3.40 -9.29
C GLY A 26 -22.68 -3.16 -10.33
N PHE A 27 -23.01 -2.29 -11.30
CA PHE A 27 -22.13 -1.98 -12.41
C PHE A 27 -20.89 -1.23 -11.95
N SER A 28 -20.99 -0.48 -10.85
CA SER A 28 -19.86 0.27 -10.33
C SER A 28 -18.84 -0.64 -9.64
N THR A 29 -19.29 -1.72 -9.00
CA THR A 29 -18.46 -2.47 -8.08
C THR A 29 -18.26 -3.93 -8.44
N LEU A 30 -19.04 -4.49 -9.38
CA LEU A 30 -18.88 -5.87 -9.81
C LEU A 30 -18.49 -5.88 -11.28
N THR A 31 -17.43 -6.62 -11.60
CA THR A 31 -17.01 -6.81 -12.98
C THR A 31 -16.88 -8.30 -13.26
N MET A 32 -17.25 -8.70 -14.48
CA MET A 32 -17.20 -10.10 -14.92
C MET A 32 -16.77 -10.08 -16.38
N GLU A 33 -15.46 -10.06 -16.60
CA GLU A 33 -14.92 -9.89 -17.96
C GLU A 33 -15.02 -11.16 -18.78
N SER A 34 -15.00 -12.32 -18.15
CA SER A 34 -15.25 -13.59 -18.81
C SER A 34 -15.99 -14.49 -17.83
N ASP A 35 -16.19 -15.75 -18.20
CA ASP A 35 -16.91 -16.69 -17.36
C ASP A 35 -16.02 -17.43 -16.37
N LYS A 36 -14.75 -17.03 -16.25
CA LYS A 36 -13.85 -17.71 -15.34
C LYS A 36 -13.76 -17.05 -13.97
N PHE A 37 -13.96 -15.73 -13.87
CA PHE A 37 -13.79 -15.03 -12.60
C PHE A 37 -14.81 -13.92 -12.45
N ILE A 38 -15.18 -13.65 -11.20
CA ILE A 38 -16.01 -12.51 -10.83
C ILE A 38 -15.28 -11.71 -9.75
N CYS A 39 -15.14 -10.40 -9.96
CA CYS A 39 -14.44 -9.54 -9.01
C CYS A 39 -15.40 -8.50 -8.44
N ILE A 40 -15.52 -8.49 -7.12
CA ILE A 40 -16.45 -7.61 -6.41
C ILE A 40 -15.63 -6.65 -5.57
N ARG A 41 -15.67 -5.37 -5.92
CA ARG A 41 -15.16 -4.33 -5.02
C ARG A 41 -16.10 -4.23 -3.82
N GLU A 42 -15.54 -4.37 -2.62
CA GLU A 42 -16.32 -4.48 -1.39
C GLU A 42 -15.83 -3.45 -0.37
N LYS A 43 -16.78 -2.85 0.35
CA LYS A 43 -16.52 -1.91 1.44
C LYS A 43 -16.93 -2.59 2.75
N VAL A 44 -15.93 -3.01 3.54
CA VAL A 44 -16.13 -3.64 4.84
C VAL A 44 -15.33 -2.84 5.86
N GLY A 45 -15.98 -2.45 6.96
CA GLY A 45 -15.37 -1.57 7.94
C GLY A 45 -15.18 -0.20 7.30
N GLU A 46 -13.92 0.09 6.97
CA GLU A 46 -13.62 0.85 5.76
C GLU A 46 -12.28 0.43 5.16
N GLN A 47 -11.80 -0.80 5.42
CA GLN A 47 -10.72 -1.35 4.63
C GLN A 47 -11.32 -1.81 3.30
N ALA A 48 -11.05 -1.07 2.23
CA ALA A 48 -11.60 -1.39 0.93
C ALA A 48 -10.96 -2.65 0.39
N GLN A 49 -11.75 -3.69 0.18
CA GLN A 49 -11.23 -4.97 -0.24
C GLN A 49 -11.81 -5.35 -1.59
N VAL A 50 -11.22 -6.38 -2.20
CA VAL A 50 -11.75 -6.99 -3.40
C VAL A 50 -11.96 -8.47 -3.09
N VAL A 51 -13.07 -9.00 -3.61
CA VAL A 51 -13.45 -10.40 -3.48
C VAL A 51 -13.36 -11.01 -4.87
N ILE A 52 -12.49 -12.00 -5.02
CA ILE A 52 -12.28 -12.66 -6.29
C ILE A 52 -12.85 -14.07 -6.18
N ILE A 53 -13.84 -14.35 -7.04
CA ILE A 53 -14.47 -15.65 -7.18
C ILE A 53 -13.88 -16.33 -8.40
N ASP A 54 -13.20 -17.44 -8.17
CA ASP A 54 -12.93 -18.39 -9.24
C ASP A 54 -14.23 -19.12 -9.56
N MET A 55 -14.60 -19.15 -10.84
CA MET A 55 -15.82 -19.84 -11.23
C MET A 55 -15.64 -21.35 -11.33
N ASN A 56 -14.40 -21.83 -11.34
CA ASN A 56 -14.12 -23.26 -11.24
C ASN A 56 -13.94 -23.72 -9.80
N ASP A 57 -13.87 -22.78 -8.85
CA ASP A 57 -13.82 -23.10 -7.41
C ASP A 57 -14.59 -22.03 -6.65
N PRO A 58 -15.93 -22.05 -6.69
CA PRO A 58 -16.71 -20.93 -6.16
C PRO A 58 -16.85 -20.92 -4.64
N SER A 59 -16.51 -22.00 -3.95
CA SER A 59 -16.67 -22.05 -2.51
C SER A 59 -15.57 -21.30 -1.76
N ASN A 60 -14.43 -21.05 -2.41
CA ASN A 60 -13.28 -20.41 -1.78
C ASN A 60 -12.92 -19.13 -2.53
N PRO A 61 -13.57 -18.02 -2.25
CA PRO A 61 -13.12 -16.74 -2.80
C PRO A 61 -11.96 -16.19 -1.98
N ILE A 62 -11.22 -15.27 -2.59
CA ILE A 62 -10.11 -14.62 -1.89
C ILE A 62 -10.44 -13.16 -1.69
N ARG A 63 -10.08 -12.62 -0.52
CA ARG A 63 -10.36 -11.24 -0.15
C ARG A 63 -9.05 -10.54 0.14
N ARG A 64 -8.76 -9.49 -0.63
CA ARG A 64 -7.48 -8.78 -0.47
C ARG A 64 -7.74 -7.28 -0.44
N PRO A 65 -6.98 -6.51 0.34
CA PRO A 65 -7.23 -5.06 0.41
C PRO A 65 -6.76 -4.34 -0.85
N ILE A 66 -7.56 -3.34 -1.28
CA ILE A 66 -7.23 -2.55 -2.46
C ILE A 66 -7.28 -1.06 -2.15
N SER A 67 -6.67 -0.29 -3.05
CA SER A 67 -6.74 1.17 -3.10
C SER A 67 -7.09 1.62 -4.50
N ALA A 68 -8.10 0.98 -5.09
CA ALA A 68 -8.44 1.17 -6.49
C ALA A 68 -9.91 1.55 -6.64
N ASP A 69 -10.22 2.28 -7.71
CA ASP A 69 -11.62 2.56 -8.03
C ASP A 69 -12.23 1.54 -8.99
N SER A 70 -11.42 0.69 -9.62
CA SER A 70 -11.93 -0.36 -10.50
C SER A 70 -10.92 -1.50 -10.60
N ALA A 71 -11.47 -2.72 -10.62
CA ALA A 71 -10.72 -3.97 -10.65
C ALA A 71 -11.35 -4.86 -11.71
N ILE A 72 -10.59 -5.20 -12.76
CA ILE A 72 -11.07 -6.11 -13.80
C ILE A 72 -10.09 -7.27 -13.92
N MET A 73 -10.64 -8.48 -14.05
CA MET A 73 -9.81 -9.67 -14.18
C MET A 73 -9.54 -9.96 -15.64
N ASN A 74 -8.34 -10.50 -15.92
CA ASN A 74 -8.00 -11.02 -17.23
C ASN A 74 -8.95 -12.16 -17.62
N PRO A 75 -9.35 -12.24 -18.89
CA PRO A 75 -10.33 -13.26 -19.29
C PRO A 75 -9.82 -14.70 -19.31
N ALA A 76 -8.52 -14.94 -19.16
CA ALA A 76 -8.02 -16.31 -19.18
C ALA A 76 -7.22 -16.68 -17.94
N SER A 77 -6.33 -15.81 -17.48
CA SER A 77 -5.49 -16.07 -16.32
C SER A 77 -5.99 -15.29 -15.12
N LYS A 78 -5.47 -15.64 -13.94
CA LYS A 78 -5.78 -14.91 -12.71
C LYS A 78 -4.83 -13.72 -12.57
N VAL A 79 -5.05 -12.74 -13.44
CA VAL A 79 -4.22 -11.55 -13.57
C VAL A 79 -5.15 -10.35 -13.45
N ILE A 80 -5.03 -9.61 -12.38
CA ILE A 80 -5.97 -8.54 -12.10
C ILE A 80 -5.40 -7.21 -12.60
N ALA A 81 -6.29 -6.31 -12.99
CA ALA A 81 -5.95 -4.96 -13.44
C ALA A 81 -6.68 -4.00 -12.51
N LEU A 82 -5.92 -3.10 -11.88
CA LEU A 82 -6.46 -2.18 -10.89
C LEU A 82 -6.08 -0.75 -11.24
N LYS A 83 -7.02 0.18 -11.08
CA LYS A 83 -6.70 1.57 -11.40
C LYS A 83 -7.14 2.52 -10.29
N ALA A 84 -6.35 3.58 -10.08
CA ALA A 84 -6.74 4.71 -9.24
C ALA A 84 -6.46 5.99 -10.03
N GLY A 85 -7.52 6.60 -10.56
CA GLY A 85 -7.43 7.83 -11.32
C GLY A 85 -6.68 7.66 -12.63
N LYS A 86 -5.43 8.10 -12.64
CA LYS A 86 -4.55 7.91 -13.79
C LYS A 86 -3.55 6.78 -13.57
N THR A 87 -3.36 6.32 -12.34
CA THR A 87 -2.47 5.20 -12.08
C THR A 87 -3.13 3.90 -12.48
N LEU A 88 -2.41 3.06 -13.23
CA LEU A 88 -2.88 1.74 -13.63
C LEU A 88 -1.80 0.72 -13.31
N GLN A 89 -2.22 -0.42 -12.74
CA GLN A 89 -1.28 -1.49 -12.41
C GLN A 89 -1.89 -2.84 -12.76
N ILE A 90 -1.01 -3.76 -13.18
CA ILE A 90 -1.35 -5.11 -13.61
C ILE A 90 -0.60 -6.07 -12.72
N PHE A 91 -1.34 -6.98 -12.07
CA PHE A 91 -0.83 -7.86 -11.02
C PHE A 91 -1.14 -9.31 -11.33
N ASN A 92 -0.14 -10.18 -11.16
CA ASN A 92 -0.36 -11.62 -11.13
C ASN A 92 -0.69 -12.03 -9.70
N ILE A 93 -1.87 -12.62 -9.49
CA ILE A 93 -2.31 -12.94 -8.14
C ILE A 93 -1.64 -14.20 -7.62
N GLU A 94 -1.50 -15.23 -8.48
CA GLU A 94 -0.91 -16.49 -8.07
C GLU A 94 0.59 -16.39 -7.81
N MET A 95 1.26 -15.38 -8.38
CA MET A 95 2.67 -15.15 -8.13
C MET A 95 2.93 -14.02 -7.15
N LYS A 96 1.90 -13.23 -6.80
CA LYS A 96 1.96 -12.01 -5.97
C LYS A 96 2.97 -11.01 -6.50
N SER A 97 2.90 -10.76 -7.81
CA SER A 97 3.85 -9.92 -8.51
C SER A 97 3.12 -8.78 -9.20
N LYS A 98 3.75 -7.60 -9.23
CA LYS A 98 3.31 -6.55 -10.15
C LYS A 98 3.86 -6.86 -11.52
N MET A 99 2.96 -7.07 -12.49
CA MET A 99 3.43 -7.32 -13.84
C MET A 99 3.76 -6.01 -14.55
N LYS A 100 2.82 -5.07 -14.55
CA LYS A 100 3.02 -3.84 -15.32
C LYS A 100 2.42 -2.65 -14.59
N ALA A 101 2.84 -1.46 -15.00
CA ALA A 101 2.31 -0.22 -14.44
C ALA A 101 2.45 0.90 -15.45
N HIS A 102 1.46 1.80 -15.46
CA HIS A 102 1.48 2.98 -16.32
C HIS A 102 0.62 4.07 -15.70
N THR A 103 1.11 5.31 -15.77
CA THR A 103 0.32 6.46 -15.35
C THR A 103 -0.03 7.29 -16.57
N MET A 104 -1.32 7.53 -16.77
CA MET A 104 -1.82 8.27 -17.92
C MET A 104 -1.81 9.77 -17.66
N THR A 105 -1.93 10.54 -18.73
CA THR A 105 -2.05 11.98 -18.59
C THR A 105 -3.43 12.40 -18.12
N ASP A 106 -4.46 11.62 -18.48
CA ASP A 106 -5.84 11.91 -18.12
C ASP A 106 -6.42 10.79 -17.25
N ASP A 107 -7.57 11.07 -16.64
CA ASP A 107 -8.32 10.07 -15.89
C ASP A 107 -8.94 9.06 -16.85
N VAL A 108 -8.76 7.77 -16.56
CA VAL A 108 -9.37 6.72 -17.37
C VAL A 108 -10.74 6.40 -16.78
N THR A 109 -11.79 6.76 -17.51
CA THR A 109 -13.15 6.65 -16.99
C THR A 109 -13.73 5.25 -17.14
N PHE A 110 -13.27 4.49 -18.13
CA PHE A 110 -13.80 3.15 -18.37
C PHE A 110 -12.68 2.29 -18.91
N TRP A 111 -12.68 1.00 -18.55
CA TRP A 111 -11.69 0.10 -19.15
C TRP A 111 -12.24 -1.32 -19.22
N LYS A 112 -11.70 -2.07 -20.19
CA LYS A 112 -12.22 -3.40 -20.47
C LYS A 112 -11.16 -4.21 -21.19
N TRP A 113 -11.00 -5.48 -20.79
CA TRP A 113 -10.18 -6.40 -21.56
C TRP A 113 -10.87 -6.71 -22.88
N ILE A 114 -10.14 -6.49 -23.99
CA ILE A 114 -10.67 -6.78 -25.32
C ILE A 114 -10.06 -8.02 -25.94
N SER A 115 -9.03 -8.60 -25.34
CA SER A 115 -8.39 -9.81 -25.84
C SER A 115 -7.79 -10.55 -24.65
N LEU A 116 -6.88 -11.49 -24.94
CA LEU A 116 -6.19 -12.21 -23.87
C LEU A 116 -5.13 -11.34 -23.20
N ASN A 117 -4.58 -10.36 -23.91
CA ASN A 117 -3.45 -9.61 -23.37
C ASN A 117 -3.57 -8.11 -23.60
N THR A 118 -4.77 -7.57 -23.78
CA THR A 118 -4.92 -6.15 -24.09
C THR A 118 -6.08 -5.58 -23.28
N VAL A 119 -5.79 -4.58 -22.45
CA VAL A 119 -6.84 -3.77 -21.85
C VAL A 119 -7.04 -2.51 -22.68
N ALA A 120 -8.28 -2.15 -22.93
CA ALA A 120 -8.61 -0.92 -23.60
C ALA A 120 -9.08 0.10 -22.59
N LEU A 121 -8.70 1.35 -22.84
CA LEU A 121 -8.69 2.43 -21.85
C LEU A 121 -9.45 3.59 -22.42
N VAL A 122 -10.43 4.08 -21.69
CA VAL A 122 -11.28 5.15 -22.16
C VAL A 122 -11.19 6.29 -21.16
N THR A 123 -10.62 7.41 -21.63
CA THR A 123 -10.61 8.67 -20.92
C THR A 123 -11.79 9.51 -21.40
N ASP A 124 -11.76 10.80 -21.10
CA ASP A 124 -12.83 11.70 -21.50
C ASP A 124 -12.72 12.12 -22.97
N ASN A 125 -11.58 11.89 -23.63
CA ASN A 125 -11.42 12.32 -25.01
C ASN A 125 -10.84 11.28 -25.96
N ALA A 126 -10.28 10.17 -25.47
CA ALA A 126 -9.59 9.24 -26.35
C ALA A 126 -9.80 7.80 -25.89
N VAL A 127 -9.47 6.87 -26.79
CA VAL A 127 -9.51 5.44 -26.49
C VAL A 127 -8.14 4.85 -26.82
N TYR A 128 -7.58 4.11 -25.85
CA TYR A 128 -6.25 3.54 -25.92
C TYR A 128 -6.32 2.02 -25.87
N HIS A 129 -5.32 1.39 -26.48
CA HIS A 129 -5.13 -0.07 -26.40
C HIS A 129 -3.78 -0.34 -25.75
N TRP A 130 -3.79 -0.97 -24.59
CA TRP A 130 -2.60 -1.29 -23.80
C TRP A 130 -2.42 -2.79 -23.84
N SER A 131 -1.41 -3.24 -24.57
CA SER A 131 -1.10 -4.66 -24.58
C SER A 131 -0.05 -4.96 -23.52
N MET A 132 -0.12 -6.19 -22.99
CA MET A 132 0.65 -6.59 -21.81
C MET A 132 2.04 -7.11 -22.13
N GLU A 133 2.49 -7.00 -23.38
CA GLU A 133 3.74 -7.62 -23.81
C GLU A 133 4.91 -6.70 -23.52
N GLY A 134 5.67 -7.02 -22.46
CA GLY A 134 6.90 -6.30 -22.19
C GLY A 134 6.65 -4.96 -21.54
N GLU A 135 7.34 -3.93 -22.04
CA GLU A 135 7.16 -2.55 -21.60
C GLU A 135 6.23 -1.77 -22.50
N SER A 136 5.22 -2.42 -23.06
CA SER A 136 4.30 -1.78 -23.99
C SER A 136 3.40 -0.82 -23.23
N GLN A 137 3.44 0.43 -23.60
CA GLN A 137 2.68 1.54 -23.05
C GLN A 137 1.45 1.77 -23.92
N PRO A 138 0.37 2.39 -23.40
CA PRO A 138 -0.87 2.52 -24.20
C PRO A 138 -0.73 3.39 -25.44
N VAL A 139 -1.07 2.82 -26.59
CA VAL A 139 -1.06 3.51 -27.86
C VAL A 139 -2.47 4.02 -28.13
N LYS A 140 -2.58 5.14 -28.84
CA LYS A 140 -3.89 5.76 -29.04
C LYS A 140 -4.54 5.20 -30.29
N MET A 141 -5.81 4.83 -30.18
CA MET A 141 -6.58 4.32 -31.31
C MET A 141 -7.35 5.45 -32.00
N PHE A 142 -8.19 6.16 -31.25
CA PHE A 142 -8.98 7.23 -31.83
C PHE A 142 -9.38 8.22 -30.74
N ASP A 143 -9.84 9.39 -31.19
CA ASP A 143 -10.40 10.43 -30.34
C ASP A 143 -11.91 10.29 -30.28
N ARG A 144 -12.48 10.67 -29.13
CA ARG A 144 -13.89 10.47 -28.90
C ARG A 144 -14.73 11.54 -29.60
N HIS A 145 -15.96 11.17 -29.93
CA HIS A 145 -16.89 12.01 -30.69
C HIS A 145 -17.71 12.90 -29.75
N SER A 146 -18.26 13.98 -30.33
CA SER A 146 -19.12 14.93 -29.63
C SER A 146 -20.37 14.29 -29.04
N SER A 147 -20.92 13.26 -29.69
CA SER A 147 -22.19 12.67 -29.28
C SER A 147 -22.09 11.79 -28.04
N LEU A 148 -20.89 11.41 -27.62
CA LEU A 148 -20.69 10.59 -26.43
C LEU A 148 -20.18 11.39 -25.25
N ALA A 149 -20.05 12.71 -25.41
CA ALA A 149 -19.63 13.57 -24.31
C ALA A 149 -20.76 13.74 -23.31
N GLY A 150 -20.41 13.62 -22.02
CA GLY A 150 -21.42 13.71 -20.98
C GLY A 150 -22.29 12.48 -20.85
N CYS A 151 -21.79 11.31 -21.24
CA CYS A 151 -22.51 10.06 -21.17
C CYS A 151 -21.85 9.10 -20.19
N GLN A 152 -22.61 8.13 -19.70
CA GLN A 152 -22.07 7.01 -18.93
C GLN A 152 -21.60 5.93 -19.90
N ILE A 153 -20.29 5.71 -19.95
CA ILE A 153 -19.74 4.69 -20.83
C ILE A 153 -20.01 3.32 -20.23
N ILE A 154 -20.71 2.49 -21.00
CA ILE A 154 -21.08 1.16 -20.54
C ILE A 154 -20.34 0.04 -21.26
N ASN A 155 -19.87 0.27 -22.49
CA ASN A 155 -19.16 -0.82 -23.16
C ASN A 155 -18.12 -0.30 -24.15
N TYR A 156 -17.16 -1.17 -24.44
CA TYR A 156 -16.24 -0.99 -25.57
C TYR A 156 -15.95 -2.37 -26.13
N ARG A 157 -16.25 -2.57 -27.41
CA ARG A 157 -16.07 -3.87 -28.05
C ARG A 157 -15.32 -3.72 -29.37
N THR A 158 -14.47 -4.70 -29.67
CA THR A 158 -13.77 -4.77 -30.95
C THR A 158 -14.21 -6.03 -31.70
N ASP A 159 -13.80 -6.11 -32.96
CA ASP A 159 -13.88 -7.36 -33.70
C ASP A 159 -12.60 -8.16 -33.42
N ALA A 160 -12.49 -9.34 -34.07
CA ALA A 160 -11.42 -10.28 -33.73
C ALA A 160 -10.07 -9.82 -34.25
N LYS A 161 -10.03 -9.13 -35.39
CA LYS A 161 -8.80 -8.58 -35.93
C LYS A 161 -8.48 -7.20 -35.35
N GLN A 162 -9.38 -6.65 -34.52
CA GLN A 162 -9.23 -5.37 -33.81
C GLN A 162 -9.04 -4.20 -34.76
N LYS A 163 -9.71 -4.26 -35.91
CA LYS A 163 -9.69 -3.18 -36.88
C LYS A 163 -11.06 -2.51 -37.00
N TRP A 164 -12.00 -2.89 -36.15
CA TRP A 164 -13.32 -2.25 -36.06
C TRP A 164 -13.66 -2.11 -34.58
N LEU A 165 -13.67 -0.88 -34.09
CA LEU A 165 -13.82 -0.59 -32.67
C LEU A 165 -15.16 0.11 -32.44
N LEU A 166 -15.74 -0.11 -31.27
CA LEU A 166 -17.02 0.51 -30.98
C LEU A 166 -17.11 0.85 -29.50
N LEU A 167 -17.29 2.15 -29.21
CA LEU A 167 -17.50 2.64 -27.86
C LEU A 167 -18.98 2.94 -27.66
N THR A 168 -19.52 2.59 -26.50
CA THR A 168 -20.95 2.72 -26.24
C THR A 168 -21.17 3.40 -24.89
N GLY A 169 -21.81 4.59 -24.94
CA GLY A 169 -22.20 5.31 -23.75
C GLY A 169 -23.70 5.59 -23.76
N ILE A 170 -24.22 6.04 -22.61
CA ILE A 170 -25.65 6.31 -22.47
C ILE A 170 -25.87 7.63 -21.74
N SER A 171 -26.89 8.39 -22.17
CA SER A 171 -27.36 9.58 -21.48
C SER A 171 -28.83 9.44 -21.14
N ALA A 172 -29.30 10.30 -20.22
CA ALA A 172 -30.71 10.34 -19.84
C ALA A 172 -31.32 11.56 -20.52
N GLN A 173 -32.07 11.31 -21.60
CA GLN A 173 -32.75 12.36 -22.35
C GLN A 173 -34.25 12.11 -22.26
N GLN A 174 -34.90 12.78 -21.30
CA GLN A 174 -36.36 12.86 -21.14
C GLN A 174 -37.00 11.47 -20.97
N ASN A 175 -37.06 10.94 -19.72
CA ASN A 175 -37.63 9.64 -19.30
C ASN A 175 -36.92 8.44 -19.97
N ARG A 176 -35.81 8.65 -20.65
CA ARG A 176 -35.37 7.61 -21.54
C ARG A 176 -33.87 7.56 -21.71
N VAL A 177 -33.34 6.36 -21.52
CA VAL A 177 -31.92 6.10 -21.68
C VAL A 177 -31.62 6.03 -23.16
N VAL A 178 -30.82 6.99 -23.64
CA VAL A 178 -30.44 7.10 -25.04
C VAL A 178 -29.00 6.63 -25.16
N GLY A 179 -28.78 5.59 -25.96
CA GLY A 179 -27.44 5.11 -26.20
C GLY A 179 -26.81 5.80 -27.41
N ALA A 180 -25.54 6.17 -27.25
CA ALA A 180 -24.73 6.73 -28.31
C ALA A 180 -23.49 5.87 -28.49
N MET A 181 -23.22 5.47 -29.72
CA MET A 181 -22.12 4.60 -30.06
C MET A 181 -21.23 5.30 -31.07
N GLN A 182 -19.94 5.11 -30.92
CA GLN A 182 -18.95 5.58 -31.88
C GLN A 182 -18.31 4.35 -32.49
N LEU A 183 -18.56 4.12 -33.78
CA LEU A 183 -17.89 3.05 -34.52
C LEU A 183 -16.71 3.67 -35.25
N TYR A 184 -15.52 3.15 -34.99
CA TYR A 184 -14.29 3.65 -35.59
C TYR A 184 -13.62 2.53 -36.37
N SER A 185 -13.09 2.85 -37.55
CA SER A 185 -12.24 1.91 -38.27
C SER A 185 -10.82 2.43 -38.22
N VAL A 186 -9.86 1.56 -37.87
CA VAL A 186 -8.47 2.01 -37.80
C VAL A 186 -7.80 2.01 -39.17
N ASP A 187 -8.42 1.39 -40.18
CA ASP A 187 -7.85 1.37 -41.51
C ASP A 187 -8.21 2.60 -42.33
N ARG A 188 -9.44 3.10 -42.20
CA ARG A 188 -9.84 4.32 -42.88
C ARG A 188 -9.72 5.56 -42.00
N LYS A 189 -9.47 5.36 -40.69
CA LYS A 189 -9.25 6.42 -39.68
C LYS A 189 -10.44 7.36 -39.58
N VAL A 190 -11.65 6.79 -39.59
CA VAL A 190 -12.91 7.51 -39.68
C VAL A 190 -13.88 6.85 -38.69
N SER A 191 -14.64 7.67 -37.95
CA SER A 191 -15.69 7.20 -37.07
C SER A 191 -17.07 7.68 -37.54
N GLN A 192 -18.09 7.01 -37.01
CA GLN A 192 -19.48 7.28 -37.30
C GLN A 192 -20.28 7.22 -35.99
N PRO A 193 -21.09 8.24 -35.71
CA PRO A 193 -22.01 8.16 -34.56
C PRO A 193 -23.29 7.41 -34.92
N ILE A 194 -23.62 6.42 -34.09
CA ILE A 194 -24.77 5.55 -34.28
C ILE A 194 -25.58 5.55 -32.98
N GLU A 195 -26.89 5.75 -33.07
CA GLU A 195 -27.74 5.50 -31.92
C GLU A 195 -27.84 4.00 -31.68
N GLY A 196 -27.31 3.53 -30.56
CA GLY A 196 -27.26 2.10 -30.29
C GLY A 196 -27.14 1.80 -28.81
N HIS A 197 -27.77 0.72 -28.38
CA HIS A 197 -27.83 0.33 -26.98
C HIS A 197 -26.93 -0.84 -26.64
N ALA A 198 -26.98 -1.93 -27.40
CA ALA A 198 -26.13 -3.07 -27.14
C ALA A 198 -25.61 -3.63 -28.46
N ALA A 199 -24.41 -4.21 -28.43
CA ALA A 199 -23.78 -4.64 -29.67
C ALA A 199 -22.82 -5.79 -29.42
N SER A 200 -22.37 -6.40 -30.52
CA SER A 200 -21.26 -7.34 -30.59
C SER A 200 -20.84 -7.49 -32.06
N PHE A 201 -19.60 -7.93 -32.25
CA PHE A 201 -19.09 -8.31 -33.56
C PHE A 201 -19.08 -9.83 -33.68
N ALA A 202 -18.99 -10.30 -34.92
CA ALA A 202 -19.05 -11.73 -35.19
C ALA A 202 -18.31 -12.05 -36.48
N GLN A 203 -17.73 -13.26 -36.53
CA GLN A 203 -17.20 -13.81 -37.77
C GLN A 203 -18.20 -14.82 -38.31
N PHE A 204 -18.54 -14.70 -39.60
CA PHE A 204 -19.59 -15.53 -40.17
C PHE A 204 -19.26 -15.88 -41.61
N LYS A 205 -18.96 -17.14 -41.87
CA LYS A 205 -18.74 -17.62 -43.23
C LYS A 205 -20.08 -17.98 -43.86
N MET A 206 -20.44 -17.28 -44.93
CA MET A 206 -21.69 -17.54 -45.63
C MET A 206 -21.59 -18.82 -46.45
N GLU A 207 -22.74 -19.25 -46.95
CA GLU A 207 -22.81 -20.42 -47.79
C GLU A 207 -22.57 -20.03 -49.25
N GLY A 208 -21.86 -20.88 -49.99
CA GLY A 208 -21.39 -20.52 -51.30
C GLY A 208 -20.19 -19.61 -51.25
N ASN A 209 -19.45 -19.62 -50.15
CA ASN A 209 -18.46 -18.59 -49.92
C ASN A 209 -17.17 -19.07 -49.27
N ALA A 210 -16.07 -18.43 -49.68
CA ALA A 210 -14.73 -18.93 -49.40
C ALA A 210 -14.25 -18.55 -48.00
N GLU A 211 -14.53 -17.33 -47.55
CA GLU A 211 -14.01 -16.87 -46.27
C GLU A 211 -15.07 -16.11 -45.50
N GLU A 212 -14.75 -15.85 -44.23
CA GLU A 212 -15.71 -15.26 -43.30
C GLU A 212 -15.96 -13.79 -43.58
N SER A 213 -17.22 -13.40 -43.46
CA SER A 213 -17.62 -12.02 -43.26
C SER A 213 -17.29 -11.58 -41.84
N THR A 214 -16.95 -10.30 -41.68
CA THR A 214 -16.88 -9.67 -40.37
C THR A 214 -18.17 -8.86 -40.20
N LEU A 215 -19.04 -9.31 -39.31
CA LEU A 215 -20.35 -8.74 -39.10
C LEU A 215 -20.39 -7.91 -37.83
N PHE A 216 -21.13 -6.81 -37.89
CA PHE A 216 -21.40 -5.91 -36.79
C PHE A 216 -22.89 -6.00 -36.50
N CYS A 217 -23.24 -6.37 -35.27
CA CYS A 217 -24.63 -6.56 -34.89
C CYS A 217 -24.92 -5.66 -33.70
N PHE A 218 -25.96 -4.83 -33.83
CA PHE A 218 -26.36 -3.99 -32.70
C PHE A 218 -27.87 -3.88 -32.63
N ALA A 219 -28.35 -3.79 -31.40
CA ALA A 219 -29.74 -3.50 -31.09
C ALA A 219 -29.87 -2.14 -30.44
N VAL A 220 -30.93 -1.44 -30.79
CA VAL A 220 -31.26 -0.15 -30.20
C VAL A 220 -32.75 -0.17 -29.90
N ARG A 221 -33.14 0.41 -28.77
CA ARG A 221 -34.48 0.98 -28.68
C ARG A 221 -34.24 2.42 -29.05
N GLY A 222 -34.33 2.71 -30.35
CA GLY A 222 -34.18 4.07 -30.87
C GLY A 222 -35.52 4.77 -30.79
N GLN A 223 -36.02 5.41 -31.86
CA GLN A 223 -37.28 6.03 -31.59
C GLN A 223 -38.46 5.46 -32.28
N ALA A 224 -38.27 4.93 -33.45
CA ALA A 224 -39.32 4.19 -34.10
C ALA A 224 -39.71 2.98 -33.27
N GLY A 225 -38.72 2.33 -32.65
CA GLY A 225 -38.99 1.33 -31.65
C GLY A 225 -37.72 0.58 -31.33
N GLY A 226 -37.87 -0.68 -30.95
CA GLY A 226 -36.73 -1.57 -30.90
C GLY A 226 -36.41 -2.05 -32.30
N LYS A 227 -35.15 -1.90 -32.71
CA LYS A 227 -34.68 -2.41 -33.99
C LYS A 227 -33.32 -3.10 -33.79
N LEU A 228 -33.12 -4.19 -34.52
CA LEU A 228 -31.85 -4.92 -34.55
C LEU A 228 -31.30 -4.88 -35.96
N HIS A 229 -30.00 -4.58 -36.09
CA HIS A 229 -29.31 -4.49 -37.36
C HIS A 229 -28.10 -5.41 -37.36
N ILE A 230 -27.96 -6.17 -38.46
CA ILE A 230 -26.79 -7.00 -38.73
C ILE A 230 -26.22 -6.53 -40.07
N ILE A 231 -24.93 -6.15 -40.07
CA ILE A 231 -24.33 -5.53 -41.26
C ILE A 231 -22.87 -5.96 -41.35
N GLU A 232 -22.38 -6.17 -42.57
CA GLU A 232 -20.95 -6.38 -42.78
C GLU A 232 -20.19 -5.06 -42.70
N VAL A 233 -19.05 -5.07 -42.00
CA VAL A 233 -18.14 -3.93 -41.97
C VAL A 233 -16.97 -4.21 -42.91
N GLY A 234 -16.49 -3.17 -43.57
CA GLY A 234 -15.34 -3.27 -44.44
C GLY A 234 -15.70 -3.80 -45.82
N THR A 235 -14.70 -3.74 -46.70
CA THR A 235 -14.82 -4.42 -47.97
C THR A 235 -14.82 -5.93 -47.74
N PRO A 236 -15.68 -6.67 -48.43
CA PRO A 236 -15.58 -8.14 -48.38
C PRO A 236 -14.31 -8.58 -49.10
N PRO A 237 -13.79 -9.77 -48.77
CA PRO A 237 -12.63 -10.29 -49.51
C PRO A 237 -13.00 -10.67 -50.94
N THR A 238 -12.01 -10.97 -51.74
CA THR A 238 -12.31 -11.23 -53.14
C THR A 238 -12.62 -12.71 -53.32
N GLY A 239 -13.71 -12.98 -54.03
CA GLY A 239 -14.36 -14.27 -54.02
C GLY A 239 -15.47 -14.39 -53.01
N ASN A 240 -15.84 -13.29 -52.36
CA ASN A 240 -16.80 -13.26 -51.25
C ASN A 240 -17.97 -12.39 -51.64
N GLN A 241 -19.16 -13.00 -51.77
CA GLN A 241 -20.32 -12.15 -51.99
C GLN A 241 -20.70 -11.46 -50.68
N PRO A 242 -21.08 -10.17 -50.74
CA PRO A 242 -21.27 -9.40 -49.51
C PRO A 242 -22.51 -9.81 -48.75
N PHE A 243 -22.45 -9.62 -47.44
CA PHE A 243 -23.54 -10.02 -46.55
C PHE A 243 -24.72 -9.08 -46.74
N PRO A 244 -25.91 -9.60 -47.04
CA PRO A 244 -27.08 -8.73 -47.21
C PRO A 244 -27.53 -8.14 -45.87
N LYS A 245 -27.89 -6.86 -45.92
CA LYS A 245 -28.12 -6.06 -44.74
C LYS A 245 -29.42 -6.47 -44.06
N LYS A 246 -29.35 -6.74 -42.76
CA LYS A 246 -30.50 -7.23 -42.00
C LYS A 246 -30.97 -6.17 -41.02
N ALA A 247 -32.28 -5.90 -41.04
CA ALA A 247 -32.89 -4.91 -40.16
C ALA A 247 -34.28 -5.42 -39.78
N VAL A 248 -34.42 -5.91 -38.54
CA VAL A 248 -35.69 -6.44 -38.07
C VAL A 248 -36.09 -5.69 -36.80
N ASP A 249 -37.32 -5.96 -36.36
CA ASP A 249 -37.87 -5.32 -35.18
C ASP A 249 -37.49 -6.10 -33.92
N VAL A 250 -37.29 -5.35 -32.83
CA VAL A 250 -37.15 -5.88 -31.48
C VAL A 250 -38.42 -5.53 -30.74
N PHE A 251 -39.19 -6.54 -30.36
CA PHE A 251 -40.48 -6.32 -29.72
C PHE A 251 -40.29 -6.04 -28.24
N PHE A 252 -40.97 -5.01 -27.74
CA PHE A 252 -41.09 -4.76 -26.33
C PHE A 252 -42.56 -4.83 -25.94
N PRO A 253 -42.91 -5.52 -24.86
CA PRO A 253 -44.33 -5.65 -24.47
C PRO A 253 -44.84 -4.34 -23.88
N PRO A 254 -46.17 -4.12 -23.87
CA PRO A 254 -46.71 -2.88 -23.30
C PRO A 254 -46.55 -2.75 -21.79
N GLU A 255 -46.36 -3.87 -21.07
CA GLU A 255 -46.03 -3.79 -19.65
C GLU A 255 -44.62 -3.25 -19.45
N ALA A 256 -43.70 -3.56 -20.37
CA ALA A 256 -42.32 -3.14 -20.27
C ALA A 256 -41.97 -2.10 -21.33
N GLN A 257 -42.73 -1.00 -21.39
CA GLN A 257 -42.47 0.05 -22.35
C GLN A 257 -41.60 1.17 -21.78
N ASN A 258 -40.73 0.84 -20.82
CA ASN A 258 -39.58 1.67 -20.47
C ASN A 258 -38.30 0.85 -20.51
N ASP A 259 -38.37 -0.38 -21.02
CA ASP A 259 -37.23 -1.27 -21.22
C ASP A 259 -36.38 -0.77 -22.39
N PHE A 260 -35.16 -1.33 -22.49
CA PHE A 260 -34.19 -1.08 -23.57
C PHE A 260 -33.12 -2.17 -23.49
N PRO A 261 -32.46 -2.55 -24.59
CA PRO A 261 -31.42 -3.59 -24.52
C PRO A 261 -30.17 -3.10 -23.81
N VAL A 262 -29.54 -3.98 -23.03
CA VAL A 262 -28.34 -3.63 -22.30
C VAL A 262 -27.15 -4.52 -22.65
N ALA A 263 -27.35 -5.69 -23.24
CA ALA A 263 -26.27 -6.66 -23.37
C ALA A 263 -26.49 -7.52 -24.60
N MET A 264 -25.38 -7.96 -25.19
CA MET A 264 -25.44 -8.81 -26.37
C MET A 264 -24.22 -9.71 -26.43
N GLN A 265 -24.44 -11.01 -26.60
CA GLN A 265 -23.39 -11.94 -26.96
C GLN A 265 -23.83 -12.73 -28.19
N ILE A 266 -22.84 -13.07 -29.02
CA ILE A 266 -23.09 -13.81 -30.25
C ILE A 266 -22.35 -15.14 -30.16
N SER A 267 -23.10 -16.23 -30.19
CA SER A 267 -22.51 -17.54 -30.36
C SER A 267 -22.09 -17.72 -31.81
N GLU A 268 -20.89 -18.25 -32.02
CA GLU A 268 -20.43 -18.60 -33.36
C GLU A 268 -20.47 -20.10 -33.61
N LYS A 269 -20.70 -20.90 -32.58
CA LYS A 269 -20.97 -22.32 -32.76
C LYS A 269 -22.35 -22.54 -33.38
N HIS A 270 -23.31 -21.66 -33.09
CA HIS A 270 -24.67 -21.81 -33.57
C HIS A 270 -25.13 -20.67 -34.47
N ASP A 271 -24.34 -19.60 -34.60
CA ASP A 271 -24.64 -18.37 -35.35
C ASP A 271 -25.96 -17.75 -34.90
N VAL A 272 -26.02 -17.45 -33.61
CA VAL A 272 -27.20 -16.84 -33.01
C VAL A 272 -26.78 -15.61 -32.21
N VAL A 273 -27.75 -14.74 -31.96
CA VAL A 273 -27.55 -13.50 -31.21
C VAL A 273 -28.40 -13.59 -29.95
N PHE A 274 -27.74 -13.58 -28.79
CA PHE A 274 -28.40 -13.44 -27.51
C PHE A 274 -28.53 -11.95 -27.18
N LEU A 275 -29.71 -11.54 -26.72
CA LEU A 275 -29.96 -10.15 -26.38
C LEU A 275 -30.69 -10.09 -25.05
N ILE A 276 -30.13 -9.35 -24.08
CA ILE A 276 -30.78 -9.16 -22.79
C ILE A 276 -31.12 -7.68 -22.63
N THR A 277 -32.33 -7.41 -22.18
CA THR A 277 -32.79 -6.06 -21.95
C THR A 277 -32.59 -5.67 -20.47
N LYS A 278 -33.01 -4.45 -20.13
CA LYS A 278 -32.80 -3.91 -18.79
C LYS A 278 -33.73 -4.57 -17.77
N TYR A 279 -34.95 -4.91 -18.17
CA TYR A 279 -35.92 -5.50 -17.26
C TYR A 279 -35.76 -7.02 -17.15
N GLY A 280 -34.76 -7.59 -17.79
CA GLY A 280 -34.44 -8.99 -17.65
C GLY A 280 -35.00 -9.91 -18.70
N TYR A 281 -35.17 -9.45 -19.93
CA TYR A 281 -35.71 -10.27 -21.01
C TYR A 281 -34.56 -10.79 -21.87
N ILE A 282 -34.59 -12.10 -22.16
CA ILE A 282 -33.72 -12.73 -23.15
C ILE A 282 -34.48 -12.84 -24.48
N HIS A 283 -33.77 -12.52 -25.55
CA HIS A 283 -34.18 -12.62 -26.94
C HIS A 283 -33.12 -13.45 -27.66
N LEU A 284 -33.56 -14.35 -28.53
CA LEU A 284 -32.66 -15.14 -29.35
C LEU A 284 -33.03 -14.93 -30.81
N TYR A 285 -32.04 -14.45 -31.58
CA TYR A 285 -32.13 -14.18 -33.02
C TYR A 285 -31.17 -15.06 -33.78
N ASP A 286 -31.42 -15.18 -35.09
CA ASP A 286 -30.48 -15.82 -36.01
C ASP A 286 -29.52 -14.78 -36.56
N LEU A 287 -28.23 -15.12 -36.64
CA LEU A 287 -27.23 -14.14 -37.06
C LEU A 287 -27.28 -13.90 -38.57
N GLU A 288 -27.66 -14.92 -39.34
CA GLU A 288 -27.69 -14.77 -40.79
C GLU A 288 -28.91 -13.98 -41.27
N THR A 289 -30.08 -14.24 -40.68
CA THR A 289 -31.32 -13.69 -41.18
C THR A 289 -31.94 -12.61 -40.29
N GLY A 290 -31.58 -12.55 -39.02
CA GLY A 290 -32.24 -11.65 -38.10
C GLY A 290 -33.52 -12.19 -37.51
N THR A 291 -33.91 -13.42 -37.84
CA THR A 291 -35.23 -13.95 -37.47
C THR A 291 -35.28 -14.25 -35.97
N CYS A 292 -36.32 -13.72 -35.32
CA CYS A 292 -36.49 -13.89 -33.89
C CYS A 292 -36.90 -15.33 -33.58
N ILE A 293 -36.06 -16.02 -32.82
CA ILE A 293 -36.33 -17.40 -32.44
C ILE A 293 -37.08 -17.46 -31.12
N TYR A 294 -36.62 -16.72 -30.10
CA TYR A 294 -37.30 -16.85 -28.81
C TYR A 294 -37.25 -15.53 -28.05
N MET A 295 -38.26 -15.31 -27.19
CA MET A 295 -38.44 -14.06 -26.44
C MET A 295 -39.17 -14.33 -25.12
N ASN A 296 -38.50 -14.21 -23.97
CA ASN A 296 -39.13 -14.35 -22.65
C ASN A 296 -38.17 -13.76 -21.63
N ARG A 297 -38.56 -13.74 -20.33
CA ARG A 297 -37.93 -12.89 -19.30
C ARG A 297 -37.10 -13.66 -18.25
N ILE A 298 -35.76 -13.55 -18.32
CA ILE A 298 -34.89 -14.39 -17.47
C ILE A 298 -34.81 -13.97 -16.00
N SER A 299 -35.04 -12.70 -15.67
CA SER A 299 -34.77 -12.27 -14.31
C SER A 299 -35.74 -11.20 -13.88
N GLY A 300 -36.13 -11.25 -12.61
CA GLY A 300 -36.93 -10.18 -12.04
C GLY A 300 -36.14 -8.90 -11.82
N GLU A 301 -34.83 -9.02 -11.68
CA GLU A 301 -33.97 -7.86 -11.45
C GLU A 301 -33.05 -7.62 -12.64
N THR A 302 -32.37 -6.48 -12.59
CA THR A 302 -31.59 -5.95 -13.70
C THR A 302 -30.30 -6.73 -13.87
N ILE A 303 -30.10 -7.31 -15.05
CA ILE A 303 -28.85 -7.96 -15.38
C ILE A 303 -27.92 -6.90 -15.98
N PHE A 304 -26.85 -6.61 -15.25
CA PHE A 304 -25.99 -5.47 -15.52
C PHE A 304 -24.68 -5.86 -16.19
N VAL A 305 -24.26 -7.12 -16.07
CA VAL A 305 -23.01 -7.57 -16.66
C VAL A 305 -23.22 -8.95 -17.29
N THR A 306 -22.63 -9.12 -18.49
CA THR A 306 -22.65 -10.37 -19.23
C THR A 306 -21.25 -10.69 -19.75
N ALA A 307 -21.11 -11.93 -20.20
CA ALA A 307 -19.87 -12.46 -20.75
C ALA A 307 -20.23 -13.64 -21.64
N PRO A 308 -19.37 -14.00 -22.59
CA PRO A 308 -19.57 -15.27 -23.30
C PRO A 308 -19.37 -16.45 -22.37
N HIS A 309 -20.21 -17.47 -22.55
CA HIS A 309 -20.10 -18.73 -21.81
C HIS A 309 -19.45 -19.74 -22.74
N GLU A 310 -18.21 -20.12 -22.43
CA GLU A 310 -17.37 -20.87 -23.36
C GLU A 310 -17.71 -22.35 -23.42
N ALA A 311 -18.27 -22.92 -22.35
CA ALA A 311 -18.50 -24.35 -22.32
C ALA A 311 -19.79 -24.73 -23.04
N THR A 312 -20.75 -23.83 -23.08
CA THR A 312 -22.06 -24.10 -23.65
C THR A 312 -22.35 -23.31 -24.91
N ALA A 313 -21.39 -22.46 -25.34
CA ALA A 313 -21.52 -21.45 -26.40
C ALA A 313 -22.74 -20.55 -26.16
N GLY A 314 -22.77 -19.95 -24.98
CA GLY A 314 -23.94 -19.20 -24.56
C GLY A 314 -23.56 -17.85 -23.98
N ILE A 315 -24.44 -17.35 -23.11
CA ILE A 315 -24.25 -16.07 -22.45
C ILE A 315 -24.39 -16.28 -20.94
N ILE A 316 -23.49 -15.68 -20.17
CA ILE A 316 -23.56 -15.75 -18.71
C ILE A 316 -23.70 -14.32 -18.17
N GLY A 317 -24.57 -14.13 -17.19
CA GLY A 317 -24.86 -12.81 -16.69
C GLY A 317 -25.13 -12.82 -15.20
N VAL A 318 -24.99 -11.64 -14.60
CA VAL A 318 -25.25 -11.46 -13.16
C VAL A 318 -26.37 -10.45 -13.00
N ASN A 319 -27.38 -10.77 -12.18
CA ASN A 319 -28.39 -9.75 -11.90
C ASN A 319 -28.04 -8.95 -10.64
N ARG A 320 -28.88 -7.97 -10.32
CA ARG A 320 -28.64 -7.07 -9.19
C ARG A 320 -28.82 -7.77 -7.85
N LYS A 321 -29.65 -8.81 -7.80
CA LYS A 321 -29.79 -9.59 -6.57
C LYS A 321 -28.53 -10.41 -6.30
N GLY A 322 -27.90 -10.92 -7.36
CA GLY A 322 -26.66 -11.64 -7.21
C GLY A 322 -26.68 -13.02 -7.83
N GLN A 323 -27.73 -13.33 -8.57
CA GLN A 323 -27.81 -14.62 -9.26
C GLN A 323 -26.94 -14.58 -10.50
N VAL A 324 -26.05 -15.56 -10.60
CA VAL A 324 -25.22 -15.80 -11.78
C VAL A 324 -25.94 -16.86 -12.60
N LEU A 325 -26.36 -16.47 -13.79
CA LEU A 325 -27.24 -17.28 -14.60
C LEU A 325 -26.63 -17.43 -15.98
N SER A 326 -27.03 -18.48 -16.70
CA SER A 326 -26.53 -18.68 -18.05
C SER A 326 -27.63 -19.22 -18.94
N VAL A 327 -27.63 -18.73 -20.18
CA VAL A 327 -28.60 -19.13 -21.20
C VAL A 327 -27.82 -19.57 -22.42
N CYS A 328 -28.12 -20.78 -22.90
CA CYS A 328 -27.44 -21.26 -24.10
C CYS A 328 -28.44 -21.93 -25.02
N VAL A 329 -27.98 -22.24 -26.23
CA VAL A 329 -28.79 -22.95 -27.21
C VAL A 329 -28.95 -24.39 -26.77
N GLU A 330 -30.19 -24.82 -26.56
CA GLU A 330 -30.49 -26.22 -26.30
C GLU A 330 -30.42 -26.96 -27.63
N GLU A 331 -29.37 -27.78 -27.80
CA GLU A 331 -28.93 -28.20 -29.12
C GLU A 331 -29.81 -29.28 -29.74
N GLU A 332 -30.43 -30.13 -28.93
CA GLU A 332 -31.28 -31.19 -29.45
C GLU A 332 -32.73 -30.78 -29.56
N ASN A 333 -33.04 -29.52 -29.27
CA ASN A 333 -34.42 -29.04 -29.19
C ASN A 333 -34.74 -27.85 -30.08
N ILE A 334 -33.73 -27.13 -30.58
CA ILE A 334 -33.97 -25.82 -31.20
C ILE A 334 -34.58 -26.00 -32.60
N ILE A 335 -34.09 -26.97 -33.37
CA ILE A 335 -34.62 -27.27 -34.70
C ILE A 335 -36.06 -27.82 -34.63
N PRO A 336 -36.45 -28.77 -33.73
CA PRO A 336 -37.89 -29.06 -33.57
C PRO A 336 -38.71 -27.92 -32.97
N TYR A 337 -38.09 -26.94 -32.32
CA TYR A 337 -38.84 -25.77 -31.90
C TYR A 337 -39.15 -24.86 -33.08
N ILE A 338 -38.19 -24.72 -34.01
CA ILE A 338 -38.37 -23.78 -35.12
C ILE A 338 -39.35 -24.34 -36.15
N THR A 339 -39.32 -25.65 -36.41
CA THR A 339 -40.21 -26.15 -37.46
C THR A 339 -41.66 -26.31 -37.01
N ASN A 340 -41.93 -26.56 -35.73
CA ASN A 340 -43.30 -26.83 -35.29
C ASN A 340 -43.91 -25.78 -34.37
N VAL A 341 -43.17 -25.22 -33.41
CA VAL A 341 -43.73 -24.18 -32.56
C VAL A 341 -43.66 -22.82 -33.25
N LEU A 342 -42.51 -22.50 -33.83
CA LEU A 342 -42.34 -21.27 -34.60
C LEU A 342 -42.97 -21.35 -35.98
N GLN A 343 -43.32 -22.58 -36.43
CA GLN A 343 -43.94 -22.88 -37.73
C GLN A 343 -43.08 -22.39 -38.90
N ASN A 344 -41.78 -22.61 -38.78
CA ASN A 344 -40.80 -22.13 -39.77
C ASN A 344 -39.95 -23.31 -40.20
N PRO A 345 -40.35 -24.04 -41.25
CA PRO A 345 -39.52 -25.17 -41.70
C PRO A 345 -38.25 -24.75 -42.42
N ASP A 346 -38.25 -23.55 -43.03
CA ASP A 346 -37.10 -23.10 -43.82
C ASP A 346 -35.92 -22.73 -42.92
N LEU A 347 -36.17 -21.98 -41.84
CA LEU A 347 -35.12 -21.60 -40.91
C LEU A 347 -34.62 -22.80 -40.10
N ALA A 348 -35.52 -23.74 -39.77
CA ALA A 348 -35.13 -24.97 -39.08
C ALA A 348 -34.22 -25.84 -39.95
N LEU A 349 -34.53 -25.92 -41.27
CA LEU A 349 -33.65 -26.60 -42.21
C LEU A 349 -32.29 -25.92 -42.32
N ARG A 350 -32.27 -24.58 -42.40
CA ARG A 350 -31.02 -23.83 -42.56
C ARG A 350 -30.12 -23.92 -41.32
N MET A 351 -30.68 -23.82 -40.13
CA MET A 351 -29.84 -23.93 -38.95
C MET A 351 -29.47 -25.38 -38.63
N ALA A 352 -30.23 -26.36 -39.15
CA ALA A 352 -29.75 -27.72 -39.02
C ALA A 352 -28.62 -28.05 -39.99
N VAL A 353 -28.59 -27.45 -41.19
CA VAL A 353 -27.45 -27.77 -42.06
C VAL A 353 -26.22 -26.96 -41.68
N ARG A 354 -26.43 -25.72 -41.21
CA ARG A 354 -25.31 -24.79 -41.07
C ARG A 354 -24.48 -25.09 -39.83
N ASN A 355 -25.11 -25.49 -38.73
CA ASN A 355 -24.42 -25.61 -37.45
C ASN A 355 -24.39 -27.03 -36.90
N ASN A 356 -24.75 -28.04 -37.73
CA ASN A 356 -24.75 -29.48 -37.41
C ASN A 356 -25.63 -29.80 -36.20
N LEU A 357 -26.91 -29.47 -36.34
CA LEU A 357 -27.87 -29.65 -35.27
C LEU A 357 -28.85 -30.76 -35.61
N ALA A 358 -29.28 -31.49 -34.59
CA ALA A 358 -30.17 -32.63 -34.78
C ALA A 358 -31.61 -32.16 -34.98
N GLY A 359 -32.39 -33.00 -35.64
CA GLY A 359 -33.75 -32.68 -35.99
C GLY A 359 -34.00 -32.46 -37.47
N ALA A 360 -33.04 -32.78 -38.33
CA ALA A 360 -33.16 -32.60 -39.78
C ALA A 360 -33.68 -33.83 -40.50
N GLU A 361 -34.34 -34.73 -39.78
CA GLU A 361 -34.98 -35.89 -40.38
C GLU A 361 -36.48 -35.70 -40.56
N GLU A 362 -37.02 -34.56 -40.11
CA GLU A 362 -38.42 -34.21 -40.32
C GLU A 362 -38.47 -33.20 -41.46
N LEU A 363 -38.56 -33.69 -42.68
CA LEU A 363 -38.65 -32.85 -43.86
C LEU A 363 -40.12 -32.56 -44.16
N ILE B 4 -34.92 7.74 2.89
CA ILE B 4 -33.64 7.90 2.21
C ILE B 4 -33.42 9.37 1.87
N LEU B 5 -32.34 9.94 2.42
CA LEU B 5 -31.96 11.33 2.32
C LEU B 5 -30.55 11.44 1.73
N PRO B 6 -30.26 12.46 0.91
CA PRO B 6 -28.96 12.48 0.21
C PRO B 6 -27.78 12.86 1.08
N ILE B 7 -28.02 13.48 2.25
CA ILE B 7 -26.94 13.93 3.12
C ILE B 7 -27.06 13.22 4.46
N ARG B 8 -25.94 13.21 5.19
CA ARG B 8 -25.84 12.53 6.48
C ARG B 8 -25.37 13.52 7.54
N PHE B 9 -26.05 13.51 8.68
CA PHE B 9 -25.75 14.31 9.85
C PHE B 9 -24.95 13.48 10.84
N GLN B 10 -24.04 14.15 11.56
CA GLN B 10 -23.36 13.51 12.67
C GLN B 10 -23.02 14.54 13.73
N GLU B 11 -23.36 14.24 14.99
CA GLU B 11 -22.91 15.05 16.11
C GLU B 11 -21.63 14.45 16.66
N HIS B 12 -20.58 15.27 16.77
CA HIS B 12 -19.30 14.84 17.33
C HIS B 12 -19.20 15.18 18.81
N LEU B 13 -19.26 16.47 19.13
CA LEU B 13 -19.04 16.94 20.48
C LEU B 13 -20.15 17.91 20.86
N GLN B 14 -20.59 17.83 22.10
CA GLN B 14 -21.26 18.98 22.71
C GLN B 14 -20.34 19.51 23.80
N LEU B 15 -19.97 20.79 23.66
CA LEU B 15 -18.82 21.34 24.34
C LEU B 15 -19.02 21.54 25.84
N GLN B 16 -20.28 21.69 26.28
CA GLN B 16 -20.59 21.86 27.70
C GLN B 16 -20.31 20.60 28.52
N ASN B 17 -20.22 19.43 27.88
CA ASN B 17 -19.78 18.20 28.54
C ASN B 17 -18.27 18.14 28.73
N LEU B 18 -17.51 19.12 28.24
CA LEU B 18 -16.08 19.22 28.54
C LEU B 18 -15.78 20.40 29.45
N GLY B 19 -16.78 20.94 30.13
CA GLY B 19 -16.57 22.07 31.01
C GLY B 19 -16.39 23.39 30.32
N ILE B 20 -17.13 23.63 29.23
CA ILE B 20 -17.09 24.88 28.49
C ILE B 20 -18.37 25.64 28.78
N ASN B 21 -18.23 26.86 29.31
CA ASN B 21 -19.37 27.70 29.61
C ASN B 21 -19.95 28.27 28.32
N PRO B 22 -21.29 28.27 28.17
CA PRO B 22 -21.90 28.68 26.89
C PRO B 22 -21.81 30.16 26.55
N ALA B 23 -21.30 31.03 27.43
CA ALA B 23 -20.99 32.39 27.00
C ALA B 23 -19.67 32.51 26.26
N ASN B 24 -18.85 31.46 26.28
CA ASN B 24 -17.60 31.40 25.53
C ASN B 24 -17.75 30.70 24.20
N ILE B 25 -18.95 30.25 23.85
CA ILE B 25 -19.21 29.58 22.57
C ILE B 25 -19.87 30.63 21.68
N GLY B 26 -19.03 31.43 21.03
CA GLY B 26 -19.47 32.47 20.11
C GLY B 26 -18.35 32.78 19.15
N PHE B 27 -18.60 33.75 18.28
CA PHE B 27 -17.70 34.03 17.15
C PHE B 27 -16.37 34.63 17.61
N SER B 28 -16.39 35.44 18.67
CA SER B 28 -15.19 36.15 19.08
C SER B 28 -14.26 35.33 19.96
N THR B 29 -14.78 34.31 20.65
CA THR B 29 -13.97 33.52 21.57
C THR B 29 -13.68 32.10 21.11
N LEU B 30 -14.46 31.57 20.16
CA LEU B 30 -14.27 30.22 19.64
C LEU B 30 -13.84 30.31 18.19
N THR B 31 -12.72 29.69 17.86
CA THR B 31 -12.23 29.61 16.50
C THR B 31 -12.05 28.15 16.10
N MET B 32 -12.21 27.87 14.80
CA MET B 32 -12.08 26.52 14.27
C MET B 32 -11.58 26.64 12.82
N GLU B 33 -10.25 26.71 12.68
CA GLU B 33 -9.64 26.93 11.37
C GLU B 33 -9.61 25.67 10.51
N SER B 34 -9.65 24.49 11.13
CA SER B 34 -9.82 23.23 10.43
C SER B 34 -10.54 22.27 11.36
N ASP B 35 -10.71 21.03 10.91
CA ASP B 35 -11.42 20.03 11.70
C ASP B 35 -10.51 19.31 12.69
N LYS B 36 -9.29 19.78 12.89
CA LYS B 36 -8.37 19.13 13.82
C LYS B 36 -8.39 19.77 15.21
N PHE B 37 -8.64 21.08 15.31
CA PHE B 37 -8.52 21.79 16.58
C PHE B 37 -9.62 22.82 16.75
N ILE B 38 -10.01 23.03 18.01
CA ILE B 38 -10.92 24.11 18.41
C ILE B 38 -10.27 24.88 19.56
N CYS B 39 -10.17 26.20 19.43
CA CYS B 39 -9.58 27.05 20.46
C CYS B 39 -10.65 27.93 21.08
N ILE B 40 -10.80 27.85 22.40
CA ILE B 40 -11.82 28.60 23.14
C ILE B 40 -11.13 29.49 24.17
N ARG B 41 -11.27 30.80 24.03
CA ARG B 41 -10.78 31.73 25.04
C ARG B 41 -11.79 31.82 26.18
N GLU B 42 -11.35 31.45 27.39
CA GLU B 42 -12.20 31.43 28.58
C GLU B 42 -11.58 32.28 29.67
N LYS B 43 -12.38 33.11 30.30
CA LYS B 43 -11.94 33.90 31.45
C LYS B 43 -12.59 33.33 32.70
N VAL B 44 -11.82 32.56 33.46
CA VAL B 44 -12.21 31.99 34.75
C VAL B 44 -11.66 32.89 35.84
N GLY B 45 -12.54 33.60 36.55
CA GLY B 45 -12.10 34.63 37.48
C GLY B 45 -11.52 35.82 36.74
N GLU B 46 -10.22 36.01 36.89
CA GLU B 46 -9.44 36.81 35.94
C GLU B 46 -8.32 35.99 35.31
N GLN B 47 -8.24 34.70 35.63
CA GLN B 47 -7.56 33.68 34.84
C GLN B 47 -8.01 33.72 33.39
N ALA B 48 -7.20 34.23 32.48
CA ALA B 48 -7.53 34.20 31.07
C ALA B 48 -6.78 33.04 30.44
N GLN B 49 -7.51 31.96 30.12
CA GLN B 49 -6.91 30.75 29.58
C GLN B 49 -7.49 30.44 28.21
N VAL B 50 -6.73 29.71 27.42
CA VAL B 50 -7.21 29.14 26.17
C VAL B 50 -7.40 27.64 26.41
N VAL B 51 -8.48 27.11 25.86
CA VAL B 51 -8.82 25.69 25.88
C VAL B 51 -8.60 25.18 24.47
N ILE B 52 -7.60 24.33 24.31
CA ILE B 52 -7.26 23.77 23.00
C ILE B 52 -7.78 22.33 22.97
N ILE B 53 -8.68 22.09 22.02
CA ILE B 53 -9.33 20.81 21.84
C ILE B 53 -8.74 20.16 20.60
N ASP B 54 -7.96 19.12 20.81
CA ASP B 54 -7.67 18.16 19.75
C ASP B 54 -8.95 17.43 19.41
N MET B 55 -9.29 17.39 18.12
CA MET B 55 -10.50 16.67 17.72
C MET B 55 -10.25 15.18 17.56
N ASN B 56 -9.00 14.74 17.50
CA ASN B 56 -8.64 13.34 17.54
C ASN B 56 -8.41 12.84 18.96
N ASP B 57 -8.34 13.74 19.94
CA ASP B 57 -8.31 13.38 21.36
C ASP B 57 -9.14 14.38 22.13
N PRO B 58 -10.48 14.28 22.05
CA PRO B 58 -11.33 15.29 22.69
C PRO B 58 -11.50 15.10 24.19
N SER B 59 -11.04 13.97 24.74
CA SER B 59 -11.18 13.71 26.17
C SER B 59 -10.23 14.57 27.00
N ASN B 60 -9.10 14.96 26.43
CA ASN B 60 -8.07 15.74 27.14
C ASN B 60 -7.81 17.05 26.42
N PRO B 61 -8.60 18.10 26.68
CA PRO B 61 -8.21 19.43 26.23
C PRO B 61 -7.07 19.96 27.08
N ILE B 62 -6.26 20.84 26.50
CA ILE B 62 -5.18 21.46 27.26
C ILE B 62 -5.53 22.92 27.50
N ARG B 63 -5.35 23.38 28.74
CA ARG B 63 -5.73 24.71 29.16
C ARG B 63 -4.48 25.48 29.56
N ARG B 64 -4.19 26.56 28.83
CA ARG B 64 -2.99 27.33 29.10
C ARG B 64 -3.36 28.79 29.32
N PRO B 65 -2.70 29.49 30.25
CA PRO B 65 -3.05 30.90 30.50
C PRO B 65 -2.59 31.81 29.37
N ILE B 66 -3.46 32.73 28.96
CA ILE B 66 -3.18 33.63 27.85
C ILE B 66 -3.44 35.07 28.27
N SER B 67 -3.00 35.98 27.41
CA SER B 67 -3.29 37.41 27.52
C SER B 67 -3.54 37.98 26.13
N ALA B 68 -4.31 37.26 25.32
CA ALA B 68 -4.55 37.57 23.93
C ALA B 68 -6.02 37.92 23.70
N ASP B 69 -6.28 38.65 22.61
CA ASP B 69 -7.67 38.90 22.22
C ASP B 69 -8.19 37.92 21.17
N SER B 70 -7.31 37.16 20.51
CA SER B 70 -7.72 36.05 19.66
C SER B 70 -6.57 35.06 19.52
N ALA B 71 -6.95 33.78 19.44
CA ALA B 71 -6.07 32.66 19.20
C ALA B 71 -6.63 31.83 18.06
N ILE B 72 -5.78 31.50 17.08
CA ILE B 72 -6.17 30.65 15.97
C ILE B 72 -5.10 29.58 15.77
N MET B 73 -5.53 28.34 15.57
CA MET B 73 -4.63 27.22 15.40
C MET B 73 -4.33 27.00 13.91
N ASN B 74 -3.10 26.57 13.63
CA ASN B 74 -2.69 26.13 12.30
C ASN B 74 -3.55 24.93 11.87
N PRO B 75 -3.95 24.86 10.59
CA PRO B 75 -4.91 23.82 10.17
C PRO B 75 -4.38 22.40 10.16
N ALA B 76 -3.07 22.17 10.09
CA ALA B 76 -2.54 20.81 10.11
C ALA B 76 -1.69 20.51 11.33
N SER B 77 -0.92 21.46 11.82
CA SER B 77 -0.02 21.25 12.95
C SER B 77 -0.59 21.91 14.19
N LYS B 78 -0.07 21.50 15.35
CA LYS B 78 -0.44 22.09 16.63
C LYS B 78 0.42 23.33 16.88
N VAL B 79 0.14 24.36 16.09
CA VAL B 79 0.88 25.61 16.09
C VAL B 79 -0.12 26.73 16.29
N ILE B 80 0.03 27.47 17.38
CA ILE B 80 -0.99 28.47 17.73
C ILE B 80 -0.47 29.86 17.34
N ALA B 81 -1.40 30.71 16.98
CA ALA B 81 -1.14 32.10 16.64
C ALA B 81 -2.01 32.95 17.56
N LEU B 82 -1.38 33.84 18.31
CA LEU B 82 -2.07 34.67 19.29
C LEU B 82 -1.82 36.14 19.01
N LYS B 83 -2.79 36.99 19.39
CA LYS B 83 -2.52 38.41 19.27
C LYS B 83 -3.13 39.23 20.40
N ALA B 84 -2.41 40.27 20.80
CA ALA B 84 -2.95 41.33 21.65
C ALA B 84 -2.71 42.65 20.96
N GLY B 85 -3.81 43.30 20.56
CA GLY B 85 -3.78 44.57 19.84
C GLY B 85 -3.06 44.50 18.52
N LYS B 86 -1.80 44.91 18.53
CA LYS B 86 -0.97 44.91 17.35
C LYS B 86 0.20 43.93 17.43
N THR B 87 0.42 43.29 18.58
CA THR B 87 1.49 42.31 18.68
C THR B 87 0.95 40.92 18.38
N LEU B 88 1.57 40.22 17.42
CA LEU B 88 1.21 38.87 17.04
C LEU B 88 2.38 37.95 17.36
N GLN B 89 2.04 36.72 17.77
CA GLN B 89 3.04 35.73 18.19
C GLN B 89 2.64 34.36 17.69
N ILE B 90 3.62 33.60 17.21
CA ILE B 90 3.41 32.25 16.69
C ILE B 90 4.23 31.29 17.54
N PHE B 91 3.54 30.28 18.10
CA PHE B 91 4.11 29.30 19.03
C PHE B 91 3.95 27.88 18.49
N ASN B 92 4.98 27.07 18.73
CA ASN B 92 4.86 25.61 18.63
C ASN B 92 4.48 25.06 20.00
N ILE B 93 3.31 24.44 20.08
CA ILE B 93 2.77 24.01 21.37
C ILE B 93 3.48 22.76 21.88
N GLU B 94 3.72 21.79 21.00
CA GLU B 94 4.40 20.55 21.38
C GLU B 94 5.87 20.75 21.72
N MET B 95 6.50 21.81 21.19
CA MET B 95 7.89 22.11 21.48
C MET B 95 8.07 23.20 22.52
N LYS B 96 6.96 23.81 22.99
CA LYS B 96 6.91 24.87 24.02
C LYS B 96 7.76 26.09 23.64
N SER B 97 7.78 26.41 22.35
CA SER B 97 8.71 27.39 21.82
C SER B 97 7.98 28.41 20.97
N LYS B 98 8.36 29.68 21.15
CA LYS B 98 7.87 30.75 20.28
C LYS B 98 8.61 30.69 18.95
N MET B 99 7.87 30.54 17.85
CA MET B 99 8.47 30.48 16.53
C MET B 99 8.66 31.87 15.93
N LYS B 100 7.63 32.70 15.98
CA LYS B 100 7.68 34.00 15.29
C LYS B 100 6.99 35.07 16.13
N ALA B 101 7.29 36.32 15.80
CA ALA B 101 6.66 37.47 16.45
C ALA B 101 6.72 38.66 15.50
N HIS B 102 5.65 39.46 15.50
CA HIS B 102 5.66 40.70 14.73
C HIS B 102 4.73 41.73 15.36
N THR B 103 5.23 42.97 15.42
CA THR B 103 4.45 44.13 15.82
C THR B 103 3.94 44.82 14.56
N MET B 104 2.62 45.00 14.48
CA MET B 104 2.01 45.66 13.34
C MET B 104 1.74 47.13 13.64
N THR B 105 1.57 47.91 12.57
CA THR B 105 1.36 49.34 12.73
C THR B 105 -0.08 49.66 13.10
N ASP B 106 -1.03 48.80 12.72
CA ASP B 106 -2.45 49.02 13.01
C ASP B 106 -3.02 47.82 13.75
N ASP B 107 -4.21 48.04 14.33
CA ASP B 107 -4.94 46.96 14.98
C ASP B 107 -5.49 46.01 13.94
N VAL B 108 -5.47 44.71 14.27
CA VAL B 108 -5.91 43.66 13.36
C VAL B 108 -7.27 43.18 13.85
N THR B 109 -8.32 43.49 13.08
CA THR B 109 -9.67 43.17 13.52
C THR B 109 -10.07 41.74 13.18
N PHE B 110 -9.39 41.11 12.24
CA PHE B 110 -9.72 39.76 11.80
C PHE B 110 -8.47 39.12 11.25
N TRP B 111 -8.29 37.83 11.55
CA TRP B 111 -7.21 37.07 10.96
C TRP B 111 -7.59 35.61 10.84
N LYS B 112 -6.96 34.93 9.87
CA LYS B 112 -7.34 33.59 9.47
C LYS B 112 -6.17 32.91 8.79
N TRP B 113 -5.95 31.65 9.11
CA TRP B 113 -5.06 30.80 8.34
C TRP B 113 -5.70 30.48 6.99
N ILE B 114 -5.01 30.81 5.90
CA ILE B 114 -5.53 30.54 4.56
C ILE B 114 -4.89 29.33 3.91
N SER B 115 -3.82 28.79 4.49
CA SER B 115 -3.15 27.61 3.97
C SER B 115 -2.49 26.89 5.14
N LEU B 116 -1.54 26.00 4.83
CA LEU B 116 -0.82 25.30 5.89
C LEU B 116 0.26 26.17 6.53
N ASN B 117 0.70 27.23 5.85
CA ASN B 117 1.83 28.01 6.34
C ASN B 117 1.64 29.52 6.20
N THR B 118 0.41 30.00 6.06
CA THR B 118 0.16 31.42 5.86
C THR B 118 -1.04 31.86 6.68
N VAL B 119 -0.84 32.87 7.53
CA VAL B 119 -1.93 33.59 8.19
C VAL B 119 -2.18 34.86 7.41
N ALA B 120 -3.45 35.18 7.17
CA ALA B 120 -3.80 36.44 6.54
C ALA B 120 -4.31 37.39 7.60
N LEU B 121 -3.97 38.67 7.46
CA LEU B 121 -4.26 39.70 8.46
C LEU B 121 -5.13 40.78 7.85
N VAL B 122 -6.16 41.20 8.57
CA VAL B 122 -7.06 42.26 8.11
C VAL B 122 -7.02 43.38 9.13
N THR B 123 -6.53 44.55 8.71
CA THR B 123 -6.61 45.71 9.58
C THR B 123 -7.87 46.50 9.23
N ASP B 124 -7.90 47.78 9.63
CA ASP B 124 -9.00 48.65 9.21
C ASP B 124 -8.85 49.10 7.76
N ASN B 125 -7.65 48.97 7.18
CA ASN B 125 -7.29 49.63 5.93
C ASN B 125 -6.80 48.68 4.85
N ALA B 126 -6.21 47.55 5.20
CA ALA B 126 -5.53 46.73 4.21
C ALA B 126 -5.55 45.28 4.65
N VAL B 127 -5.10 44.41 3.73
CA VAL B 127 -5.07 42.99 3.93
C VAL B 127 -3.64 42.50 3.67
N TYR B 128 -3.09 41.77 4.64
CA TYR B 128 -1.73 41.29 4.63
C TYR B 128 -1.71 39.76 4.54
N HIS B 129 -0.61 39.23 3.99
CA HIS B 129 -0.32 37.81 4.02
C HIS B 129 0.99 37.62 4.76
N TRP B 130 0.98 36.77 5.79
CA TRP B 130 2.14 36.50 6.63
C TRP B 130 2.44 35.01 6.54
N SER B 131 3.53 34.67 5.86
CA SER B 131 3.98 33.30 5.79
C SER B 131 4.87 32.96 6.98
N MET B 132 4.90 31.68 7.33
CA MET B 132 5.69 31.19 8.45
C MET B 132 7.07 30.70 8.03
N GLU B 133 7.47 30.95 6.78
CA GLU B 133 8.72 30.42 6.25
C GLU B 133 9.89 31.29 6.68
N GLY B 134 10.78 30.73 7.49
CA GLY B 134 12.00 31.44 7.87
C GLY B 134 11.71 32.50 8.91
N GLU B 135 12.12 33.74 8.61
CA GLU B 135 11.79 34.88 9.46
C GLU B 135 10.98 35.89 8.67
N SER B 136 9.97 35.41 7.95
CA SER B 136 9.16 36.23 7.06
C SER B 136 8.27 37.18 7.85
N GLN B 137 7.72 38.15 7.15
CA GLN B 137 6.99 39.26 7.75
C GLN B 137 5.83 39.60 6.82
N PRO B 138 4.75 40.22 7.34
CA PRO B 138 3.51 40.37 6.55
C PRO B 138 3.64 41.25 5.31
N VAL B 139 3.09 40.73 4.21
CA VAL B 139 3.17 41.33 2.88
C VAL B 139 1.79 41.88 2.54
N LYS B 140 1.72 43.18 2.25
CA LYS B 140 0.45 43.81 1.92
C LYS B 140 -0.02 43.36 0.54
N MET B 141 -1.24 42.82 0.49
CA MET B 141 -1.81 42.30 -0.74
C MET B 141 -2.66 43.34 -1.46
N PHE B 142 -3.60 43.96 -0.74
CA PHE B 142 -4.42 45.02 -1.29
C PHE B 142 -4.89 45.93 -0.16
N ASP B 143 -5.44 47.07 -0.56
CA ASP B 143 -6.06 48.02 0.34
C ASP B 143 -7.57 47.79 0.37
N ARG B 144 -8.17 48.04 1.53
CA ARG B 144 -9.59 47.76 1.72
C ARG B 144 -10.47 48.78 1.03
N HIS B 145 -11.53 48.29 0.41
CA HIS B 145 -12.47 49.12 -0.33
C HIS B 145 -13.36 49.91 0.64
N SER B 146 -13.92 51.02 0.14
CA SER B 146 -14.80 51.89 0.91
C SER B 146 -16.14 51.23 1.24
N SER B 147 -16.58 50.23 0.49
CA SER B 147 -17.84 49.55 0.77
C SER B 147 -17.75 48.58 1.93
N LEU B 148 -16.56 48.32 2.44
CA LEU B 148 -16.40 47.44 3.59
C LEU B 148 -16.16 48.23 4.86
N ALA B 149 -16.33 49.55 4.79
CA ALA B 149 -15.98 50.44 5.88
C ALA B 149 -17.08 50.44 6.92
N GLY B 150 -16.71 50.14 8.17
CA GLY B 150 -17.67 50.07 9.26
C GLY B 150 -18.30 48.72 9.45
N CYS B 151 -17.91 47.72 8.65
CA CYS B 151 -18.45 46.38 8.76
C CYS B 151 -17.61 45.53 9.69
N GLN B 152 -18.25 44.55 10.31
CA GLN B 152 -17.51 43.51 11.03
C GLN B 152 -17.07 42.46 10.04
N ILE B 153 -15.75 42.29 9.94
CA ILE B 153 -15.17 41.33 9.00
C ILE B 153 -15.45 39.93 9.50
N ILE B 154 -16.15 39.14 8.69
CA ILE B 154 -16.46 37.77 9.06
C ILE B 154 -15.62 36.75 8.30
N ASN B 155 -15.10 37.06 7.10
CA ASN B 155 -14.34 36.04 6.40
C ASN B 155 -13.29 36.65 5.47
N TYR B 156 -12.30 35.82 5.13
CA TYR B 156 -11.34 36.10 4.08
C TYR B 156 -10.95 34.77 3.45
N ARG B 157 -11.10 34.65 2.13
CA ARG B 157 -10.86 33.40 1.44
C ARG B 157 -10.03 33.62 0.18
N THR B 158 -9.16 32.66 -0.12
CA THR B 158 -8.40 32.63 -1.36
C THR B 158 -8.71 31.35 -2.14
N ASP B 159 -8.23 31.31 -3.37
CA ASP B 159 -8.25 30.08 -4.16
C ASP B 159 -6.95 29.31 -3.89
N ALA B 160 -6.70 28.26 -4.69
CA ALA B 160 -5.60 27.34 -4.40
C ALA B 160 -4.25 27.94 -4.79
N LYS B 161 -4.19 28.71 -5.86
CA LYS B 161 -2.96 29.36 -6.28
C LYS B 161 -2.74 30.71 -5.60
N GLN B 162 -3.69 31.14 -4.76
CA GLN B 162 -3.69 32.41 -4.02
C GLN B 162 -3.58 33.62 -4.95
N LYS B 163 -4.22 33.53 -6.12
CA LYS B 163 -4.27 34.62 -7.08
C LYS B 163 -5.57 35.40 -7.02
N TRP B 164 -6.58 34.88 -6.32
CA TRP B 164 -7.89 35.51 -6.22
C TRP B 164 -8.29 35.55 -4.76
N LEU B 165 -8.33 36.75 -4.20
CA LEU B 165 -8.56 36.97 -2.78
C LEU B 165 -9.93 37.60 -2.58
N LEU B 166 -10.56 37.35 -1.44
CA LEU B 166 -11.89 37.88 -1.21
C LEU B 166 -12.10 38.14 0.27
N LEU B 167 -12.38 39.39 0.61
CA LEU B 167 -12.63 39.80 2.00
C LEU B 167 -14.12 40.10 2.16
N THR B 168 -14.70 39.63 3.27
CA THR B 168 -16.15 39.71 3.46
C THR B 168 -16.47 40.26 4.84
N GLY B 169 -17.21 41.39 4.86
CA GLY B 169 -17.77 41.93 6.08
C GLY B 169 -19.26 42.13 5.95
N ILE B 170 -19.91 42.39 7.08
CA ILE B 170 -21.36 42.52 7.11
C ILE B 170 -21.77 43.77 7.90
N SER B 171 -22.90 44.34 7.50
CA SER B 171 -23.51 45.49 8.15
C SER B 171 -24.96 45.16 8.45
N ALA B 172 -25.62 46.04 9.22
CA ALA B 172 -27.05 45.95 9.46
C ALA B 172 -27.66 47.33 9.24
N GLN B 173 -28.38 47.50 8.14
CA GLN B 173 -28.73 48.86 7.71
C GLN B 173 -30.17 49.26 8.05
N GLN B 174 -31.16 48.36 7.97
CA GLN B 174 -32.50 48.68 8.48
C GLN B 174 -33.18 47.45 9.15
N ASN B 175 -32.48 46.89 10.16
CA ASN B 175 -32.69 45.51 10.66
C ASN B 175 -32.66 44.56 9.46
N ARG B 176 -31.57 44.69 8.73
CA ARG B 176 -31.37 44.03 7.45
C ARG B 176 -29.88 43.83 7.34
N VAL B 177 -29.43 42.59 7.51
CA VAL B 177 -28.01 42.35 7.41
C VAL B 177 -27.63 42.34 5.94
N VAL B 178 -26.75 43.25 5.59
CA VAL B 178 -26.21 43.29 4.24
C VAL B 178 -24.81 42.71 4.30
N GLY B 179 -24.43 42.00 3.24
CA GLY B 179 -23.12 41.42 3.11
C GLY B 179 -22.38 42.17 2.01
N ALA B 180 -21.15 42.56 2.31
CA ALA B 180 -20.34 43.27 1.34
C ALA B 180 -18.99 42.58 1.25
N MET B 181 -18.54 42.35 0.01
CA MET B 181 -17.33 41.62 -0.30
C MET B 181 -16.47 42.44 -1.23
N GLN B 182 -15.17 42.20 -1.14
CA GLN B 182 -14.18 42.80 -2.04
C GLN B 182 -13.38 41.65 -2.64
N LEU B 183 -13.51 41.47 -3.97
CA LEU B 183 -12.79 40.41 -4.70
C LEU B 183 -11.60 41.06 -5.39
N TYR B 184 -10.40 40.75 -4.92
CA TYR B 184 -9.17 41.27 -5.47
C TYR B 184 -8.48 40.20 -6.30
N SER B 185 -7.81 40.61 -7.37
CA SER B 185 -6.97 39.68 -8.13
C SER B 185 -5.54 40.17 -8.07
N VAL B 186 -4.62 39.25 -7.74
CA VAL B 186 -3.22 39.59 -7.55
C VAL B 186 -2.54 39.91 -8.88
N ASP B 187 -2.99 39.28 -9.97
CA ASP B 187 -2.36 39.49 -11.27
C ASP B 187 -2.75 40.83 -11.87
N ARG B 188 -4.03 41.17 -11.85
CA ARG B 188 -4.49 42.42 -12.46
C ARG B 188 -4.36 43.63 -11.54
N LYS B 189 -4.15 43.39 -10.23
CA LYS B 189 -4.09 44.41 -9.16
C LYS B 189 -5.35 45.28 -9.14
N VAL B 190 -6.50 44.62 -9.16
CA VAL B 190 -7.81 45.23 -9.35
C VAL B 190 -8.79 44.50 -8.42
N SER B 191 -9.60 45.26 -7.66
CA SER B 191 -10.68 44.70 -6.86
C SER B 191 -12.05 45.06 -7.43
N GLN B 192 -13.03 44.24 -7.08
CA GLN B 192 -14.42 44.42 -7.49
C GLN B 192 -15.30 44.31 -6.26
N PRO B 193 -16.14 45.32 -5.96
CA PRO B 193 -17.09 45.19 -4.85
C PRO B 193 -18.29 44.34 -5.24
N ILE B 194 -18.59 43.33 -4.43
CA ILE B 194 -19.71 42.43 -4.64
C ILE B 194 -20.61 42.52 -3.41
N GLU B 195 -21.92 42.55 -3.62
CA GLU B 195 -22.85 42.31 -2.52
C GLU B 195 -22.93 40.81 -2.29
N GLY B 196 -22.32 40.33 -1.19
CA GLY B 196 -22.27 38.90 -0.95
C GLY B 196 -22.20 38.51 0.51
N HIS B 197 -22.89 37.43 0.87
CA HIS B 197 -22.95 36.98 2.26
C HIS B 197 -21.91 35.91 2.57
N ALA B 198 -21.94 34.79 1.84
CA ALA B 198 -21.00 33.72 2.11
C ALA B 198 -20.43 33.22 0.78
N ALA B 199 -19.22 32.65 0.82
CA ALA B 199 -18.53 32.32 -0.41
C ALA B 199 -17.51 31.21 -0.16
N SER B 200 -16.98 30.70 -1.28
CA SER B 200 -15.80 29.83 -1.32
C SER B 200 -15.26 29.83 -2.75
N PHE B 201 -14.05 29.30 -2.90
CA PHE B 201 -13.46 28.99 -4.20
C PHE B 201 -13.41 27.48 -4.39
N ALA B 202 -13.26 27.06 -5.64
CA ALA B 202 -13.29 25.64 -5.95
C ALA B 202 -12.44 25.35 -7.18
N GLN B 203 -11.86 24.16 -7.21
CA GLN B 203 -11.24 23.62 -8.41
C GLN B 203 -12.17 22.56 -8.99
N PHE B 204 -12.54 22.72 -10.27
CA PHE B 204 -13.50 21.83 -10.90
C PHE B 204 -13.09 21.59 -12.33
N LYS B 205 -12.84 20.33 -12.68
CA LYS B 205 -12.45 19.96 -14.04
C LYS B 205 -13.71 19.62 -14.85
N MET B 206 -13.96 20.38 -15.90
CA MET B 206 -15.03 20.07 -16.82
C MET B 206 -14.65 18.86 -17.67
N GLU B 207 -15.66 18.26 -18.30
CA GLU B 207 -15.43 17.07 -19.11
C GLU B 207 -14.78 17.44 -20.43
N GLY B 208 -13.73 16.70 -20.79
CA GLY B 208 -12.97 17.01 -21.97
C GLY B 208 -12.01 18.16 -21.83
N ASN B 209 -11.71 18.58 -20.60
CA ASN B 209 -10.82 19.69 -20.33
C ASN B 209 -9.52 19.20 -19.71
N ALA B 210 -8.43 19.92 -19.99
CA ALA B 210 -7.09 19.42 -19.70
C ALA B 210 -6.72 19.61 -18.23
N GLU B 211 -6.98 20.80 -17.68
CA GLU B 211 -6.76 21.03 -16.27
C GLU B 211 -8.01 21.65 -15.65
N GLU B 212 -7.89 21.98 -14.36
CA GLU B 212 -9.02 22.39 -13.55
C GLU B 212 -9.41 23.84 -13.86
N SER B 213 -10.72 24.08 -13.87
CA SER B 213 -11.26 25.42 -13.89
C SER B 213 -11.34 25.95 -12.46
N THR B 214 -10.93 27.20 -12.28
CA THR B 214 -10.96 27.85 -10.97
C THR B 214 -12.28 28.61 -10.86
N LEU B 215 -13.17 28.14 -9.98
CA LEU B 215 -14.50 28.68 -9.83
C LEU B 215 -14.61 29.47 -8.53
N PHE B 216 -15.37 30.56 -8.60
CA PHE B 216 -15.72 31.41 -7.48
C PHE B 216 -17.23 31.23 -7.25
N CYS B 217 -17.59 30.83 -6.04
CA CYS B 217 -18.97 30.54 -5.68
C CYS B 217 -19.36 31.45 -4.53
N PHE B 218 -20.47 32.17 -4.69
CA PHE B 218 -20.96 32.97 -3.57
C PHE B 218 -22.48 32.98 -3.54
N ALA B 219 -22.99 33.10 -2.32
CA ALA B 219 -24.41 33.24 -2.05
C ALA B 219 -24.68 34.55 -1.34
N VAL B 220 -25.79 35.18 -1.72
CA VAL B 220 -26.27 36.40 -1.10
C VAL B 220 -27.78 36.25 -0.91
N ARG B 221 -28.31 36.85 0.15
CA ARG B 221 -29.74 37.14 0.20
C ARG B 221 -29.87 38.64 0.23
N GLY B 222 -30.23 39.22 -0.91
CA GLY B 222 -30.57 40.59 -0.99
C GLY B 222 -32.03 40.79 -1.29
N GLN B 223 -32.35 42.02 -1.69
CA GLN B 223 -33.58 42.47 -2.33
C GLN B 223 -34.21 41.55 -3.37
N ALA B 224 -33.39 40.84 -4.15
CA ALA B 224 -33.86 39.92 -5.18
C ALA B 224 -34.11 38.52 -4.63
N GLY B 225 -34.17 38.38 -3.30
CA GLY B 225 -34.25 37.08 -2.68
C GLY B 225 -32.86 36.54 -2.43
N GLY B 226 -32.80 35.20 -2.36
CA GLY B 226 -31.52 34.53 -2.29
C GLY B 226 -31.05 34.19 -3.69
N LYS B 227 -29.77 34.45 -3.94
CA LYS B 227 -29.13 34.11 -5.20
C LYS B 227 -27.80 33.42 -4.94
N LEU B 228 -27.56 32.32 -5.66
CA LEU B 228 -26.27 31.65 -5.67
C LEU B 228 -25.65 31.78 -7.06
N HIS B 229 -24.39 32.20 -7.10
CA HIS B 229 -23.64 32.33 -8.34
C HIS B 229 -22.42 31.43 -8.29
N ILE B 230 -22.19 30.72 -9.40
CA ILE B 230 -20.98 29.95 -9.64
C ILE B 230 -20.38 30.45 -10.95
N ILE B 231 -19.14 30.93 -10.91
CA ILE B 231 -18.56 31.59 -12.08
C ILE B 231 -17.06 31.35 -12.09
N GLU B 232 -16.48 31.23 -13.30
CA GLU B 232 -15.04 31.04 -13.42
C GLU B 232 -14.31 32.38 -13.29
N VAL B 233 -13.27 32.40 -12.44
CA VAL B 233 -12.37 33.55 -12.36
C VAL B 233 -11.15 33.26 -13.22
N GLY B 234 -10.64 34.29 -13.90
CA GLY B 234 -9.47 34.16 -14.73
C GLY B 234 -9.79 33.75 -16.15
N THR B 235 -8.76 33.79 -16.98
CA THR B 235 -8.84 33.23 -18.31
C THR B 235 -8.88 31.71 -18.23
N PRO B 236 -9.61 31.05 -19.15
CA PRO B 236 -9.54 29.60 -19.25
C PRO B 236 -8.17 29.13 -19.69
N PRO B 237 -7.57 28.16 -19.00
CA PRO B 237 -6.17 27.83 -19.25
C PRO B 237 -5.92 26.76 -20.30
N THR B 238 -5.01 27.08 -21.23
CA THR B 238 -4.45 26.31 -22.36
C THR B 238 -5.40 25.32 -23.06
N GLY B 239 -6.44 25.85 -23.69
CA GLY B 239 -7.40 25.03 -24.40
C GLY B 239 -8.53 24.47 -23.56
N ASN B 240 -8.70 24.96 -22.34
CA ASN B 240 -9.88 24.60 -21.58
C ASN B 240 -11.10 25.32 -22.14
N GLN B 241 -12.23 24.65 -22.12
CA GLN B 241 -13.46 25.34 -22.43
C GLN B 241 -13.89 26.19 -21.24
N PRO B 242 -14.48 27.37 -21.47
CA PRO B 242 -14.88 28.22 -20.34
C PRO B 242 -16.09 27.66 -19.62
N PHE B 243 -16.11 27.89 -18.31
CA PHE B 243 -17.22 27.45 -17.48
C PHE B 243 -18.42 28.35 -17.73
N PRO B 244 -19.58 27.82 -18.13
CA PRO B 244 -20.77 28.66 -18.23
C PRO B 244 -21.29 29.01 -16.84
N LYS B 245 -21.54 30.30 -16.62
CA LYS B 245 -21.87 30.79 -15.29
C LYS B 245 -23.27 30.37 -14.89
N LYS B 246 -23.44 30.06 -13.60
CA LYS B 246 -24.71 29.62 -13.06
C LYS B 246 -25.22 30.64 -12.05
N ALA B 247 -26.52 30.95 -12.14
CA ALA B 247 -27.18 31.92 -11.27
C ALA B 247 -28.54 31.33 -10.90
N VAL B 248 -28.62 30.69 -9.74
CA VAL B 248 -29.83 30.04 -9.29
C VAL B 248 -30.39 30.79 -8.09
N ASP B 249 -31.63 30.45 -7.74
CA ASP B 249 -32.28 31.02 -6.58
C ASP B 249 -31.96 30.20 -5.34
N VAL B 250 -31.74 30.89 -4.23
CA VAL B 250 -31.60 30.29 -2.91
C VAL B 250 -32.94 30.46 -2.21
N PHE B 251 -33.65 29.37 -1.99
CA PHE B 251 -34.99 29.44 -1.43
C PHE B 251 -34.91 29.65 0.08
N PHE B 252 -35.71 30.61 0.57
CA PHE B 252 -35.87 30.82 1.99
C PHE B 252 -37.33 30.59 2.38
N PRO B 253 -37.59 29.88 3.49
CA PRO B 253 -38.98 29.58 3.90
C PRO B 253 -39.69 30.82 4.39
N PRO B 254 -41.04 30.82 4.40
CA PRO B 254 -41.78 32.01 4.90
C PRO B 254 -41.69 32.19 6.41
N GLU B 255 -41.24 31.19 7.15
CA GLU B 255 -41.01 31.33 8.59
C GLU B 255 -39.83 32.26 8.88
N ALA B 256 -38.89 32.37 7.94
CA ALA B 256 -37.62 33.07 8.15
C ALA B 256 -37.43 34.11 7.05
N GLN B 257 -37.87 35.36 7.30
CA GLN B 257 -37.76 36.41 6.30
C GLN B 257 -36.42 37.15 6.35
N ASN B 258 -35.71 37.16 7.49
CA ASN B 258 -34.37 37.72 7.54
C ASN B 258 -33.33 36.71 8.04
N ASP B 259 -33.55 35.43 7.73
CA ASP B 259 -32.46 34.47 7.57
C ASP B 259 -31.63 34.84 6.36
N PHE B 260 -30.38 34.38 6.35
CA PHE B 260 -29.37 34.79 5.36
C PHE B 260 -28.19 33.83 5.45
N PRO B 261 -27.40 33.64 4.37
CA PRO B 261 -26.26 32.74 4.46
C PRO B 261 -25.12 33.30 5.30
N VAL B 262 -24.48 32.43 6.07
CA VAL B 262 -23.32 32.82 6.86
C VAL B 262 -22.07 32.03 6.50
N ALA B 263 -22.21 30.84 5.90
CA ALA B 263 -21.06 29.99 5.69
C ALA B 263 -21.23 29.18 4.42
N MET B 264 -20.10 28.86 3.80
CA MET B 264 -20.10 28.03 2.60
C MET B 264 -18.82 27.20 2.56
N GLN B 265 -18.98 25.89 2.39
CA GLN B 265 -17.87 25.01 2.05
C GLN B 265 -18.22 24.23 0.80
N ILE B 266 -17.19 23.94 0.00
CA ILE B 266 -17.34 23.21 -1.24
C ILE B 266 -16.54 21.93 -1.13
N SER B 267 -17.22 20.79 -1.20
CA SER B 267 -16.56 19.50 -1.27
C SER B 267 -16.19 19.23 -2.72
N GLU B 268 -14.90 19.08 -3.01
CA GLU B 268 -14.45 18.85 -4.38
C GLU B 268 -14.40 17.37 -4.75
N LYS B 269 -14.51 16.46 -3.77
CA LYS B 269 -14.60 15.04 -4.08
C LYS B 269 -15.95 14.70 -4.70
N HIS B 270 -17.01 15.41 -4.31
CA HIS B 270 -18.34 15.18 -4.83
C HIS B 270 -18.85 16.33 -5.69
N ASP B 271 -18.09 17.43 -5.79
CA ASP B 271 -18.41 18.66 -6.54
C ASP B 271 -19.78 19.23 -6.13
N VAL B 272 -19.95 19.39 -4.81
CA VAL B 272 -21.17 19.95 -4.26
C VAL B 272 -20.82 21.15 -3.37
N VAL B 273 -21.82 22.00 -3.16
CA VAL B 273 -21.68 23.24 -2.40
C VAL B 273 -22.59 23.13 -1.18
N PHE B 274 -21.98 23.15 0.01
CA PHE B 274 -22.71 23.23 1.27
C PHE B 274 -22.92 24.69 1.63
N LEU B 275 -24.12 25.02 2.09
CA LEU B 275 -24.46 26.39 2.47
C LEU B 275 -25.17 26.37 3.81
N ILE B 276 -24.67 27.15 4.76
CA ILE B 276 -25.23 27.24 6.11
C ILE B 276 -25.89 28.61 6.25
N THR B 277 -27.15 28.61 6.68
CA THR B 277 -27.82 29.88 6.97
C THR B 277 -27.67 30.22 8.45
N LYS B 278 -28.18 31.40 8.83
CA LYS B 278 -28.08 31.85 10.22
C LYS B 278 -28.97 31.03 11.13
N TYR B 279 -30.13 30.63 10.65
CA TYR B 279 -31.11 29.96 11.48
C TYR B 279 -30.89 28.45 11.52
N GLY B 280 -29.82 27.97 10.89
CA GLY B 280 -29.44 26.57 10.98
C GLY B 280 -29.86 25.70 9.82
N TYR B 281 -30.12 26.27 8.64
CA TYR B 281 -30.48 25.49 7.48
C TYR B 281 -29.24 25.10 6.69
N ILE B 282 -29.19 23.82 6.29
CA ILE B 282 -28.24 23.32 5.32
C ILE B 282 -28.88 23.36 3.94
N HIS B 283 -28.09 23.80 2.97
CA HIS B 283 -28.44 23.79 1.56
C HIS B 283 -27.34 23.01 0.84
N LEU B 284 -27.75 22.10 -0.03
CA LEU B 284 -26.83 21.33 -0.86
C LEU B 284 -27.14 21.65 -2.31
N TYR B 285 -26.20 22.35 -2.95
CA TYR B 285 -26.19 22.66 -4.37
C TYR B 285 -25.15 21.81 -5.06
N ASP B 286 -25.29 21.69 -6.37
CA ASP B 286 -24.26 21.06 -7.18
C ASP B 286 -23.40 22.14 -7.84
N LEU B 287 -22.09 21.90 -7.90
CA LEU B 287 -21.15 22.93 -8.31
C LEU B 287 -21.22 23.22 -9.81
N GLU B 288 -21.56 22.23 -10.61
CA GLU B 288 -21.60 22.41 -12.07
C GLU B 288 -22.92 23.02 -12.51
N THR B 289 -24.04 22.46 -12.06
CA THR B 289 -25.37 22.90 -12.50
C THR B 289 -25.86 24.14 -11.77
N GLY B 290 -25.57 24.24 -10.47
CA GLY B 290 -26.30 25.10 -9.58
C GLY B 290 -27.58 24.51 -9.04
N THR B 291 -27.92 23.26 -9.40
CA THR B 291 -29.19 22.66 -9.01
C THR B 291 -29.21 22.34 -7.52
N CYS B 292 -30.22 22.88 -6.82
CA CYS B 292 -30.39 22.62 -5.40
C CYS B 292 -30.84 21.19 -5.18
N ILE B 293 -29.96 20.38 -4.58
CA ILE B 293 -30.32 19.01 -4.25
C ILE B 293 -31.16 18.98 -2.98
N TYR B 294 -30.75 19.72 -1.96
CA TYR B 294 -31.38 19.50 -0.66
C TYR B 294 -31.42 20.79 0.16
N MET B 295 -32.47 20.93 0.96
CA MET B 295 -32.65 22.10 1.82
C MET B 295 -33.36 21.66 3.09
N ASN B 296 -32.66 21.63 4.21
CA ASN B 296 -33.24 21.14 5.45
C ASN B 296 -32.70 21.99 6.60
N ARG B 297 -33.27 21.83 7.80
CA ARG B 297 -32.73 22.49 8.99
C ARG B 297 -32.05 21.46 9.86
N ILE B 298 -30.82 21.76 10.29
CA ILE B 298 -30.02 20.83 11.07
C ILE B 298 -29.67 21.35 12.45
N SER B 299 -29.85 22.63 12.73
CA SER B 299 -29.48 23.17 14.02
C SER B 299 -30.48 24.25 14.41
N GLY B 300 -30.92 24.22 15.66
CA GLY B 300 -31.79 25.26 16.16
C GLY B 300 -31.09 26.56 16.49
N GLU B 301 -29.77 26.55 16.58
CA GLU B 301 -28.98 27.74 16.91
C GLU B 301 -28.03 28.07 15.76
N THR B 302 -27.41 29.25 15.88
CA THR B 302 -26.58 29.80 14.82
C THR B 302 -25.25 29.05 14.74
N ILE B 303 -24.94 28.48 13.57
CA ILE B 303 -23.64 27.88 13.33
C ILE B 303 -22.71 29.02 12.92
N PHE B 304 -21.86 29.47 13.85
CA PHE B 304 -21.08 30.68 13.67
C PHE B 304 -19.72 30.43 13.03
N VAL B 305 -19.18 29.22 13.13
CA VAL B 305 -17.90 28.90 12.51
C VAL B 305 -18.00 27.51 11.86
N THR B 306 -17.39 27.42 10.67
CA THR B 306 -17.35 26.21 9.86
C THR B 306 -15.94 25.95 9.36
N ALA B 307 -15.74 24.73 8.89
CA ALA B 307 -14.47 24.26 8.35
C ALA B 307 -14.76 23.10 7.41
N PRO B 308 -13.86 22.79 6.47
CA PRO B 308 -13.99 21.52 5.72
C PRO B 308 -13.76 20.32 6.62
N HIS B 309 -14.55 19.27 6.39
CA HIS B 309 -14.42 18.00 7.09
C HIS B 309 -13.77 17.03 6.13
N GLU B 310 -12.55 16.62 6.44
CA GLU B 310 -11.77 15.93 5.41
C GLU B 310 -11.97 14.43 5.39
N ALA B 311 -12.40 13.83 6.51
CA ALA B 311 -12.65 12.40 6.52
C ALA B 311 -13.94 12.04 5.79
N THR B 312 -14.87 12.98 5.66
CA THR B 312 -16.18 12.72 5.07
C THR B 312 -16.42 13.50 3.80
N ALA B 313 -15.49 14.38 3.40
CA ALA B 313 -15.65 15.42 2.37
C ALA B 313 -16.91 16.25 2.62
N GLY B 314 -16.99 16.81 3.83
CA GLY B 314 -18.18 17.54 4.21
C GLY B 314 -17.87 18.85 4.89
N ILE B 315 -18.75 19.27 5.79
CA ILE B 315 -18.60 20.53 6.48
C ILE B 315 -18.80 20.30 7.98
N ILE B 316 -17.89 20.82 8.79
CA ILE B 316 -18.00 20.73 10.24
C ILE B 316 -18.26 22.15 10.76
N GLY B 317 -19.17 22.27 11.74
CA GLY B 317 -19.53 23.56 12.25
C GLY B 317 -19.88 23.47 13.72
N VAL B 318 -19.83 24.61 14.40
CA VAL B 318 -20.16 24.68 15.82
C VAL B 318 -21.35 25.62 15.99
N ASN B 319 -22.41 25.16 16.69
CA ASN B 319 -23.45 26.13 17.02
C ASN B 319 -23.17 26.76 18.39
N ARG B 320 -24.01 27.73 18.76
CA ARG B 320 -23.80 28.51 19.99
C ARG B 320 -24.19 27.75 21.25
N LYS B 321 -24.90 26.63 21.13
CA LYS B 321 -25.09 25.71 22.24
C LYS B 321 -23.84 24.89 22.53
N GLY B 322 -22.90 24.84 21.59
CA GLY B 322 -21.72 24.03 21.72
C GLY B 322 -21.76 22.71 21.00
N GLN B 323 -22.77 22.48 20.17
CA GLN B 323 -22.82 21.24 19.41
C GLN B 323 -21.89 21.37 18.20
N VAL B 324 -20.91 20.46 18.14
CA VAL B 324 -20.00 20.35 17.01
C VAL B 324 -20.60 19.31 16.07
N LEU B 325 -21.19 19.78 14.99
CA LEU B 325 -21.88 18.91 14.04
C LEU B 325 -21.10 18.82 12.73
N SER B 326 -21.47 17.83 11.93
CA SER B 326 -20.92 17.66 10.60
C SER B 326 -22.01 17.18 9.66
N VAL B 327 -21.97 17.69 8.43
CA VAL B 327 -22.91 17.31 7.38
C VAL B 327 -22.08 16.89 6.17
N CYS B 328 -22.34 15.69 5.66
CA CYS B 328 -21.63 15.18 4.49
C CYS B 328 -22.64 14.60 3.50
N VAL B 329 -22.15 14.25 2.32
CA VAL B 329 -22.97 13.62 1.31
C VAL B 329 -23.04 12.12 1.60
N GLU B 330 -24.25 11.59 1.74
CA GLU B 330 -24.43 10.15 1.86
C GLU B 330 -24.18 9.51 0.49
N GLU B 331 -23.05 8.78 0.38
CA GLU B 331 -22.60 8.26 -0.90
C GLU B 331 -23.44 7.10 -1.40
N GLU B 332 -24.14 6.41 -0.49
CA GLU B 332 -25.00 5.31 -0.89
C GLU B 332 -26.40 5.76 -1.26
N ASN B 333 -26.73 7.04 -1.09
CA ASN B 333 -28.12 7.49 -1.18
C ASN B 333 -28.38 8.62 -2.17
N ILE B 334 -27.36 9.37 -2.61
CA ILE B 334 -27.64 10.65 -3.28
C ILE B 334 -28.07 10.44 -4.74
N ILE B 335 -27.45 9.48 -5.44
CA ILE B 335 -27.91 9.12 -6.79
C ILE B 335 -29.32 8.54 -6.83
N PRO B 336 -29.75 7.60 -5.95
CA PRO B 336 -31.18 7.22 -5.95
C PRO B 336 -32.12 8.32 -5.46
N TYR B 337 -31.64 9.24 -4.61
CA TYR B 337 -32.47 10.36 -4.17
C TYR B 337 -32.74 11.33 -5.31
N ILE B 338 -31.73 11.62 -6.13
CA ILE B 338 -31.93 12.51 -7.27
C ILE B 338 -32.83 11.84 -8.31
N THR B 339 -32.69 10.52 -8.49
CA THR B 339 -33.52 9.90 -9.53
C THR B 339 -34.97 9.64 -9.09
N ASN B 340 -35.28 9.48 -7.79
CA ASN B 340 -36.65 9.17 -7.42
C ASN B 340 -37.38 10.28 -6.68
N VAL B 341 -36.70 11.10 -5.90
CA VAL B 341 -37.37 12.17 -5.16
C VAL B 341 -37.35 13.47 -5.94
N LEU B 342 -36.18 13.87 -6.45
CA LEU B 342 -36.10 15.05 -7.32
C LEU B 342 -36.62 14.76 -8.72
N GLN B 343 -36.62 13.49 -9.13
CA GLN B 343 -37.05 12.99 -10.46
C GLN B 343 -36.27 13.63 -11.60
N ASN B 344 -34.94 13.68 -11.43
CA ASN B 344 -33.99 14.26 -12.39
C ASN B 344 -33.02 13.13 -12.72
N PRO B 345 -33.23 12.38 -13.80
CA PRO B 345 -32.23 11.36 -14.18
C PRO B 345 -30.96 11.95 -14.80
N ASP B 346 -31.01 13.18 -15.32
CA ASP B 346 -29.85 13.80 -15.97
C ASP B 346 -28.76 14.16 -14.96
N LEU B 347 -29.15 14.77 -13.84
CA LEU B 347 -28.19 15.10 -12.81
C LEU B 347 -27.73 13.85 -12.08
N ALA B 348 -28.63 12.87 -11.93
CA ALA B 348 -28.32 11.62 -11.25
C ALA B 348 -27.33 10.78 -12.03
N LEU B 349 -27.31 10.87 -13.36
CA LEU B 349 -26.27 10.13 -14.06
C LEU B 349 -25.02 10.95 -14.35
N ARG B 350 -25.09 12.30 -14.32
CA ARG B 350 -23.85 13.08 -14.39
C ARG B 350 -23.01 12.93 -13.12
N MET B 351 -23.66 13.01 -11.95
CA MET B 351 -22.95 12.90 -10.67
C MET B 351 -22.38 11.50 -10.45
N ALA B 352 -23.09 10.48 -10.92
CA ALA B 352 -22.64 9.10 -10.76
C ALA B 352 -21.39 8.80 -11.58
N VAL B 353 -21.24 9.43 -12.75
CA VAL B 353 -20.04 9.17 -13.52
C VAL B 353 -18.88 10.08 -13.14
N ARG B 354 -19.15 11.28 -12.61
CA ARG B 354 -18.02 12.13 -12.29
C ARG B 354 -17.54 11.98 -10.86
N ASN B 355 -18.31 11.34 -9.97
CA ASN B 355 -17.83 11.13 -8.61
C ASN B 355 -17.80 9.65 -8.22
N ASN B 356 -18.07 8.75 -9.17
CA ASN B 356 -17.91 7.29 -9.06
C ASN B 356 -18.77 6.69 -7.95
N LEU B 357 -20.09 6.86 -8.10
CA LEU B 357 -21.05 6.43 -7.10
C LEU B 357 -22.02 5.42 -7.69
N ALA B 358 -22.62 4.63 -6.81
CA ALA B 358 -23.55 3.58 -7.20
C ALA B 358 -24.99 4.11 -7.20
N GLY B 359 -25.94 3.23 -7.52
CA GLY B 359 -27.32 3.61 -7.60
C GLY B 359 -27.75 4.22 -8.92
N ALA B 360 -26.95 4.05 -9.98
CA ALA B 360 -27.16 4.73 -11.24
C ALA B 360 -28.00 3.91 -12.23
N GLU B 361 -28.54 2.77 -11.82
CA GLU B 361 -29.27 1.89 -12.72
C GLU B 361 -30.77 2.20 -12.78
N GLU B 362 -31.13 3.49 -12.82
CA GLU B 362 -32.46 4.09 -12.86
C GLU B 362 -33.44 3.48 -11.86
N LEU B 363 -33.26 3.79 -10.58
CA LEU B 363 -33.95 3.06 -9.54
C LEU B 363 -35.37 3.59 -9.35
N GLN C 3 1.44 -56.30 7.96
CA GLN C 3 2.10 -55.83 6.75
C GLN C 3 1.97 -54.30 6.63
N ILE C 4 2.17 -53.57 7.75
CA ILE C 4 2.21 -52.10 7.65
C ILE C 4 3.50 -51.68 6.98
N LEU C 5 3.35 -51.00 5.86
CA LEU C 5 4.48 -50.15 5.54
C LEU C 5 4.11 -48.71 5.92
N PRO C 6 5.00 -47.85 6.42
CA PRO C 6 4.60 -46.53 6.91
C PRO C 6 4.38 -45.48 5.83
N ILE C 7 4.44 -45.87 4.57
CA ILE C 7 4.55 -44.98 3.42
C ILE C 7 3.37 -45.26 2.51
N ARG C 8 2.72 -44.22 2.00
CA ARG C 8 1.76 -44.38 0.91
C ARG C 8 2.49 -44.18 -0.41
N PHE C 9 2.60 -45.25 -1.20
CA PHE C 9 3.13 -45.15 -2.55
C PHE C 9 2.00 -44.86 -3.52
N GLN C 10 2.27 -44.02 -4.51
CA GLN C 10 1.28 -43.80 -5.55
C GLN C 10 1.96 -43.56 -6.89
N GLU C 11 1.50 -44.25 -7.93
CA GLU C 11 1.86 -43.91 -9.30
C GLU C 11 0.76 -43.04 -9.87
N HIS C 12 1.12 -41.84 -10.31
CA HIS C 12 0.10 -40.90 -10.78
C HIS C 12 -0.20 -41.09 -12.25
N LEU C 13 0.85 -41.12 -13.07
CA LEU C 13 0.74 -41.50 -14.47
C LEU C 13 2.10 -41.97 -14.93
N GLN C 14 2.08 -42.60 -16.09
CA GLN C 14 3.27 -42.69 -16.90
C GLN C 14 3.13 -41.79 -18.12
N LEU C 15 4.27 -41.22 -18.53
CA LEU C 15 4.27 -40.21 -19.58
C LEU C 15 3.97 -40.80 -20.95
N GLN C 16 4.41 -42.02 -21.24
CA GLN C 16 4.23 -42.55 -22.60
C GLN C 16 2.86 -43.16 -22.86
N ASN C 17 1.90 -42.98 -21.94
CA ASN C 17 0.48 -42.94 -22.27
C ASN C 17 0.08 -41.63 -22.95
N LEU C 18 0.93 -40.60 -22.95
CA LEU C 18 0.68 -39.33 -23.63
C LEU C 18 1.57 -39.12 -24.84
N GLY C 19 2.43 -40.08 -25.18
CA GLY C 19 3.20 -40.02 -26.40
C GLY C 19 4.42 -39.12 -26.36
N ILE C 20 5.29 -39.31 -25.37
CA ILE C 20 6.55 -38.58 -25.25
C ILE C 20 7.69 -39.57 -25.37
N ASN C 21 8.73 -39.19 -26.12
CA ASN C 21 9.82 -40.09 -26.43
C ASN C 21 10.73 -40.27 -25.21
N PRO C 22 11.26 -41.48 -24.98
CA PRO C 22 12.03 -41.73 -23.75
C PRO C 22 13.46 -41.20 -23.80
N ALA C 23 13.92 -40.74 -24.95
CA ALA C 23 15.25 -40.13 -25.03
C ALA C 23 15.29 -38.76 -24.39
N ASN C 24 14.14 -38.12 -24.21
CA ASN C 24 14.06 -36.75 -23.70
C ASN C 24 13.44 -36.70 -22.31
N ILE C 25 13.26 -37.82 -21.64
CA ILE C 25 12.83 -37.80 -20.25
C ILE C 25 14.09 -38.04 -19.40
N GLY C 26 14.50 -36.99 -18.72
CA GLY C 26 15.85 -36.92 -18.20
C GLY C 26 16.07 -35.55 -17.61
N PHE C 27 17.25 -35.39 -17.00
CA PHE C 27 17.55 -34.21 -16.20
C PHE C 27 17.68 -32.94 -17.05
N SER C 28 18.15 -33.07 -18.29
CA SER C 28 18.40 -31.91 -19.13
C SER C 28 17.17 -31.44 -19.89
N THR C 29 16.14 -32.27 -20.05
CA THR C 29 15.01 -31.93 -20.90
C THR C 29 13.67 -31.98 -20.19
N LEU C 30 13.59 -32.54 -18.98
CA LEU C 30 12.36 -32.58 -18.20
C LEU C 30 12.57 -31.80 -16.91
N THR C 31 11.63 -30.90 -16.61
CA THR C 31 11.67 -30.11 -15.39
C THR C 31 10.34 -30.24 -14.66
N MET C 32 10.41 -30.18 -13.31
CA MET C 32 9.23 -30.30 -12.46
C MET C 32 9.50 -29.45 -11.21
N GLU C 33 9.24 -28.14 -11.34
CA GLU C 33 9.52 -27.21 -10.26
C GLU C 33 8.48 -27.26 -9.14
N SER C 34 7.29 -27.77 -9.43
CA SER C 34 6.26 -28.01 -8.42
C SER C 34 5.55 -29.30 -8.79
N ASP C 35 4.48 -29.62 -8.06
CA ASP C 35 3.64 -30.75 -8.41
C ASP C 35 2.50 -30.38 -9.35
N LYS C 36 2.52 -29.16 -9.90
CA LYS C 36 1.44 -28.69 -10.75
C LYS C 36 1.70 -28.92 -12.24
N PHE C 37 2.96 -28.83 -12.69
CA PHE C 37 3.24 -28.88 -14.11
C PHE C 37 4.50 -29.69 -14.39
N ILE C 38 4.55 -30.25 -15.61
CA ILE C 38 5.75 -30.91 -16.13
C ILE C 38 6.07 -30.31 -17.49
N CYS C 39 7.32 -29.89 -17.69
CA CYS C 39 7.78 -29.28 -18.93
C CYS C 39 8.82 -30.17 -19.61
N ILE C 40 8.50 -30.65 -20.81
CA ILE C 40 9.38 -31.55 -21.55
C ILE C 40 9.75 -30.88 -22.88
N ARG C 41 11.04 -30.73 -23.13
CA ARG C 41 11.50 -30.25 -24.43
C ARG C 41 11.73 -31.45 -25.36
N GLU C 42 11.12 -31.38 -26.54
CA GLU C 42 11.20 -32.47 -27.51
C GLU C 42 11.55 -31.91 -28.88
N LYS C 43 11.73 -32.82 -29.83
CA LYS C 43 12.01 -32.45 -31.22
C LYS C 43 11.31 -33.46 -32.11
N VAL C 44 10.22 -33.06 -32.75
CA VAL C 44 9.57 -33.90 -33.74
C VAL C 44 10.08 -33.48 -35.10
N GLY C 45 10.71 -34.42 -35.81
CA GLY C 45 11.52 -34.10 -36.96
C GLY C 45 12.73 -33.28 -36.54
N GLU C 46 12.74 -32.02 -36.95
CA GLU C 46 13.72 -31.03 -36.51
C GLU C 46 13.04 -29.87 -35.80
N GLN C 47 11.73 -29.93 -35.60
CA GLN C 47 11.03 -28.83 -34.97
C GLN C 47 11.06 -29.02 -33.46
N ALA C 48 11.60 -28.02 -32.76
CA ALA C 48 11.81 -28.05 -31.32
C ALA C 48 10.56 -27.55 -30.60
N GLN C 49 10.06 -28.38 -29.68
CA GLN C 49 8.78 -28.13 -29.04
C GLN C 49 8.92 -28.23 -27.53
N VAL C 50 7.95 -27.64 -26.84
CA VAL C 50 7.75 -27.87 -25.42
C VAL C 50 6.38 -28.51 -25.24
N VAL C 51 6.32 -29.47 -24.31
CA VAL C 51 5.11 -30.16 -23.89
C VAL C 51 4.87 -29.76 -22.44
N ILE C 52 3.71 -29.17 -22.18
CA ILE C 52 3.31 -28.72 -20.85
C ILE C 52 2.19 -29.63 -20.37
N ILE C 53 2.43 -30.35 -19.27
CA ILE C 53 1.45 -31.23 -18.67
C ILE C 53 0.92 -30.57 -17.40
N ASP C 54 -0.36 -30.25 -17.43
CA ASP C 54 -1.12 -29.91 -16.23
C ASP C 54 -1.39 -31.19 -15.44
N MET C 55 -1.13 -31.16 -14.14
CA MET C 55 -1.36 -32.32 -13.28
C MET C 55 -2.78 -32.42 -12.77
N ASN C 56 -3.62 -31.42 -13.07
CA ASN C 56 -5.06 -31.54 -12.85
C ASN C 56 -5.81 -31.99 -14.09
N ASP C 57 -5.24 -31.77 -15.28
CA ASP C 57 -5.81 -32.27 -16.53
C ASP C 57 -4.68 -32.87 -17.35
N PRO C 58 -4.30 -34.12 -17.08
CA PRO C 58 -3.18 -34.72 -17.79
C PRO C 58 -3.50 -35.23 -19.17
N SER C 59 -4.78 -35.30 -19.54
CA SER C 59 -5.16 -35.80 -20.85
C SER C 59 -4.86 -34.80 -21.96
N ASN C 60 -4.71 -33.52 -21.62
CA ASN C 60 -4.57 -32.44 -22.61
C ASN C 60 -3.27 -31.69 -22.37
N PRO C 61 -2.17 -32.09 -23.01
CA PRO C 61 -0.93 -31.31 -22.92
C PRO C 61 -0.92 -30.18 -23.94
N ILE C 62 -0.04 -29.22 -23.70
CA ILE C 62 0.11 -28.08 -24.61
C ILE C 62 1.46 -28.23 -25.30
N ARG C 63 1.42 -28.35 -26.62
CA ARG C 63 2.61 -28.59 -27.44
C ARG C 63 2.85 -27.35 -28.30
N ARG C 64 3.90 -26.61 -27.99
CA ARG C 64 4.16 -25.36 -28.70
C ARG C 64 5.59 -25.35 -29.23
N PRO C 65 5.81 -24.75 -30.41
CA PRO C 65 7.18 -24.67 -30.94
C PRO C 65 8.03 -23.66 -30.19
N ILE C 66 9.27 -24.06 -29.88
CA ILE C 66 10.17 -23.21 -29.11
C ILE C 66 11.52 -23.09 -29.82
N SER C 67 12.30 -22.11 -29.36
CA SER C 67 13.67 -21.89 -29.79
C SER C 67 14.61 -21.86 -28.59
N ALA C 68 14.31 -22.66 -27.57
CA ALA C 68 14.94 -22.54 -26.26
C ALA C 68 15.68 -23.81 -25.88
N ASP C 69 16.78 -23.66 -25.13
CA ASP C 69 17.50 -24.82 -24.62
C ASP C 69 17.09 -25.20 -23.20
N SER C 70 16.19 -24.43 -22.56
CA SER C 70 15.67 -24.77 -21.25
C SER C 70 14.32 -24.09 -21.06
N ALA C 71 13.43 -24.80 -20.36
CA ALA C 71 12.08 -24.34 -20.08
C ALA C 71 11.70 -24.80 -18.67
N ILE C 72 11.45 -23.86 -17.77
CA ILE C 72 11.00 -24.19 -16.42
C ILE C 72 9.69 -23.44 -16.15
N MET C 73 8.77 -24.10 -15.45
CA MET C 73 7.46 -23.54 -15.16
C MET C 73 7.46 -22.94 -13.75
N ASN C 74 6.71 -21.85 -13.58
CA ASN C 74 6.46 -21.24 -12.27
C ASN C 74 5.77 -22.26 -11.35
N PRO C 75 6.09 -22.24 -10.04
CA PRO C 75 5.49 -23.24 -9.14
C PRO C 75 4.01 -23.06 -8.88
N ALA C 76 3.48 -21.84 -8.97
CA ALA C 76 2.08 -21.59 -8.64
C ALA C 76 1.24 -21.26 -9.86
N SER C 77 1.67 -20.35 -10.71
CA SER C 77 0.89 -19.93 -11.86
C SER C 77 1.34 -20.64 -13.13
N LYS C 78 0.56 -20.45 -14.18
CA LYS C 78 0.82 -21.09 -15.47
C LYS C 78 1.71 -20.19 -16.33
N VAL C 79 2.94 -20.02 -15.85
CA VAL C 79 3.88 -19.02 -16.36
C VAL C 79 5.20 -19.74 -16.64
N ILE C 80 5.64 -19.69 -17.89
CA ILE C 80 6.82 -20.43 -18.32
C ILE C 80 8.02 -19.49 -18.41
N ALA C 81 9.21 -20.09 -18.32
CA ALA C 81 10.49 -19.41 -18.38
C ALA C 81 11.34 -20.16 -19.38
N LEU C 82 11.73 -19.50 -20.46
CA LEU C 82 12.52 -20.12 -21.52
C LEU C 82 13.85 -19.39 -21.68
N LYS C 83 14.88 -20.14 -22.06
CA LYS C 83 16.19 -19.52 -22.18
C LYS C 83 16.91 -20.00 -23.43
N ALA C 84 17.68 -19.10 -24.02
CA ALA C 84 18.57 -19.42 -25.14
C ALA C 84 19.87 -18.67 -24.90
N GLY C 85 20.89 -19.39 -24.45
CA GLY C 85 22.18 -18.86 -24.09
C GLY C 85 22.12 -17.82 -23.00
N LYS C 86 22.26 -16.56 -23.39
CA LYS C 86 22.23 -15.45 -22.45
C LYS C 86 20.89 -14.73 -22.42
N THR C 87 19.95 -15.07 -23.30
CA THR C 87 18.65 -14.38 -23.32
C THR C 87 17.63 -15.23 -22.55
N LEU C 88 17.09 -14.64 -21.47
CA LEU C 88 16.01 -15.23 -20.69
C LEU C 88 14.70 -14.52 -21.03
N GLN C 89 13.63 -15.30 -21.17
CA GLN C 89 12.31 -14.80 -21.51
C GLN C 89 11.25 -15.48 -20.65
N ILE C 90 10.23 -14.72 -20.26
CA ILE C 90 9.17 -15.18 -19.37
C ILE C 90 7.85 -14.97 -20.10
N PHE C 91 6.98 -15.99 -20.09
CA PHE C 91 5.72 -15.92 -20.80
C PHE C 91 4.57 -16.34 -19.90
N ASN C 92 3.46 -15.61 -19.98
CA ASN C 92 2.18 -16.10 -19.49
C ASN C 92 1.55 -16.95 -20.60
N ILE C 93 1.25 -18.21 -20.30
CA ILE C 93 0.76 -19.11 -21.33
C ILE C 93 -0.73 -18.88 -21.60
N GLU C 94 -1.51 -18.62 -20.53
CA GLU C 94 -2.95 -18.42 -20.67
C GLU C 94 -3.27 -17.11 -21.38
N MET C 95 -2.44 -16.09 -21.21
CA MET C 95 -2.62 -14.83 -21.93
C MET C 95 -1.91 -14.81 -23.27
N LYS C 96 -1.03 -15.80 -23.52
CA LYS C 96 -0.09 -15.86 -24.67
C LYS C 96 0.74 -14.58 -24.78
N SER C 97 1.21 -14.10 -23.63
CA SER C 97 1.84 -12.80 -23.50
C SER C 97 3.24 -12.95 -22.96
N LYS C 98 4.14 -12.05 -23.38
CA LYS C 98 5.48 -11.99 -22.83
C LYS C 98 5.49 -11.05 -21.63
N MET C 99 5.84 -11.58 -20.46
CA MET C 99 5.87 -10.78 -19.24
C MET C 99 7.18 -10.03 -19.09
N LYS C 100 8.31 -10.74 -19.22
CA LYS C 100 9.61 -10.20 -18.87
C LYS C 100 10.66 -10.77 -19.80
N ALA C 101 11.76 -10.03 -19.94
CA ALA C 101 12.89 -10.48 -20.76
C ALA C 101 14.15 -9.79 -20.30
N HIS C 102 15.27 -10.51 -20.31
CA HIS C 102 16.57 -9.92 -19.97
C HIS C 102 17.68 -10.72 -20.64
N THR C 103 18.63 -10.01 -21.25
CA THR C 103 19.83 -10.61 -21.80
C THR C 103 21.02 -10.11 -20.98
N MET C 104 21.78 -11.03 -20.41
CA MET C 104 22.87 -10.64 -19.54
C MET C 104 24.21 -10.90 -20.24
N THR C 105 25.29 -10.68 -19.48
CA THR C 105 26.61 -10.57 -20.07
C THR C 105 27.25 -11.93 -20.35
N ASP C 106 27.04 -12.91 -19.48
CA ASP C 106 27.56 -14.25 -19.71
C ASP C 106 26.41 -15.27 -19.75
N ASP C 107 26.77 -16.52 -20.03
CA ASP C 107 25.81 -17.59 -20.29
C ASP C 107 25.21 -18.15 -19.01
N VAL C 108 23.89 -18.41 -19.04
CA VAL C 108 23.22 -19.16 -17.97
C VAL C 108 23.44 -20.65 -18.20
N THR C 109 23.95 -21.33 -17.17
CA THR C 109 24.13 -22.77 -17.23
C THR C 109 22.98 -23.56 -16.62
N PHE C 110 22.30 -22.99 -15.62
CA PHE C 110 21.29 -23.69 -14.83
C PHE C 110 20.42 -22.63 -14.17
N TRP C 111 19.15 -22.98 -13.96
CA TRP C 111 18.23 -22.07 -13.29
C TRP C 111 17.12 -22.85 -12.60
N LYS C 112 16.52 -22.22 -11.60
CA LYS C 112 15.51 -22.87 -10.76
C LYS C 112 14.63 -21.81 -10.12
N TRP C 113 13.32 -22.04 -10.10
CA TRP C 113 12.43 -21.18 -9.32
C TRP C 113 12.62 -21.48 -7.83
N ILE C 114 13.04 -20.47 -7.07
CA ILE C 114 13.22 -20.63 -5.63
C ILE C 114 11.99 -20.18 -4.84
N SER C 115 11.07 -19.48 -5.46
CA SER C 115 9.82 -19.09 -4.83
C SER C 115 8.75 -18.99 -5.91
N LEU C 116 7.63 -18.35 -5.58
CA LEU C 116 6.57 -18.13 -6.54
C LEU C 116 6.77 -16.89 -7.40
N ASN C 117 7.74 -16.03 -7.05
CA ASN C 117 8.00 -14.83 -7.84
C ASN C 117 9.49 -14.54 -8.01
N THR C 118 10.36 -15.53 -7.90
CA THR C 118 11.80 -15.30 -8.04
C THR C 118 12.41 -16.53 -8.71
N VAL C 119 13.06 -16.31 -9.84
CA VAL C 119 13.84 -17.37 -10.47
C VAL C 119 15.31 -17.08 -10.21
N ALA C 120 16.09 -18.13 -9.98
CA ALA C 120 17.51 -18.01 -9.68
C ALA C 120 18.30 -18.54 -10.87
N LEU C 121 19.18 -17.69 -11.39
CA LEU C 121 20.08 -17.99 -12.51
C LEU C 121 21.47 -18.22 -11.96
N VAL C 122 22.14 -19.27 -12.43
CA VAL C 122 23.55 -19.44 -12.08
C VAL C 122 24.40 -19.47 -13.35
N THR C 123 25.41 -18.61 -13.38
CA THR C 123 26.41 -18.44 -14.41
C THR C 123 27.57 -19.40 -14.11
N ASP C 124 28.67 -19.33 -14.87
CA ASP C 124 29.88 -19.99 -14.43
C ASP C 124 30.61 -19.19 -13.37
N ASN C 125 30.27 -17.90 -13.22
CA ASN C 125 30.95 -17.01 -12.30
C ASN C 125 30.10 -16.56 -11.11
N ALA C 126 28.77 -16.73 -11.15
CA ALA C 126 27.86 -16.01 -10.25
C ALA C 126 26.47 -16.65 -10.20
N VAL C 127 25.72 -16.28 -9.15
CA VAL C 127 24.30 -16.61 -9.00
C VAL C 127 23.50 -15.31 -8.83
N TYR C 128 22.44 -15.17 -9.63
CA TYR C 128 21.56 -14.02 -9.64
C TYR C 128 20.17 -14.45 -9.16
N HIS C 129 19.49 -13.52 -8.48
CA HIS C 129 18.11 -13.70 -8.04
C HIS C 129 17.25 -12.70 -8.80
N TRP C 130 16.57 -13.17 -9.84
CA TRP C 130 15.73 -12.33 -10.69
C TRP C 130 14.30 -12.41 -10.17
N SER C 131 13.86 -11.33 -9.53
CA SER C 131 12.47 -11.20 -9.13
C SER C 131 11.60 -10.81 -10.32
N MET C 132 10.32 -11.17 -10.23
CA MET C 132 9.36 -10.83 -11.26
C MET C 132 8.52 -9.61 -10.93
N GLU C 133 8.81 -8.96 -9.80
CA GLU C 133 8.02 -7.82 -9.35
C GLU C 133 8.39 -6.58 -10.16
N GLY C 134 7.44 -6.09 -10.95
CA GLY C 134 7.67 -4.87 -11.71
C GLY C 134 8.51 -5.15 -12.94
N GLU C 135 9.58 -4.38 -13.09
CA GLU C 135 10.52 -4.46 -14.20
C GLU C 135 11.92 -4.75 -13.68
N SER C 136 12.01 -5.67 -12.72
CA SER C 136 13.17 -5.76 -11.82
C SER C 136 14.37 -6.41 -12.49
N GLN C 137 15.54 -6.12 -11.91
CA GLN C 137 16.82 -6.60 -12.40
C GLN C 137 17.12 -8.00 -11.87
N PRO C 138 18.03 -8.72 -12.51
CA PRO C 138 18.69 -9.84 -11.84
C PRO C 138 19.80 -9.32 -10.94
N VAL C 139 19.63 -9.52 -9.62
CA VAL C 139 20.57 -9.02 -8.63
C VAL C 139 21.53 -10.15 -8.26
N LYS C 140 22.83 -9.87 -8.40
CA LYS C 140 23.90 -10.82 -8.08
C LYS C 140 23.91 -11.11 -6.58
N MET C 141 23.76 -12.37 -6.22
CA MET C 141 23.84 -12.76 -4.81
C MET C 141 25.25 -13.14 -4.40
N PHE C 142 25.91 -13.99 -5.20
CA PHE C 142 27.31 -14.29 -4.93
C PHE C 142 28.04 -14.72 -6.18
N ASP C 143 29.34 -14.89 -6.00
CA ASP C 143 30.25 -15.46 -6.97
C ASP C 143 30.53 -16.93 -6.61
N ARG C 144 30.74 -17.73 -7.66
CA ARG C 144 30.95 -19.16 -7.48
C ARG C 144 32.35 -19.43 -6.96
N HIS C 145 32.45 -20.38 -6.03
CA HIS C 145 33.71 -20.67 -5.38
C HIS C 145 34.57 -21.59 -6.27
N SER C 146 35.88 -21.60 -5.98
CA SER C 146 36.88 -22.38 -6.70
C SER C 146 36.61 -23.88 -6.68
N SER C 147 35.93 -24.39 -5.65
CA SER C 147 35.62 -25.81 -5.52
C SER C 147 34.51 -26.28 -6.47
N LEU C 148 33.81 -25.37 -7.15
CA LEU C 148 32.65 -25.74 -7.95
C LEU C 148 32.83 -25.39 -9.42
N ALA C 149 34.01 -24.95 -9.84
CA ALA C 149 34.32 -24.85 -11.26
C ALA C 149 34.51 -26.25 -11.85
N GLY C 150 33.96 -26.45 -13.05
CA GLY C 150 33.98 -27.76 -13.66
C GLY C 150 32.92 -28.71 -13.16
N CYS C 151 31.97 -28.22 -12.36
CA CYS C 151 30.90 -29.05 -11.81
C CYS C 151 29.65 -28.91 -12.65
N GLN C 152 28.99 -30.03 -12.92
CA GLN C 152 27.65 -30.00 -13.50
C GLN C 152 26.67 -29.71 -12.38
N ILE C 153 25.93 -28.61 -12.50
CA ILE C 153 25.09 -28.12 -11.42
C ILE C 153 23.75 -28.83 -11.44
N ILE C 154 23.41 -29.50 -10.34
CA ILE C 154 22.15 -30.21 -10.22
C ILE C 154 21.09 -29.46 -9.44
N ASN C 155 21.45 -28.57 -8.52
CA ASN C 155 20.44 -27.99 -7.66
C ASN C 155 20.86 -26.62 -7.16
N TYR C 156 19.84 -25.83 -6.80
CA TYR C 156 20.03 -24.60 -6.04
C TYR C 156 18.80 -24.43 -5.17
N ARG C 157 19.00 -24.29 -3.86
CA ARG C 157 17.91 -24.17 -2.90
C ARG C 157 18.21 -23.08 -1.89
N THR C 158 17.17 -22.38 -1.47
CA THR C 158 17.27 -21.39 -0.39
C THR C 158 16.42 -21.82 0.80
N ASP C 159 16.50 -21.04 1.87
CA ASP C 159 15.58 -21.17 2.98
C ASP C 159 14.32 -20.33 2.70
N ALA C 160 13.43 -20.26 3.68
CA ALA C 160 12.14 -19.61 3.47
C ALA C 160 12.26 -18.08 3.45
N LYS C 161 13.21 -17.54 4.20
CA LYS C 161 13.44 -16.09 4.21
C LYS C 161 14.47 -15.65 3.19
N GLN C 162 15.03 -16.61 2.41
CA GLN C 162 16.04 -16.41 1.36
C GLN C 162 17.33 -15.74 1.89
N LYS C 163 17.62 -15.94 3.17
CA LYS C 163 18.80 -15.37 3.79
C LYS C 163 19.91 -16.42 3.93
N TRP C 164 19.67 -17.63 3.43
CA TRP C 164 20.66 -18.71 3.36
C TRP C 164 20.51 -19.42 2.03
N LEU C 165 21.55 -19.38 1.20
CA LEU C 165 21.48 -19.88 -0.16
C LEU C 165 22.44 -21.05 -0.32
N LEU C 166 22.08 -22.00 -1.17
CA LEU C 166 22.92 -23.19 -1.36
C LEU C 166 22.91 -23.61 -2.82
N LEU C 167 24.09 -23.58 -3.43
CA LEU C 167 24.31 -24.18 -4.74
C LEU C 167 24.84 -25.60 -4.56
N THR C 168 24.43 -26.49 -5.47
CA THR C 168 24.81 -27.89 -5.45
C THR C 168 25.19 -28.32 -6.86
N GLY C 169 26.47 -28.62 -7.08
CA GLY C 169 26.94 -29.22 -8.31
C GLY C 169 27.64 -30.54 -8.01
N ILE C 170 27.84 -31.34 -9.05
CA ILE C 170 28.53 -32.62 -8.91
C ILE C 170 29.65 -32.72 -9.94
N SER C 171 30.74 -33.36 -9.52
CA SER C 171 31.83 -33.80 -10.38
C SER C 171 31.87 -35.32 -10.29
N ALA C 172 32.39 -35.99 -11.32
CA ALA C 172 32.54 -37.43 -11.25
C ALA C 172 34.00 -37.79 -11.44
N GLN C 173 34.51 -38.57 -10.50
CA GLN C 173 35.83 -39.16 -10.64
C GLN C 173 35.67 -40.56 -11.23
N GLN C 174 36.80 -41.18 -11.58
CA GLN C 174 36.75 -42.62 -11.76
C GLN C 174 36.44 -43.27 -10.44
N ASN C 175 35.55 -44.27 -10.52
CA ASN C 175 34.82 -45.04 -9.50
C ASN C 175 33.71 -44.23 -8.81
N ARG C 176 33.54 -42.92 -9.07
CA ARG C 176 32.70 -42.19 -8.12
C ARG C 176 32.12 -40.88 -8.64
N VAL C 177 31.27 -40.26 -7.83
CA VAL C 177 30.77 -38.93 -8.13
C VAL C 177 30.71 -38.17 -6.81
N VAL C 178 31.40 -37.02 -6.77
CA VAL C 178 31.55 -36.21 -5.58
C VAL C 178 30.70 -34.95 -5.75
N GLY C 179 29.90 -34.64 -4.74
CA GLY C 179 29.11 -33.43 -4.75
C GLY C 179 29.85 -32.30 -4.06
N ALA C 180 29.82 -31.13 -4.68
CA ALA C 180 30.36 -29.92 -4.10
C ALA C 180 29.25 -28.90 -3.95
N MET C 181 29.22 -28.23 -2.79
CA MET C 181 28.13 -27.34 -2.44
C MET C 181 28.70 -26.04 -1.89
N GLN C 182 28.05 -24.94 -2.23
CA GLN C 182 28.40 -23.63 -1.71
C GLN C 182 27.23 -23.13 -0.89
N LEU C 183 27.41 -23.04 0.43
CA LEU C 183 26.39 -22.41 1.27
C LEU C 183 26.84 -20.99 1.54
N TYR C 184 25.97 -20.03 1.30
CA TYR C 184 26.25 -18.62 1.44
C TYR C 184 25.24 -18.01 2.40
N SER C 185 25.71 -17.12 3.27
CA SER C 185 24.81 -16.30 4.07
C SER C 185 24.82 -14.89 3.54
N VAL C 186 23.63 -14.31 3.33
CA VAL C 186 23.58 -12.97 2.77
C VAL C 186 23.73 -11.90 3.83
N ASP C 187 23.70 -12.26 5.11
CA ASP C 187 23.83 -11.29 6.19
C ASP C 187 25.27 -11.10 6.65
N ARG C 188 26.12 -12.10 6.41
CA ARG C 188 27.54 -11.99 6.67
C ARG C 188 28.35 -11.98 5.38
N LYS C 189 27.70 -12.17 4.22
CA LYS C 189 28.27 -12.00 2.86
C LYS C 189 29.45 -12.94 2.60
N VAL C 190 29.31 -14.19 3.02
CA VAL C 190 30.42 -15.13 3.04
C VAL C 190 29.85 -16.53 2.78
N SER C 191 30.61 -17.33 2.03
CA SER C 191 30.28 -18.71 1.73
C SER C 191 31.15 -19.67 2.54
N GLN C 192 30.74 -20.94 2.50
CA GLN C 192 31.50 -22.05 3.03
C GLN C 192 31.39 -23.17 1.99
N PRO C 193 32.51 -23.77 1.61
CA PRO C 193 32.49 -24.99 0.79
C PRO C 193 32.15 -26.20 1.64
N ILE C 194 31.06 -26.88 1.27
CA ILE C 194 30.59 -28.07 1.98
C ILE C 194 30.50 -29.21 0.96
N GLU C 195 31.05 -30.37 1.30
CA GLU C 195 30.84 -31.54 0.47
C GLU C 195 29.46 -32.10 0.76
N GLY C 196 28.57 -32.04 -0.22
CA GLY C 196 27.20 -32.48 -0.04
C GLY C 196 26.59 -32.93 -1.34
N HIS C 197 25.63 -33.86 -1.24
CA HIS C 197 24.94 -34.39 -2.40
C HIS C 197 23.51 -33.89 -2.51
N ALA C 198 22.67 -34.14 -1.52
CA ALA C 198 21.29 -33.67 -1.56
C ALA C 198 20.97 -32.90 -0.28
N ALA C 199 20.10 -31.90 -0.39
CA ALA C 199 19.87 -31.00 0.72
C ALA C 199 18.51 -30.35 0.62
N SER C 200 18.11 -29.71 1.72
CA SER C 200 16.98 -28.79 1.80
C SER C 200 17.07 -28.03 3.12
N PHE C 201 16.23 -27.01 3.23
CA PHE C 201 16.04 -26.24 4.45
C PHE C 201 14.67 -26.58 5.03
N ALA C 202 14.53 -26.30 6.32
CA ALA C 202 13.30 -26.65 7.02
C ALA C 202 13.05 -25.67 8.15
N GLN C 203 11.78 -25.45 8.45
CA GLN C 203 11.36 -24.69 9.61
C GLN C 203 10.87 -25.68 10.66
N PHE C 204 11.49 -25.66 11.84
CA PHE C 204 11.13 -26.60 12.90
C PHE C 204 11.11 -25.86 14.22
N LYS C 205 9.96 -25.87 14.88
CA LYS C 205 9.81 -25.25 16.20
C LYS C 205 10.02 -26.31 17.26
N MET C 206 11.05 -26.13 18.08
CA MET C 206 11.35 -27.08 19.15
C MET C 206 10.35 -26.94 20.29
N GLU C 207 10.31 -27.95 21.14
CA GLU C 207 9.35 -28.00 22.24
C GLU C 207 9.77 -27.03 23.33
N GLY C 208 8.88 -26.10 23.68
CA GLY C 208 9.20 -25.09 24.65
C GLY C 208 10.03 -23.94 24.12
N ASN C 209 9.98 -23.69 22.82
CA ASN C 209 10.75 -22.63 22.18
C ASN C 209 9.80 -21.56 21.65
N ALA C 210 10.32 -20.34 21.52
CA ALA C 210 9.51 -19.18 21.16
C ALA C 210 9.09 -19.19 19.70
N GLU C 211 10.06 -19.06 18.79
CA GLU C 211 9.77 -19.05 17.37
C GLU C 211 10.39 -20.29 16.71
N GLU C 212 10.33 -20.32 15.37
CA GLU C 212 10.85 -21.46 14.64
C GLU C 212 12.36 -21.37 14.47
N SER C 213 12.99 -22.53 14.44
CA SER C 213 14.41 -22.64 14.13
C SER C 213 14.56 -23.01 12.65
N THR C 214 15.42 -22.27 11.95
CA THR C 214 15.72 -22.53 10.55
C THR C 214 16.85 -23.54 10.49
N LEU C 215 16.55 -24.75 10.02
CA LEU C 215 17.52 -25.83 9.96
C LEU C 215 17.93 -26.09 8.53
N PHE C 216 19.21 -26.37 8.34
CA PHE C 216 19.80 -26.81 7.09
C PHE C 216 20.11 -28.29 7.24
N CYS C 217 19.58 -29.10 6.32
CA CYS C 217 19.74 -30.55 6.36
C CYS C 217 20.33 -31.01 5.03
N PHE C 218 21.32 -31.91 5.12
CA PHE C 218 21.92 -32.44 3.90
C PHE C 218 22.47 -33.84 4.13
N ALA C 219 22.48 -34.62 3.05
CA ALA C 219 23.03 -35.96 3.02
C ALA C 219 24.13 -36.04 1.98
N VAL C 220 25.25 -36.67 2.37
CA VAL C 220 26.43 -36.83 1.53
C VAL C 220 26.96 -38.25 1.72
N ARG C 221 27.28 -38.92 0.63
CA ARG C 221 27.99 -40.20 0.66
C ARG C 221 29.28 -39.97 -0.15
N GLY C 222 29.87 -38.81 0.12
CA GLY C 222 31.09 -38.43 -0.54
C GLY C 222 32.27 -39.24 -0.07
N GLN C 223 32.43 -39.40 1.23
CA GLN C 223 33.37 -40.38 1.72
C GLN C 223 32.74 -41.11 2.90
N ALA C 224 33.28 -42.31 3.16
CA ALA C 224 32.93 -43.32 4.17
C ALA C 224 31.57 -43.94 3.92
N GLY C 225 30.82 -44.20 4.99
CA GLY C 225 29.40 -44.39 4.88
C GLY C 225 28.70 -43.10 4.49
N GLY C 226 27.42 -43.26 4.15
CA GLY C 226 26.60 -42.08 3.97
C GLY C 226 26.41 -41.38 5.30
N LYS C 227 26.33 -40.06 5.26
CA LYS C 227 26.20 -39.25 6.45
C LYS C 227 25.23 -38.12 6.14
N LEU C 228 24.16 -38.03 6.93
CA LEU C 228 23.24 -36.90 6.91
C LEU C 228 23.48 -36.07 8.15
N HIS C 229 23.45 -34.75 7.98
CA HIS C 229 23.64 -33.80 9.05
C HIS C 229 22.46 -32.84 9.08
N ILE C 230 22.00 -32.53 10.30
CA ILE C 230 20.94 -31.55 10.56
C ILE C 230 21.51 -30.51 11.51
N ILE C 231 21.70 -29.27 11.02
CA ILE C 231 22.29 -28.17 11.79
C ILE C 231 21.41 -26.94 11.66
N GLU C 232 21.21 -26.22 12.76
CA GLU C 232 20.65 -24.87 12.68
C GLU C 232 21.66 -23.90 12.05
N VAL C 233 21.18 -23.04 11.16
CA VAL C 233 22.00 -22.00 10.55
C VAL C 233 21.60 -20.64 11.10
N GLY C 234 22.60 -19.80 11.37
CA GLY C 234 22.39 -18.50 11.95
C GLY C 234 22.39 -18.55 13.46
N THR C 235 22.48 -17.35 14.05
CA THR C 235 22.27 -17.22 15.48
C THR C 235 20.80 -17.51 15.79
N PRO C 236 20.52 -18.21 16.90
CA PRO C 236 19.13 -18.54 17.21
C PRO C 236 18.35 -17.30 17.60
N PRO C 237 17.04 -17.25 17.33
CA PRO C 237 16.23 -16.12 17.78
C PRO C 237 16.06 -16.06 19.29
N THR C 238 15.36 -15.03 19.75
CA THR C 238 15.34 -14.75 21.17
C THR C 238 14.24 -15.54 21.87
N GLY C 239 14.59 -16.10 23.03
CA GLY C 239 13.74 -17.10 23.66
C GLY C 239 13.85 -18.48 23.07
N ASN C 240 14.93 -18.78 22.35
CA ASN C 240 15.09 -20.07 21.70
C ASN C 240 16.32 -20.78 22.24
N GLN C 241 16.15 -22.05 22.55
CA GLN C 241 17.28 -22.92 22.77
C GLN C 241 17.85 -23.37 21.42
N PRO C 242 19.16 -23.45 21.28
CA PRO C 242 19.74 -23.85 19.98
C PRO C 242 19.52 -25.32 19.67
N PHE C 243 19.40 -25.60 18.38
CA PHE C 243 19.17 -26.96 17.93
C PHE C 243 20.45 -27.78 18.04
N PRO C 244 20.42 -28.93 18.70
CA PRO C 244 21.63 -29.76 18.79
C PRO C 244 21.90 -30.46 17.46
N LYS C 245 23.18 -30.50 17.09
CA LYS C 245 23.58 -31.02 15.77
C LYS C 245 23.38 -32.52 15.69
N LYS C 246 22.78 -32.96 14.58
CA LYS C 246 22.56 -34.39 14.36
C LYS C 246 23.41 -34.89 13.21
N ALA C 247 24.02 -36.07 13.40
CA ALA C 247 24.89 -36.70 12.41
C ALA C 247 24.58 -38.20 12.38
N VAL C 248 23.98 -38.66 11.28
CA VAL C 248 23.38 -39.99 11.18
C VAL C 248 23.96 -40.67 9.94
N ASP C 249 24.39 -41.94 10.09
CA ASP C 249 24.83 -42.71 8.95
C ASP C 249 23.67 -43.06 8.02
N VAL C 250 23.84 -42.67 6.76
CA VAL C 250 23.00 -43.05 5.64
C VAL C 250 23.55 -44.36 5.08
N PHE C 251 22.76 -45.42 5.23
CA PHE C 251 23.08 -46.77 4.83
C PHE C 251 23.04 -46.89 3.31
N PHE C 252 24.07 -47.48 2.75
CA PHE C 252 24.06 -47.94 1.36
C PHE C 252 24.51 -49.40 1.31
N PRO C 253 23.71 -50.29 0.74
CA PRO C 253 24.07 -51.71 0.71
C PRO C 253 25.11 -51.99 -0.36
N PRO C 254 25.79 -53.15 -0.31
CA PRO C 254 26.74 -53.50 -1.40
C PRO C 254 26.08 -53.82 -2.75
N GLU C 255 24.76 -53.97 -2.81
CA GLU C 255 24.02 -53.97 -4.06
C GLU C 255 24.04 -52.61 -4.75
N ALA C 256 24.29 -51.54 -4.00
CA ALA C 256 24.33 -50.17 -4.51
C ALA C 256 25.69 -49.57 -4.17
N GLN C 257 26.74 -50.03 -4.84
CA GLN C 257 28.10 -49.67 -4.46
C GLN C 257 28.48 -48.26 -4.91
N ASN C 258 28.01 -47.80 -6.06
CA ASN C 258 28.33 -46.46 -6.55
C ASN C 258 27.13 -45.50 -6.44
N ASP C 259 26.21 -45.78 -5.51
CA ASP C 259 25.02 -44.96 -5.29
C ASP C 259 25.33 -43.81 -4.34
N PHE C 260 24.47 -42.79 -4.38
CA PHE C 260 24.62 -41.50 -3.73
C PHE C 260 23.29 -40.74 -3.88
N PRO C 261 22.96 -39.81 -2.97
CA PRO C 261 21.63 -39.17 -3.00
C PRO C 261 21.43 -38.20 -4.17
N VAL C 262 20.23 -38.26 -4.76
CA VAL C 262 19.88 -37.33 -5.85
C VAL C 262 19.17 -36.10 -5.32
N ALA C 263 18.30 -36.27 -4.32
CA ALA C 263 17.24 -35.31 -4.10
C ALA C 263 16.71 -35.47 -2.69
N MET C 264 16.02 -34.44 -2.24
CA MET C 264 15.58 -34.38 -0.85
C MET C 264 14.44 -33.39 -0.74
N GLN C 265 13.34 -33.81 -0.13
CA GLN C 265 12.28 -32.88 0.25
C GLN C 265 11.89 -33.12 1.69
N ILE C 266 11.52 -32.04 2.36
CA ILE C 266 11.14 -32.04 3.76
C ILE C 266 9.64 -31.83 3.84
N SER C 267 8.92 -32.79 4.43
CA SER C 267 7.57 -32.55 4.85
C SER C 267 7.59 -31.83 6.19
N GLU C 268 6.88 -30.70 6.29
CA GLU C 268 6.83 -29.94 7.53
C GLU C 268 5.55 -30.18 8.31
N LYS C 269 4.59 -30.92 7.75
CA LYS C 269 3.43 -31.34 8.52
C LYS C 269 3.81 -32.43 9.51
N HIS C 270 4.73 -33.31 9.13
CA HIS C 270 5.14 -34.42 9.98
C HIS C 270 6.57 -34.27 10.50
N ASP C 271 7.31 -33.26 10.02
CA ASP C 271 8.73 -32.98 10.33
C ASP C 271 9.60 -34.20 10.06
N VAL C 272 9.72 -34.48 8.76
CA VAL C 272 10.16 -35.77 8.24
C VAL C 272 10.98 -35.52 6.98
N VAL C 273 12.15 -36.14 6.87
CA VAL C 273 13.04 -36.00 5.72
C VAL C 273 12.82 -37.19 4.77
N PHE C 274 12.48 -36.90 3.52
CA PHE C 274 12.52 -37.86 2.44
C PHE C 274 13.83 -37.70 1.68
N LEU C 275 14.51 -38.80 1.38
CA LEU C 275 15.75 -38.76 0.61
C LEU C 275 15.75 -39.90 -0.38
N ILE C 276 15.92 -39.58 -1.66
CA ILE C 276 16.04 -40.60 -2.70
C ILE C 276 17.48 -40.59 -3.20
N THR C 277 17.98 -41.76 -3.58
CA THR C 277 19.31 -41.88 -4.17
C THR C 277 19.22 -42.15 -5.66
N LYS C 278 20.40 -42.31 -6.31
CA LYS C 278 20.46 -42.43 -7.77
C LYS C 278 19.89 -43.74 -8.27
N TYR C 279 19.92 -44.80 -7.45
CA TYR C 279 19.49 -46.08 -7.97
C TYR C 279 18.05 -46.38 -7.57
N GLY C 280 17.33 -45.35 -7.10
CA GLY C 280 15.92 -45.48 -6.83
C GLY C 280 15.57 -45.90 -5.42
N TYR C 281 16.42 -45.60 -4.44
CA TYR C 281 16.18 -46.00 -3.05
C TYR C 281 15.52 -44.86 -2.29
N ILE C 282 14.38 -45.18 -1.64
CA ILE C 282 13.71 -44.34 -0.66
C ILE C 282 14.37 -44.51 0.71
N HIS C 283 14.62 -43.36 1.35
CA HIS C 283 15.15 -43.22 2.69
C HIS C 283 14.23 -42.24 3.42
N LEU C 284 13.77 -42.60 4.61
CA LEU C 284 12.95 -41.73 5.44
C LEU C 284 13.59 -41.56 6.80
N TYR C 285 13.83 -40.29 7.17
CA TYR C 285 14.41 -39.89 8.44
C TYR C 285 13.44 -39.01 9.21
N ASP C 286 13.65 -38.95 10.53
CA ASP C 286 13.04 -37.90 11.33
C ASP C 286 13.88 -36.63 11.22
N LEU C 287 13.20 -35.49 11.24
CA LEU C 287 13.91 -34.21 11.19
C LEU C 287 14.51 -33.84 12.54
N GLU C 288 13.92 -34.30 13.63
CA GLU C 288 14.39 -33.84 14.94
C GLU C 288 15.59 -34.64 15.43
N THR C 289 15.52 -35.98 15.35
CA THR C 289 16.61 -36.81 15.86
C THR C 289 17.49 -37.39 14.78
N GLY C 290 17.04 -37.43 13.53
CA GLY C 290 17.83 -37.95 12.47
C GLY C 290 17.69 -39.43 12.19
N THR C 291 16.94 -40.16 13.04
CA THR C 291 16.79 -41.62 12.99
C THR C 291 16.26 -42.12 11.66
N CYS C 292 16.78 -43.25 11.20
CA CYS C 292 16.23 -43.82 9.99
C CYS C 292 14.99 -44.64 10.30
N ILE C 293 13.84 -44.09 9.99
CA ILE C 293 12.60 -44.83 10.08
C ILE C 293 12.50 -45.85 8.95
N TYR C 294 12.90 -45.49 7.73
CA TYR C 294 12.53 -46.37 6.61
C TYR C 294 13.55 -46.35 5.48
N MET C 295 13.74 -47.51 4.85
CA MET C 295 14.61 -47.68 3.68
C MET C 295 14.07 -48.77 2.77
N ASN C 296 13.96 -48.47 1.46
CA ASN C 296 13.49 -49.43 0.46
C ASN C 296 13.91 -48.95 -0.93
N ARG C 297 13.60 -49.74 -1.96
CA ARG C 297 13.69 -49.30 -3.35
C ARG C 297 12.31 -48.98 -3.90
N ILE C 298 12.21 -47.92 -4.71
CA ILE C 298 10.92 -47.46 -5.19
C ILE C 298 10.89 -47.26 -6.70
N SER C 299 12.03 -47.42 -7.37
CA SER C 299 12.10 -47.24 -8.83
C SER C 299 13.32 -47.96 -9.38
N GLY C 300 13.24 -48.31 -10.67
CA GLY C 300 14.29 -49.10 -11.29
C GLY C 300 15.55 -48.30 -11.57
N GLU C 301 15.41 -47.07 -12.06
CA GLU C 301 16.55 -46.19 -12.25
C GLU C 301 16.14 -44.81 -11.75
N THR C 302 16.84 -43.77 -12.22
CA THR C 302 17.08 -42.56 -11.44
C THR C 302 15.91 -41.60 -11.51
N ILE C 303 15.37 -41.26 -10.34
CA ILE C 303 14.48 -40.11 -10.24
C ILE C 303 15.35 -38.87 -10.27
N PHE C 304 15.37 -38.20 -11.43
CA PHE C 304 16.27 -37.09 -11.64
C PHE C 304 15.72 -35.79 -11.08
N VAL C 305 14.40 -35.63 -11.06
CA VAL C 305 13.77 -34.41 -10.52
C VAL C 305 12.67 -34.82 -9.55
N THR C 306 12.62 -34.09 -8.42
CA THR C 306 11.56 -34.20 -7.42
C THR C 306 11.05 -32.81 -7.08
N ALA C 307 9.93 -32.81 -6.37
CA ALA C 307 9.21 -31.61 -5.95
C ALA C 307 8.45 -31.95 -4.68
N PRO C 308 8.10 -30.96 -3.86
CA PRO C 308 7.18 -31.22 -2.75
C PRO C 308 5.79 -31.55 -3.25
N HIS C 309 5.25 -32.68 -2.79
CA HIS C 309 3.85 -33.02 -3.02
C HIS C 309 3.03 -32.25 -1.99
N GLU C 310 2.28 -31.25 -2.49
CA GLU C 310 1.56 -30.32 -1.63
C GLU C 310 0.35 -30.98 -0.97
N ALA C 311 -0.35 -31.85 -1.70
CA ALA C 311 -1.62 -32.40 -1.24
C ALA C 311 -1.46 -33.45 -0.14
N THR C 312 -0.32 -34.13 -0.10
CA THR C 312 -0.08 -35.18 0.89
C THR C 312 0.98 -34.81 1.92
N ALA C 313 1.60 -33.64 1.77
CA ALA C 313 2.87 -33.24 2.41
C ALA C 313 3.91 -34.34 2.25
N GLY C 314 4.38 -34.49 1.02
CA GLY C 314 5.29 -35.57 0.66
C GLY C 314 6.23 -35.13 -0.44
N ILE C 315 6.65 -36.09 -1.24
CA ILE C 315 7.58 -35.84 -2.34
C ILE C 315 7.04 -36.53 -3.59
N ILE C 316 7.08 -35.83 -4.72
CA ILE C 316 6.70 -36.41 -6.00
C ILE C 316 7.90 -36.27 -6.93
N GLY C 317 8.08 -37.26 -7.81
CA GLY C 317 9.27 -37.30 -8.63
C GLY C 317 9.05 -38.01 -9.94
N VAL C 318 9.95 -37.76 -10.88
CA VAL C 318 9.90 -38.35 -12.21
C VAL C 318 11.16 -39.18 -12.41
N ASN C 319 11.00 -40.47 -12.71
CA ASN C 319 12.21 -41.22 -13.00
C ASN C 319 12.59 -41.12 -14.48
N ARG C 320 13.77 -41.67 -14.82
CA ARG C 320 14.32 -41.58 -16.18
C ARG C 320 13.57 -42.48 -17.17
N LYS C 321 12.69 -43.34 -16.69
CA LYS C 321 11.60 -43.83 -17.52
C LYS C 321 10.27 -43.34 -17.02
N GLY C 322 10.16 -42.02 -16.84
CA GLY C 322 8.91 -41.30 -16.86
C GLY C 322 7.78 -41.61 -15.91
N GLN C 323 7.95 -42.55 -14.97
CA GLN C 323 6.94 -42.72 -13.94
C GLN C 323 6.97 -41.50 -13.02
N VAL C 324 5.78 -40.94 -12.80
CA VAL C 324 5.55 -39.88 -11.83
C VAL C 324 5.04 -40.59 -10.59
N LEU C 325 5.87 -40.65 -9.56
CA LEU C 325 5.54 -41.38 -8.34
C LEU C 325 5.59 -40.44 -7.15
N SER C 326 4.73 -40.73 -6.18
CA SER C 326 4.63 -39.95 -4.96
C SER C 326 4.86 -40.84 -3.75
N VAL C 327 5.66 -40.33 -2.83
CA VAL C 327 5.97 -40.96 -1.56
C VAL C 327 5.59 -39.98 -0.46
N CYS C 328 4.73 -40.42 0.46
CA CYS C 328 4.35 -39.59 1.59
C CYS C 328 4.20 -40.45 2.83
N VAL C 329 4.23 -39.77 3.97
CA VAL C 329 3.95 -40.34 5.28
C VAL C 329 2.50 -40.82 5.30
N GLU C 330 2.31 -42.13 5.37
CA GLU C 330 1.01 -42.68 5.70
C GLU C 330 0.77 -42.40 7.17
N GLU C 331 -0.14 -41.46 7.44
CA GLU C 331 -0.20 -40.80 8.73
C GLU C 331 -0.79 -41.68 9.82
N GLU C 332 -1.66 -42.62 9.47
CA GLU C 332 -2.34 -43.42 10.46
C GLU C 332 -1.55 -44.65 10.87
N ASN C 333 -0.45 -44.94 10.17
CA ASN C 333 0.28 -46.19 10.38
C ASN C 333 1.77 -46.06 10.67
N ILE C 334 2.33 -44.87 10.87
CA ILE C 334 3.75 -44.76 11.18
C ILE C 334 3.99 -44.68 12.69
N ILE C 335 2.97 -44.32 13.50
CA ILE C 335 3.05 -44.60 14.95
C ILE C 335 3.10 -46.10 15.25
N PRO C 336 2.22 -46.99 14.69
CA PRO C 336 2.43 -48.43 14.89
C PRO C 336 3.71 -48.99 14.24
N TYR C 337 4.19 -48.36 13.16
CA TYR C 337 5.43 -48.77 12.54
C TYR C 337 6.64 -48.47 13.44
N ILE C 338 6.67 -47.28 14.08
CA ILE C 338 7.81 -46.98 14.96
C ILE C 338 7.69 -47.70 16.34
N THR C 339 6.46 -47.88 16.87
CA THR C 339 6.30 -48.66 18.11
C THR C 339 6.64 -50.13 17.92
N ASN C 340 6.36 -50.71 16.75
CA ASN C 340 6.46 -52.16 16.65
C ASN C 340 7.60 -52.67 15.80
N VAL C 341 7.79 -52.12 14.60
CA VAL C 341 8.82 -52.67 13.72
C VAL C 341 10.19 -52.13 14.09
N LEU C 342 10.26 -50.86 14.47
CA LEU C 342 11.50 -50.25 14.96
C LEU C 342 11.71 -50.49 16.45
N GLN C 343 10.61 -50.77 17.18
CA GLN C 343 10.58 -50.96 18.64
C GLN C 343 11.16 -49.76 19.40
N ASN C 344 10.80 -48.56 18.95
CA ASN C 344 11.25 -47.30 19.54
C ASN C 344 10.02 -46.54 20.01
N PRO C 345 9.50 -46.85 21.20
CA PRO C 345 8.25 -46.19 21.65
C PRO C 345 8.43 -44.75 22.10
N ASP C 346 9.65 -44.34 22.47
CA ASP C 346 9.91 -42.96 22.89
C ASP C 346 9.78 -42.00 21.72
N LEU C 347 10.32 -42.38 20.56
CA LEU C 347 10.25 -41.54 19.36
C LEU C 347 8.82 -41.48 18.81
N ALA C 348 8.08 -42.60 18.88
CA ALA C 348 6.71 -42.59 18.38
C ALA C 348 5.76 -41.84 19.29
N LEU C 349 6.05 -41.83 20.61
CA LEU C 349 5.38 -40.92 21.52
C LEU C 349 5.68 -39.47 21.18
N ARG C 350 6.95 -39.18 20.82
CA ARG C 350 7.34 -37.78 20.59
C ARG C 350 6.82 -37.25 19.26
N MET C 351 6.71 -38.10 18.24
CA MET C 351 5.98 -37.67 17.05
C MET C 351 4.47 -37.60 17.30
N ALA C 352 3.94 -38.45 18.20
CA ALA C 352 2.52 -38.38 18.56
C ALA C 352 2.14 -37.09 19.28
N VAL C 353 3.03 -36.53 20.09
CA VAL C 353 2.72 -35.22 20.64
C VAL C 353 3.00 -34.10 19.62
N ARG C 354 4.06 -34.27 18.81
CA ARG C 354 4.56 -33.19 17.97
C ARG C 354 3.63 -32.85 16.80
N ASN C 355 3.21 -33.86 16.03
CA ASN C 355 2.42 -33.64 14.83
C ASN C 355 0.96 -34.02 15.01
N ASN C 356 0.56 -34.39 16.24
CA ASN C 356 -0.82 -34.69 16.66
C ASN C 356 -1.43 -35.85 15.86
N LEU C 357 -0.68 -36.95 15.81
CA LEU C 357 -1.12 -38.19 15.19
C LEU C 357 -1.33 -39.26 16.27
N ALA C 358 -2.57 -39.68 16.46
CA ALA C 358 -2.88 -40.71 17.47
C ALA C 358 -3.08 -42.07 16.82
N ILE D 4 8.18 -16.88 35.49
CA ILE D 4 8.15 -15.46 35.81
C ILE D 4 9.49 -14.83 35.46
N LEU D 5 9.43 -13.78 34.64
CA LEU D 5 10.58 -12.97 34.30
C LEU D 5 10.18 -11.50 34.46
N PRO D 6 11.02 -10.68 35.10
CA PRO D 6 10.58 -9.34 35.52
C PRO D 6 10.60 -8.29 34.42
N ILE D 7 11.14 -8.60 33.25
CA ILE D 7 11.17 -7.67 32.14
C ILE D 7 10.17 -8.17 31.11
N ARG D 8 9.58 -7.24 30.38
CA ARG D 8 8.66 -7.59 29.32
C ARG D 8 9.25 -7.13 28.00
N PHE D 9 9.37 -8.10 27.09
CA PHE D 9 9.83 -7.91 25.72
C PHE D 9 8.63 -7.68 24.83
N GLN D 10 8.81 -6.83 23.82
CA GLN D 10 7.79 -6.71 22.77
C GLN D 10 8.45 -6.33 21.47
N GLU D 11 8.14 -7.06 20.40
CA GLU D 11 8.46 -6.61 19.06
C GLU D 11 7.31 -5.75 18.55
N HIS D 12 7.63 -4.53 18.14
CA HIS D 12 6.61 -3.60 17.63
C HIS D 12 6.51 -3.76 16.12
N LEU D 13 7.56 -3.41 15.40
CA LEU D 13 7.67 -3.61 13.96
C LEU D 13 9.04 -4.17 13.61
N GLN D 14 9.12 -4.71 12.39
CA GLN D 14 10.36 -4.97 11.67
C GLN D 14 10.29 -4.16 10.38
N LEU D 15 11.34 -3.38 10.08
CA LEU D 15 11.26 -2.35 9.06
C LEU D 15 11.09 -2.87 7.63
N GLN D 16 11.51 -4.10 7.35
CA GLN D 16 11.39 -4.63 6.00
C GLN D 16 9.99 -5.13 5.65
N ASN D 17 9.02 -5.02 6.57
CA ASN D 17 7.60 -5.11 6.19
C ASN D 17 7.12 -3.87 5.43
N LEU D 18 7.82 -2.75 5.54
CA LEU D 18 7.46 -1.51 4.88
C LEU D 18 8.41 -1.16 3.73
N GLY D 19 9.28 -2.09 3.33
CA GLY D 19 10.08 -1.94 2.14
C GLY D 19 11.29 -1.05 2.31
N ILE D 20 12.07 -1.25 3.38
CA ILE D 20 13.30 -0.50 3.61
C ILE D 20 14.48 -1.45 3.47
N ASN D 21 15.42 -1.08 2.60
CA ASN D 21 16.55 -1.94 2.27
C ASN D 21 17.55 -1.97 3.43
N PRO D 22 18.13 -3.15 3.73
CA PRO D 22 18.98 -3.26 4.93
C PRO D 22 20.34 -2.60 4.82
N ALA D 23 20.71 -2.05 3.67
CA ALA D 23 21.95 -1.28 3.57
C ALA D 23 21.83 0.09 4.22
N ASN D 24 20.61 0.58 4.46
CA ASN D 24 20.41 1.86 5.11
C ASN D 24 19.78 1.73 6.50
N ILE D 25 19.68 0.51 7.03
CA ILE D 25 19.36 0.31 8.45
C ILE D 25 20.70 0.27 9.17
N GLY D 26 21.14 1.44 9.61
CA GLY D 26 22.43 1.56 10.26
C GLY D 26 22.53 2.88 11.01
N PHE D 27 23.66 3.06 11.69
CA PHE D 27 23.87 4.20 12.57
C PHE D 27 23.97 5.52 11.80
N SER D 28 24.55 5.49 10.59
CA SER D 28 24.70 6.69 9.80
C SER D 28 23.42 7.10 9.08
N THR D 29 22.48 6.18 8.89
CA THR D 29 21.33 6.43 8.03
C THR D 29 19.98 6.32 8.73
N LEU D 30 19.90 5.70 9.90
CA LEU D 30 18.66 5.61 10.65
C LEU D 30 18.81 6.37 11.96
N THR D 31 17.83 7.22 12.26
CA THR D 31 17.80 7.98 13.51
C THR D 31 16.46 7.79 14.19
N MET D 32 16.48 7.76 15.52
CA MET D 32 15.27 7.55 16.32
C MET D 32 15.47 8.29 17.65
N GLU D 33 15.08 9.57 17.67
CA GLU D 33 15.37 10.42 18.81
C GLU D 33 14.39 10.22 19.96
N SER D 34 13.18 9.77 19.67
CA SER D 34 12.22 9.36 20.68
C SER D 34 11.47 8.15 20.13
N ASP D 35 10.45 7.69 20.87
CA ASP D 35 9.67 6.54 20.44
C ASP D 35 8.54 6.90 19.48
N LYS D 36 8.54 8.11 18.92
CA LYS D 36 7.46 8.59 18.08
C LYS D 36 7.75 8.49 16.59
N PHE D 37 9.00 8.67 16.16
CA PHE D 37 9.32 8.70 14.73
C PHE D 37 10.63 7.97 14.45
N ILE D 38 10.72 7.39 13.26
CA ILE D 38 11.95 6.81 12.75
C ILE D 38 12.23 7.41 11.37
N CYS D 39 13.45 7.91 11.16
CA CYS D 39 13.84 8.56 9.91
C CYS D 39 14.98 7.80 9.27
N ILE D 40 14.74 7.26 8.07
CA ILE D 40 15.72 6.48 7.33
C ILE D 40 16.05 7.23 6.06
N ARG D 41 17.28 7.72 5.94
CA ARG D 41 17.72 8.31 4.69
C ARG D 41 18.10 7.21 3.71
N GLU D 42 17.47 7.23 2.54
CA GLU D 42 17.64 6.21 1.51
C GLU D 42 17.94 6.87 0.18
N LYS D 43 18.14 6.03 -0.83
CA LYS D 43 18.38 6.49 -2.20
C LYS D 43 17.79 5.48 -3.15
N VAL D 44 16.86 5.93 -4.00
CA VAL D 44 16.35 5.11 -5.09
C VAL D 44 16.96 5.64 -6.39
N GLY D 45 17.70 4.78 -7.08
CA GLY D 45 18.53 5.22 -8.20
C GLY D 45 19.67 6.09 -7.68
N GLU D 46 19.71 7.33 -8.17
CA GLU D 46 20.57 8.36 -7.62
C GLU D 46 19.76 9.51 -7.01
N GLN D 47 18.55 9.20 -6.52
CA GLN D 47 17.67 10.20 -5.92
C GLN D 47 17.52 9.88 -4.43
N ALA D 48 18.02 10.79 -3.59
CA ALA D 48 18.06 10.58 -2.15
C ALA D 48 16.79 11.12 -1.49
N GLN D 49 16.16 10.29 -0.66
CA GLN D 49 14.92 10.63 0.01
C GLN D 49 15.03 10.25 1.48
N VAL D 50 14.03 10.64 2.28
CA VAL D 50 13.96 10.22 3.68
C VAL D 50 12.62 9.54 3.93
N VAL D 51 12.64 8.48 4.73
CA VAL D 51 11.45 7.75 5.14
C VAL D 51 11.14 8.16 6.56
N ILE D 52 9.99 8.79 6.77
CA ILE D 52 9.52 9.20 8.09
C ILE D 52 8.39 8.27 8.50
N ILE D 53 8.61 7.53 9.58
CA ILE D 53 7.64 6.57 10.11
C ILE D 53 7.10 7.12 11.41
N ASP D 54 5.81 7.48 11.38
CA ASP D 54 5.03 7.75 12.58
C ASP D 54 4.70 6.43 13.25
N MET D 55 5.05 6.30 14.54
CA MET D 55 4.95 5.02 15.22
C MET D 55 3.53 4.66 15.66
N ASN D 56 2.57 5.56 15.51
CA ASN D 56 1.18 5.25 15.80
C ASN D 56 0.35 5.05 14.53
N ASP D 57 0.89 5.40 13.37
CA ASP D 57 0.34 5.00 12.07
C ASP D 57 1.48 4.49 11.20
N PRO D 58 1.98 3.28 11.47
CA PRO D 58 3.24 2.84 10.85
C PRO D 58 3.09 2.27 9.45
N SER D 59 1.87 2.10 8.95
CA SER D 59 1.67 1.45 7.66
C SER D 59 1.93 2.39 6.49
N ASN D 60 1.78 3.70 6.69
CA ASN D 60 1.95 4.69 5.63
C ASN D 60 3.06 5.65 6.02
N PRO D 61 4.30 5.37 5.65
CA PRO D 61 5.39 6.32 5.90
C PRO D 61 5.39 7.44 4.86
N ILE D 62 6.27 8.40 5.10
CA ILE D 62 6.33 9.61 4.28
C ILE D 62 7.69 9.65 3.60
N ARG D 63 7.68 9.69 2.27
CA ARG D 63 8.90 9.66 1.46
C ARG D 63 8.97 10.97 0.68
N ARG D 64 9.88 11.86 1.08
CA ARG D 64 10.12 13.11 0.38
C ARG D 64 11.59 13.19 -0.01
N PRO D 65 11.90 13.81 -1.17
CA PRO D 65 13.30 13.93 -1.58
C PRO D 65 14.06 14.95 -0.75
N ILE D 66 15.29 14.59 -0.37
CA ILE D 66 16.15 15.45 0.46
C ILE D 66 17.49 15.71 -0.22
N SER D 67 18.20 16.69 0.33
CA SER D 67 19.58 17.00 0.01
C SER D 67 20.34 17.24 1.31
N ALA D 68 20.38 16.22 2.16
CA ALA D 68 20.95 16.35 3.50
C ALA D 68 21.86 15.17 3.82
N ASP D 69 22.85 15.40 4.68
CA ASP D 69 23.71 14.31 5.14
C ASP D 69 23.32 13.79 6.52
N SER D 70 22.30 14.36 7.15
CA SER D 70 21.69 13.83 8.37
C SER D 70 20.30 14.41 8.54
N ALA D 71 19.41 13.56 9.06
CA ALA D 71 18.01 13.89 9.35
C ALA D 71 17.68 13.38 10.75
N ILE D 72 17.23 14.27 11.63
CA ILE D 72 16.75 13.88 12.95
C ILE D 72 15.41 14.55 13.22
N MET D 73 14.47 13.78 13.76
CA MET D 73 13.15 14.28 14.09
C MET D 73 13.12 14.76 15.55
N ASN D 74 12.33 15.82 15.78
CA ASN D 74 12.05 16.34 17.11
C ASN D 74 11.39 15.26 17.98
N PRO D 75 11.71 15.21 19.28
CA PRO D 75 11.15 14.14 20.13
C PRO D 75 9.66 14.26 20.41
N ALA D 76 9.06 15.44 20.29
CA ALA D 76 7.65 15.64 20.61
C ALA D 76 6.80 15.98 19.39
N SER D 77 7.23 16.94 18.58
CA SER D 77 6.47 17.37 17.42
C SER D 77 7.03 16.71 16.16
N LYS D 78 6.22 16.73 15.09
CA LYS D 78 6.67 16.28 13.77
C LYS D 78 7.44 17.42 13.11
N VAL D 79 8.68 17.60 13.56
CA VAL D 79 9.55 18.69 13.14
C VAL D 79 10.90 18.08 12.82
N ILE D 80 11.35 18.24 11.59
CA ILE D 80 12.58 17.59 11.14
C ILE D 80 13.71 18.62 11.17
N ALA D 81 14.92 18.12 11.42
CA ALA D 81 16.16 18.87 11.36
C ALA D 81 17.05 18.17 10.36
N LEU D 82 17.50 18.91 9.34
CA LEU D 82 18.33 18.34 8.27
C LEU D 82 19.58 19.18 8.08
N LYS D 83 20.69 18.52 7.81
CA LYS D 83 21.94 19.25 7.66
C LYS D 83 22.72 18.81 6.43
N ALA D 84 23.42 19.78 5.85
CA ALA D 84 24.31 19.57 4.70
C ALA D 84 25.60 20.31 5.00
N GLY D 85 26.61 19.58 5.50
CA GLY D 85 27.89 20.16 5.85
C GLY D 85 27.82 21.07 7.05
N LYS D 86 27.81 22.37 6.79
CA LYS D 86 27.57 23.38 7.83
C LYS D 86 26.19 23.97 7.76
N THR D 87 25.49 23.80 6.64
CA THR D 87 24.13 24.30 6.49
C THR D 87 23.18 23.45 7.33
N LEU D 88 22.39 24.11 8.18
CA LEU D 88 21.42 23.41 9.02
C LEU D 88 20.06 24.05 8.82
N GLN D 89 19.02 23.21 8.81
CA GLN D 89 17.67 23.69 8.53
C GLN D 89 16.66 22.91 9.37
N ILE D 90 15.64 23.63 9.86
CA ILE D 90 14.58 23.09 10.69
C ILE D 90 13.26 23.34 9.98
N PHE D 91 12.48 22.26 9.78
CA PHE D 91 11.23 22.28 9.03
C PHE D 91 10.08 21.71 9.85
N ASN D 92 8.90 22.29 9.70
CA ASN D 92 7.64 21.68 10.13
C ASN D 92 7.09 20.88 8.96
N ILE D 93 6.93 19.57 9.15
CA ILE D 93 6.50 18.70 8.06
C ILE D 93 4.99 18.85 7.81
N GLU D 94 4.20 18.99 8.88
CA GLU D 94 2.76 19.15 8.76
C GLU D 94 2.38 20.48 8.09
N MET D 95 3.20 21.51 8.28
CA MET D 95 2.96 22.79 7.63
C MET D 95 3.70 22.93 6.30
N LYS D 96 4.63 22.01 6.00
CA LYS D 96 5.57 22.06 4.86
C LYS D 96 6.33 23.39 4.83
N SER D 97 6.81 23.81 6.01
CA SER D 97 7.30 25.15 6.22
C SER D 97 8.67 25.10 6.88
N LYS D 98 9.59 25.92 6.39
CA LYS D 98 10.90 26.06 7.02
C LYS D 98 10.76 26.96 8.24
N MET D 99 11.06 26.41 9.41
CA MET D 99 11.04 27.23 10.62
C MET D 99 12.34 28.01 10.79
N LYS D 100 13.49 27.36 10.59
CA LYS D 100 14.74 28.06 10.85
C LYS D 100 15.88 27.52 9.99
N ALA D 101 16.97 28.28 9.93
CA ALA D 101 18.18 27.90 9.23
C ALA D 101 19.38 28.62 9.85
N HIS D 102 20.54 27.96 9.79
CA HIS D 102 21.80 28.56 10.23
C HIS D 102 22.97 27.83 9.57
N THR D 103 24.00 28.57 9.14
CA THR D 103 25.24 27.94 8.73
C THR D 103 26.28 28.13 9.82
N MET D 104 27.05 27.08 10.07
CA MET D 104 28.13 27.16 11.04
C MET D 104 29.42 27.52 10.32
N THR D 105 30.43 27.87 11.11
CA THR D 105 31.72 28.15 10.52
C THR D 105 32.54 26.88 10.28
N ASP D 106 32.21 25.78 10.95
CA ASP D 106 32.86 24.49 10.68
C ASP D 106 31.85 23.36 10.76
N ASP D 107 32.26 22.19 10.23
CA ASP D 107 31.36 21.08 9.90
C ASP D 107 30.74 20.45 11.14
N VAL D 108 29.42 20.31 11.14
CA VAL D 108 28.74 19.60 12.22
C VAL D 108 28.93 18.10 11.98
N THR D 109 29.70 17.46 12.87
CA THR D 109 30.03 16.04 12.72
C THR D 109 28.89 15.14 13.17
N PHE D 110 28.20 15.53 14.23
CA PHE D 110 27.14 14.74 14.85
C PHE D 110 26.15 15.73 15.45
N TRP D 111 24.89 15.33 15.52
CA TRP D 111 23.92 16.16 16.23
C TRP D 111 22.81 15.31 16.84
N LYS D 112 22.14 15.90 17.82
CA LYS D 112 21.24 15.17 18.71
C LYS D 112 20.24 16.15 19.32
N TRP D 113 18.97 15.79 19.29
CA TRP D 113 17.98 16.53 20.06
C TRP D 113 18.13 16.19 21.54
N ILE D 114 18.45 17.19 22.36
CA ILE D 114 18.60 16.96 23.79
C ILE D 114 17.34 17.30 24.57
N SER D 115 16.41 18.03 23.99
CA SER D 115 15.15 18.35 24.64
C SER D 115 14.08 18.51 23.57
N LEU D 116 12.98 19.16 23.93
CA LEU D 116 11.88 19.40 23.01
C LEU D 116 12.07 20.65 22.17
N ASN D 117 12.99 21.54 22.55
CA ASN D 117 13.21 22.77 21.78
C ASN D 117 14.67 23.14 21.63
N THR D 118 15.60 22.20 21.81
CA THR D 118 17.02 22.51 21.65
C THR D 118 17.71 21.32 21.01
N VAL D 119 18.35 21.55 19.87
CA VAL D 119 19.20 20.56 19.23
C VAL D 119 20.64 20.87 19.61
N ALA D 120 21.47 19.85 19.73
CA ALA D 120 22.85 20.06 20.14
C ALA D 120 23.78 19.65 19.01
N LEU D 121 24.74 20.51 18.71
CA LEU D 121 25.63 20.32 17.57
C LEU D 121 27.05 20.15 18.07
N VAL D 122 27.74 19.13 17.60
CA VAL D 122 29.16 18.99 17.89
C VAL D 122 29.91 19.03 16.57
N THR D 123 30.87 19.94 16.47
CA THR D 123 31.76 20.04 15.33
C THR D 123 33.00 19.19 15.57
N ASP D 124 34.08 19.44 14.84
CA ASP D 124 35.31 18.75 15.16
C ASP D 124 36.02 19.37 16.35
N ASN D 125 35.71 20.63 16.68
CA ASN D 125 36.42 21.38 17.72
C ASN D 125 35.57 21.75 18.94
N ALA D 126 34.23 21.81 18.82
CA ALA D 126 33.41 22.38 19.90
C ALA D 126 32.01 21.78 19.89
N VAL D 127 31.26 22.06 20.96
CA VAL D 127 29.85 21.66 21.11
C VAL D 127 29.02 22.90 21.45
N TYR D 128 27.93 23.06 20.69
CA TYR D 128 27.00 24.17 20.67
C TYR D 128 25.61 23.63 21.03
N HIS D 129 24.77 24.48 21.62
CA HIS D 129 23.36 24.20 21.81
C HIS D 129 22.56 25.23 21.02
N TRP D 130 21.68 24.75 20.14
CA TRP D 130 20.85 25.57 19.27
C TRP D 130 19.41 25.42 19.75
N SER D 131 18.90 26.46 20.42
CA SER D 131 17.52 26.45 20.89
C SER D 131 16.59 26.84 19.74
N MET D 132 15.34 26.35 19.81
CA MET D 132 14.37 26.59 18.76
C MET D 132 13.47 27.79 19.05
N GLU D 133 13.77 28.58 20.08
CA GLU D 133 12.93 29.69 20.47
C GLU D 133 13.29 30.94 19.70
N GLY D 134 12.30 31.55 19.04
CA GLY D 134 12.47 32.80 18.35
C GLY D 134 13.30 32.72 17.09
N GLU D 135 14.40 33.48 17.05
CA GLU D 135 15.40 33.37 16.01
C GLU D 135 16.78 33.13 16.62
N SER D 136 16.82 32.24 17.60
CA SER D 136 18.07 31.97 18.32
C SER D 136 19.01 31.14 17.47
N GLN D 137 20.27 31.49 17.53
CA GLN D 137 21.37 30.91 16.79
C GLN D 137 22.24 30.08 17.75
N PRO D 138 23.06 29.14 17.26
CA PRO D 138 23.77 28.20 18.18
C PRO D 138 24.79 28.84 19.11
N VAL D 139 24.54 28.67 20.41
CA VAL D 139 25.40 29.16 21.48
C VAL D 139 26.36 28.05 21.87
N LYS D 140 27.66 28.35 21.85
CA LYS D 140 28.68 27.34 22.16
C LYS D 140 28.72 27.05 23.66
N MET D 141 28.69 25.77 24.00
CA MET D 141 28.81 25.34 25.37
C MET D 141 30.26 25.07 25.75
N PHE D 142 30.96 24.23 24.99
CA PHE D 142 32.35 23.95 25.36
C PHE D 142 33.14 23.55 24.13
N ASP D 143 34.45 23.37 24.32
CA ASP D 143 35.36 22.92 23.29
C ASP D 143 35.67 21.43 23.49
N ARG D 144 35.99 20.76 22.38
CA ARG D 144 36.34 19.34 22.43
C ARG D 144 37.75 19.16 22.98
N HIS D 145 37.89 18.21 23.89
CA HIS D 145 39.18 17.94 24.53
C HIS D 145 39.98 16.95 23.67
N SER D 146 41.32 17.02 23.81
CA SER D 146 42.36 16.13 23.28
C SER D 146 42.06 14.64 23.22
N SER D 147 41.35 14.12 24.24
CA SER D 147 41.09 12.69 24.39
C SER D 147 40.06 12.18 23.39
N LEU D 148 39.30 13.06 22.75
CA LEU D 148 38.22 12.66 21.86
C LEU D 148 38.51 13.00 20.41
N ALA D 149 39.75 13.38 20.10
CA ALA D 149 40.13 13.65 18.71
C ALA D 149 40.26 12.34 17.94
N GLY D 150 39.65 12.28 16.77
CA GLY D 150 39.64 11.07 15.97
C GLY D 150 38.58 10.06 16.36
N CYS D 151 37.69 10.40 17.27
CA CYS D 151 36.68 9.47 17.75
C CYS D 151 35.41 9.57 16.92
N GLN D 152 34.77 8.42 16.70
CA GLN D 152 33.43 8.38 16.12
C GLN D 152 32.43 8.69 17.22
N ILE D 153 31.80 9.86 17.15
CA ILE D 153 30.91 10.31 18.21
C ILE D 153 29.56 9.61 18.08
N ILE D 154 29.20 8.86 19.11
CA ILE D 154 27.96 8.10 19.09
C ILE D 154 26.87 8.70 19.96
N ASN D 155 27.20 9.57 20.94
CA ASN D 155 26.13 10.14 21.75
C ASN D 155 26.50 11.51 22.30
N TYR D 156 25.46 12.27 22.65
CA TYR D 156 25.56 13.47 23.48
C TYR D 156 24.32 13.54 24.36
N ARG D 157 24.54 13.62 25.68
CA ARG D 157 23.45 13.64 26.66
C ARG D 157 23.67 14.75 27.69
N THR D 158 22.57 15.36 28.13
CA THR D 158 22.60 16.32 29.22
C THR D 158 21.74 15.80 30.38
N ASP D 159 21.77 16.53 31.49
CA ASP D 159 20.84 16.29 32.58
C ASP D 159 19.57 17.12 32.33
N ALA D 160 18.65 17.13 33.30
CA ALA D 160 17.34 17.74 33.09
C ALA D 160 17.41 19.26 33.11
N LYS D 161 18.35 19.84 33.84
CA LYS D 161 18.55 21.28 33.86
C LYS D 161 19.58 21.73 32.84
N GLN D 162 20.15 20.78 32.06
CA GLN D 162 21.18 20.98 31.03
C GLN D 162 22.43 21.67 31.59
N LYS D 163 22.81 21.28 32.81
CA LYS D 163 23.95 21.88 33.49
C LYS D 163 25.10 20.91 33.66
N TRP D 164 24.92 19.66 33.24
CA TRP D 164 25.99 18.68 33.21
C TRP D 164 25.91 18.01 31.84
N LEU D 165 26.92 18.26 31.02
CA LEU D 165 26.89 17.89 29.62
C LEU D 165 27.87 16.76 29.38
N LEU D 166 27.54 15.85 28.49
CA LEU D 166 28.40 14.69 28.27
C LEU D 166 28.40 14.32 26.79
N LEU D 167 29.58 14.34 26.20
CA LEU D 167 29.81 13.79 24.87
C LEU D 167 30.44 12.42 24.98
N THR D 168 30.05 11.51 24.07
CA THR D 168 30.56 10.15 24.02
C THR D 168 30.98 9.81 22.61
N GLY D 169 32.30 9.62 22.42
CA GLY D 169 32.84 9.09 21.18
C GLY D 169 33.55 7.77 21.39
N ILE D 170 33.76 7.01 20.32
CA ILE D 170 34.47 5.73 20.41
C ILE D 170 35.62 5.74 19.42
N SER D 171 36.72 5.11 19.82
CA SER D 171 37.83 4.77 18.95
C SER D 171 38.03 3.26 19.02
N ALA D 172 38.71 2.69 18.04
CA ALA D 172 38.84 1.24 17.98
C ALA D 172 40.31 0.82 17.86
N GLN D 173 40.97 0.61 19.01
CA GLN D 173 42.35 0.20 19.05
C GLN D 173 42.46 -1.17 19.72
N GLN D 174 43.56 -1.89 19.42
CA GLN D 174 44.08 -3.03 20.21
C GLN D 174 43.09 -4.19 20.33
N ASN D 175 42.40 -4.52 19.22
CA ASN D 175 41.34 -5.56 19.14
C ASN D 175 40.18 -5.22 20.09
N ARG D 176 39.87 -3.93 20.21
CA ARG D 176 38.88 -3.46 21.18
C ARG D 176 38.29 -2.13 20.70
N VAL D 177 37.11 -1.78 21.22
CA VAL D 177 36.52 -0.46 21.08
C VAL D 177 36.63 0.26 22.42
N VAL D 178 37.47 1.30 22.48
CA VAL D 178 37.64 2.13 23.66
C VAL D 178 36.69 3.33 23.55
N GLY D 179 36.01 3.66 24.64
CA GLY D 179 35.11 4.79 24.69
C GLY D 179 35.75 5.96 25.41
N ALA D 180 35.61 7.14 24.82
CA ALA D 180 36.07 8.38 25.43
C ALA D 180 34.87 9.28 25.65
N MET D 181 34.88 10.02 26.76
CA MET D 181 33.78 10.85 27.18
C MET D 181 34.33 12.17 27.68
N GLN D 182 33.66 13.24 27.32
CA GLN D 182 33.93 14.55 27.91
C GLN D 182 32.71 14.92 28.75
N LEU D 183 32.88 14.98 30.05
CA LEU D 183 31.82 15.51 30.92
C LEU D 183 32.21 16.92 31.32
N TYR D 184 31.31 17.87 31.11
CA TYR D 184 31.58 19.27 31.37
C TYR D 184 30.54 19.83 32.33
N SER D 185 31.01 20.72 33.22
CA SER D 185 30.23 21.43 34.20
C SER D 185 30.11 22.87 33.74
N VAL D 186 28.87 23.34 33.56
CA VAL D 186 28.65 24.69 33.04
C VAL D 186 28.66 25.76 34.13
N ASP D 187 28.66 25.37 35.40
CA ASP D 187 28.71 26.31 36.52
C ASP D 187 30.15 26.63 36.90
N ARG D 188 30.94 25.59 37.10
CA ARG D 188 32.36 25.69 37.35
C ARG D 188 33.17 25.83 36.05
N LYS D 189 32.48 25.79 34.90
CA LYS D 189 33.01 26.03 33.54
C LYS D 189 34.20 25.14 33.20
N VAL D 190 34.14 23.86 33.57
CA VAL D 190 35.31 23.00 33.47
C VAL D 190 34.88 21.58 33.10
N SER D 191 35.63 20.95 32.19
CA SER D 191 35.38 19.58 31.79
C SER D 191 36.38 18.62 32.44
N GLN D 192 36.10 17.33 32.29
CA GLN D 192 36.89 16.23 32.79
C GLN D 192 36.77 15.09 31.78
N PRO D 193 37.89 14.48 31.38
CA PRO D 193 37.84 13.31 30.49
C PRO D 193 37.63 12.02 31.27
N ILE D 194 36.69 11.21 30.79
CA ILE D 194 36.33 9.93 31.41
C ILE D 194 36.36 8.86 30.34
N GLU D 195 37.00 7.74 30.63
CA GLU D 195 36.87 6.58 29.76
C GLU D 195 35.51 5.92 30.00
N GLY D 196 34.58 6.12 29.06
CA GLY D 196 33.21 5.66 29.24
C GLY D 196 32.58 5.27 27.91
N HIS D 197 31.67 4.29 27.97
CA HIS D 197 31.02 3.75 26.78
C HIS D 197 29.57 4.21 26.63
N ALA D 198 28.73 3.96 27.63
CA ALA D 198 27.33 4.36 27.56
C ALA D 198 26.95 5.07 28.86
N ALA D 199 26.03 6.01 28.75
CA ALA D 199 25.65 6.81 29.91
C ALA D 199 24.23 7.31 29.78
N SER D 200 23.74 7.89 30.89
CA SER D 200 22.60 8.78 30.98
C SER D 200 22.59 9.43 32.36
N PHE D 201 21.87 10.54 32.45
CA PHE D 201 21.62 11.22 33.71
C PHE D 201 20.24 10.83 34.22
N ALA D 202 20.03 11.07 35.52
CA ALA D 202 18.77 10.72 36.13
C ALA D 202 18.50 11.62 37.32
N GLN D 203 17.23 11.90 37.56
CA GLN D 203 16.78 12.56 38.77
C GLN D 203 16.28 11.48 39.72
N PHE D 204 16.94 11.34 40.86
CA PHE D 204 16.57 10.38 41.87
C PHE D 204 16.57 11.07 43.22
N LYS D 205 15.53 10.85 44.00
CA LYS D 205 15.37 11.48 45.29
C LYS D 205 15.50 10.43 46.38
N MET D 206 16.54 10.56 47.21
CA MET D 206 16.83 9.62 48.27
C MET D 206 15.79 9.71 49.38
N GLU D 207 15.73 8.65 50.19
CA GLU D 207 14.74 8.57 51.25
C GLU D 207 15.10 9.50 52.40
N GLY D 208 14.13 10.32 52.80
CA GLY D 208 14.37 11.30 53.82
C GLY D 208 15.07 12.53 53.31
N ASN D 209 14.73 12.99 52.10
CA ASN D 209 15.41 14.17 51.59
C ASN D 209 14.49 15.15 50.88
N ALA D 210 14.95 16.40 50.88
CA ALA D 210 14.08 17.55 50.65
C ALA D 210 13.81 17.79 49.18
N GLU D 211 14.86 17.90 48.36
CA GLU D 211 14.70 18.05 46.92
C GLU D 211 15.58 17.02 46.21
N GLU D 212 15.56 17.01 44.88
CA GLU D 212 15.99 15.85 44.11
C GLU D 212 17.50 15.84 43.84
N SER D 213 18.08 14.65 43.89
CA SER D 213 19.50 14.46 43.58
C SER D 213 19.69 14.19 42.10
N THR D 214 20.67 14.85 41.50
CA THR D 214 21.00 14.69 40.09
C THR D 214 22.17 13.72 40.00
N LEU D 215 21.92 12.56 39.39
CA LEU D 215 22.92 11.51 39.31
C LEU D 215 23.33 11.27 37.86
N PHE D 216 24.60 10.93 37.70
CA PHE D 216 25.21 10.59 36.43
C PHE D 216 25.57 9.11 36.50
N CYS D 217 24.97 8.32 35.62
CA CYS D 217 25.19 6.88 35.59
C CYS D 217 25.85 6.53 34.27
N PHE D 218 26.95 5.78 34.34
CA PHE D 218 27.60 5.35 33.11
C PHE D 218 28.24 3.99 33.30
N ALA D 219 28.42 3.30 32.18
CA ALA D 219 29.05 2.00 32.16
C ALA D 219 30.06 1.95 31.04
N VAL D 220 31.19 1.33 31.35
CA VAL D 220 32.23 1.10 30.37
C VAL D 220 32.64 -0.36 30.52
N ARG D 221 32.95 -1.02 29.41
CA ARG D 221 33.88 -2.13 29.44
C ARG D 221 35.19 -1.61 28.86
N GLY D 222 35.86 -0.80 29.67
CA GLY D 222 37.18 -0.39 29.28
C GLY D 222 37.94 -1.52 29.86
N GLN D 223 38.31 -1.48 31.14
CA GLN D 223 38.67 -2.77 31.73
C GLN D 223 37.96 -3.17 33.01
N ALA D 224 38.52 -4.28 33.54
CA ALA D 224 38.18 -4.99 34.75
C ALA D 224 36.85 -5.74 34.66
N GLY D 225 36.71 -6.50 33.58
CA GLY D 225 35.36 -6.83 33.10
C GLY D 225 34.72 -5.53 32.67
N GLY D 226 33.45 -5.32 32.97
CA GLY D 226 32.83 -4.02 32.83
C GLY D 226 32.66 -3.37 34.20
N LYS D 227 32.61 -2.05 34.23
CA LYS D 227 32.25 -1.34 35.43
C LYS D 227 31.09 -0.39 35.14
N LEU D 228 30.27 -0.18 36.16
CA LEU D 228 29.12 0.72 36.16
C LEU D 228 29.28 1.62 37.37
N HIS D 229 29.18 2.93 37.14
CA HIS D 229 29.35 3.92 38.20
C HIS D 229 28.11 4.80 38.25
N ILE D 230 27.61 5.02 39.47
CA ILE D 230 26.48 5.92 39.73
C ILE D 230 26.98 6.96 40.74
N ILE D 231 27.17 8.21 40.25
CA ILE D 231 27.73 9.31 41.06
C ILE D 231 26.76 10.49 41.02
N GLU D 232 26.61 11.19 42.14
CA GLU D 232 26.00 12.52 42.11
C GLU D 232 26.92 13.53 41.46
N VAL D 233 26.36 14.40 40.62
CA VAL D 233 27.10 15.52 40.04
C VAL D 233 26.75 16.79 40.79
N GLY D 234 27.76 17.59 41.10
CA GLY D 234 27.57 18.83 41.82
C GLY D 234 27.39 18.63 43.31
N THR D 235 27.41 19.74 44.04
CA THR D 235 27.06 19.71 45.45
C THR D 235 25.56 19.44 45.59
N PRO D 236 25.14 18.76 46.68
CA PRO D 236 23.71 18.44 46.85
C PRO D 236 22.87 19.69 47.09
N PRO D 237 21.55 19.62 46.90
CA PRO D 237 20.69 20.75 47.30
C PRO D 237 20.68 20.96 48.81
N THR D 238 20.11 22.08 49.22
CA THR D 238 20.28 22.50 50.60
C THR D 238 19.33 21.73 51.50
N GLY D 239 19.88 21.15 52.56
CA GLY D 239 19.17 20.19 53.36
C GLY D 239 19.24 18.77 52.85
N ASN D 240 20.19 18.44 51.96
CA ASN D 240 20.22 17.11 51.37
C ASN D 240 21.51 16.38 51.72
N GLN D 241 21.34 15.15 52.19
CA GLN D 241 22.45 14.23 52.38
C GLN D 241 23.00 13.80 51.02
N PRO D 242 24.32 13.69 50.87
CA PRO D 242 24.90 13.38 49.56
C PRO D 242 24.71 11.92 49.16
N PHE D 243 24.66 11.71 47.85
CA PHE D 243 24.48 10.37 47.32
C PHE D 243 25.79 9.59 47.42
N PRO D 244 25.81 8.43 48.09
CA PRO D 244 27.02 7.61 48.11
C PRO D 244 27.21 6.93 46.76
N LYS D 245 28.44 6.95 46.26
CA LYS D 245 28.73 6.47 44.91
C LYS D 245 28.63 4.95 44.85
N LYS D 246 28.18 4.45 43.69
CA LYS D 246 28.09 3.01 43.48
C LYS D 246 29.04 2.59 42.36
N ALA D 247 29.76 1.50 42.60
CA ALA D 247 30.70 0.92 41.65
C ALA D 247 30.41 -0.58 41.55
N VAL D 248 30.01 -1.02 40.36
CA VAL D 248 29.36 -2.31 40.16
C VAL D 248 29.99 -3.00 38.96
N ASP D 249 30.31 -4.28 39.10
CA ASP D 249 30.79 -5.07 37.96
C ASP D 249 29.67 -5.31 36.95
N VAL D 250 29.93 -4.93 35.71
CA VAL D 250 29.11 -5.33 34.56
C VAL D 250 29.68 -6.64 34.05
N PHE D 251 28.91 -7.71 34.20
CA PHE D 251 29.36 -9.06 33.85
C PHE D 251 29.30 -9.25 32.35
N PHE D 252 30.46 -9.49 31.75
CA PHE D 252 30.53 -9.87 30.35
C PHE D 252 31.02 -11.31 30.27
N PRO D 253 30.26 -12.22 29.67
CA PRO D 253 30.65 -13.63 29.64
C PRO D 253 31.70 -13.87 28.57
N PRO D 254 32.46 -14.98 28.65
CA PRO D 254 33.52 -15.24 27.65
C PRO D 254 33.03 -15.58 26.25
N GLU D 255 31.73 -15.84 26.07
CA GLU D 255 31.12 -15.98 24.75
C GLU D 255 31.01 -14.66 24.02
N ALA D 256 31.06 -13.55 24.75
CA ALA D 256 30.99 -12.19 24.22
C ALA D 256 32.32 -11.51 24.56
N GLN D 257 33.37 -11.86 23.81
CA GLN D 257 34.73 -11.47 24.19
C GLN D 257 35.08 -10.05 23.75
N ASN D 258 34.52 -9.59 22.63
CA ASN D 258 34.77 -8.23 22.14
C ASN D 258 33.58 -7.30 22.39
N ASP D 259 32.70 -7.69 23.31
CA ASP D 259 31.49 -6.93 23.60
C ASP D 259 31.80 -5.70 24.43
N PHE D 260 30.87 -4.74 24.41
CA PHE D 260 30.97 -3.43 25.06
C PHE D 260 29.58 -2.77 24.97
N PRO D 261 29.25 -1.84 25.87
CA PRO D 261 27.90 -1.23 25.88
C PRO D 261 27.58 -0.34 24.69
N VAL D 262 26.34 -0.45 24.17
CA VAL D 262 25.93 0.45 23.09
C VAL D 262 25.33 1.74 23.63
N ALA D 263 24.49 1.63 24.65
CA ALA D 263 23.41 2.57 24.87
C ALA D 263 22.73 2.25 26.18
N MET D 264 22.12 3.26 26.77
CA MET D 264 21.68 3.18 28.16
C MET D 264 20.55 4.16 28.38
N GLN D 265 19.42 3.66 28.88
CA GLN D 265 18.31 4.52 29.27
C GLN D 265 17.88 4.18 30.69
N ILE D 266 17.43 5.21 31.41
CA ILE D 266 17.03 5.08 32.81
C ILE D 266 15.54 5.40 32.89
N SER D 267 14.77 4.44 33.40
CA SER D 267 13.38 4.69 33.75
C SER D 267 13.33 5.30 35.14
N GLU D 268 12.77 6.50 35.27
CA GLU D 268 12.60 7.12 36.58
C GLU D 268 11.26 6.80 37.21
N LYS D 269 10.37 6.12 36.49
CA LYS D 269 9.16 5.57 37.09
C LYS D 269 9.49 4.40 38.02
N HIS D 270 10.55 3.65 37.71
CA HIS D 270 10.93 2.49 38.49
C HIS D 270 12.30 2.61 39.15
N ASP D 271 13.06 3.68 38.85
CA ASP D 271 14.46 3.90 39.27
C ASP D 271 15.36 2.72 38.88
N VAL D 272 15.31 2.37 37.59
CA VAL D 272 15.92 1.16 37.04
C VAL D 272 16.74 1.57 35.81
N VAL D 273 18.00 1.12 35.76
CA VAL D 273 18.87 1.37 34.62
C VAL D 273 18.79 0.19 33.65
N PHE D 274 18.39 0.48 32.42
CA PHE D 274 18.48 -0.44 31.28
C PHE D 274 19.82 -0.21 30.59
N LEU D 275 20.54 -1.30 30.32
CA LEU D 275 21.80 -1.24 29.58
C LEU D 275 21.80 -2.35 28.54
N ILE D 276 22.06 -1.99 27.29
CA ILE D 276 22.24 -2.98 26.24
C ILE D 276 23.68 -2.88 25.76
N THR D 277 24.24 -4.01 25.34
CA THR D 277 25.60 -4.08 24.83
C THR D 277 25.61 -4.25 23.31
N LYS D 278 26.82 -4.40 22.75
CA LYS D 278 27.01 -4.49 21.30
C LYS D 278 26.44 -5.78 20.73
N TYR D 279 26.55 -6.88 21.48
CA TYR D 279 26.13 -8.17 20.96
C TYR D 279 24.67 -8.47 21.26
N GLY D 280 23.92 -7.48 21.77
CA GLY D 280 22.49 -7.62 21.97
C GLY D 280 22.04 -7.96 23.37
N TYR D 281 22.89 -7.72 24.38
CA TYR D 281 22.63 -8.17 25.73
C TYR D 281 21.93 -7.09 26.54
N ILE D 282 20.72 -7.41 27.03
CA ILE D 282 20.00 -6.63 28.04
C ILE D 282 20.61 -6.89 29.42
N HIS D 283 20.64 -5.82 30.21
CA HIS D 283 21.30 -5.70 31.50
C HIS D 283 20.41 -4.77 32.32
N LEU D 284 20.02 -5.19 33.52
CA LEU D 284 19.02 -4.50 34.32
C LEU D 284 19.57 -4.29 35.72
N TYR D 285 19.60 -3.03 36.17
CA TYR D 285 20.23 -2.61 37.41
C TYR D 285 19.30 -1.71 38.20
N ASP D 286 19.48 -1.71 39.52
CA ASP D 286 18.85 -0.68 40.34
C ASP D 286 19.67 0.61 40.24
N LEU D 287 18.97 1.74 40.26
CA LEU D 287 19.67 3.02 40.25
C LEU D 287 20.22 3.39 41.63
N GLU D 288 19.57 2.91 42.69
CA GLU D 288 19.93 3.32 44.04
C GLU D 288 21.21 2.63 44.52
N THR D 289 21.32 1.31 44.34
CA THR D 289 22.47 0.56 44.83
C THR D 289 23.32 -0.07 43.75
N GLY D 290 22.83 -0.21 42.52
CA GLY D 290 23.61 -0.77 41.44
C GLY D 290 23.47 -2.25 41.24
N THR D 291 22.63 -2.93 42.04
CA THR D 291 22.48 -4.38 42.00
C THR D 291 21.89 -4.86 40.69
N CYS D 292 22.61 -5.76 40.01
CA CYS D 292 22.22 -6.20 38.67
C CYS D 292 21.03 -7.15 38.78
N ILE D 293 19.87 -6.67 38.34
CA ILE D 293 18.65 -7.44 38.42
C ILE D 293 18.63 -8.54 37.36
N TYR D 294 19.12 -8.25 36.14
CA TYR D 294 18.93 -9.21 35.03
C TYR D 294 20.06 -9.04 33.99
N MET D 295 20.54 -10.18 33.41
CA MET D 295 21.20 -10.21 32.09
C MET D 295 20.63 -11.30 31.17
N ASN D 296 20.38 -10.95 29.89
CA ASN D 296 20.08 -11.91 28.80
C ASN D 296 20.40 -11.25 27.48
N ARG D 297 20.20 -11.98 26.38
CA ARG D 297 20.27 -11.44 25.03
C ARG D 297 18.87 -11.25 24.48
N ILE D 298 18.65 -10.10 23.82
CA ILE D 298 17.34 -9.73 23.29
C ILE D 298 17.38 -9.44 21.80
N SER D 299 18.54 -9.52 21.18
CA SER D 299 18.69 -9.27 19.74
C SER D 299 19.90 -10.06 19.26
N GLY D 300 19.87 -10.45 18.00
CA GLY D 300 21.00 -11.15 17.43
C GLY D 300 22.11 -10.19 17.03
N GLU D 301 21.77 -9.22 16.19
CA GLU D 301 22.72 -8.22 15.75
C GLU D 301 22.59 -6.96 16.61
N THR D 302 23.40 -5.96 16.28
CA THR D 302 23.60 -4.84 17.20
C THR D 302 22.45 -3.85 17.16
N ILE D 303 22.02 -3.41 18.33
CA ILE D 303 21.06 -2.33 18.46
C ILE D 303 21.85 -1.03 18.48
N PHE D 304 21.80 -0.32 17.37
CA PHE D 304 22.57 0.90 17.18
C PHE D 304 21.85 2.14 17.68
N VAL D 305 20.53 2.08 17.87
CA VAL D 305 19.76 3.24 18.29
C VAL D 305 18.73 2.82 19.34
N THR D 306 18.67 3.57 20.44
CA THR D 306 17.64 3.44 21.45
C THR D 306 17.04 4.81 21.76
N ALA D 307 15.95 4.75 22.52
CA ALA D 307 15.20 5.91 22.95
C ALA D 307 14.39 5.51 24.18
N PRO D 308 14.00 6.47 25.02
CA PRO D 308 13.03 6.16 26.08
C PRO D 308 11.67 5.78 25.51
N HIS D 309 11.05 4.79 26.14
CA HIS D 309 9.71 4.34 25.78
C HIS D 309 8.77 4.79 26.88
N GLU D 310 7.88 5.74 26.55
CA GLU D 310 7.12 6.47 27.56
C GLU D 310 5.90 5.71 28.05
N ALA D 311 5.25 4.93 27.19
CA ALA D 311 4.07 4.17 27.59
C ALA D 311 4.42 2.99 28.47
N THR D 312 5.68 2.54 28.42
CA THR D 312 6.16 1.43 29.23
C THR D 312 7.07 1.87 30.37
N ALA D 313 7.60 3.09 30.30
CA ALA D 313 8.80 3.56 31.02
C ALA D 313 9.92 2.54 30.91
N GLY D 314 10.41 2.41 29.69
CA GLY D 314 11.45 1.44 29.37
C GLY D 314 12.32 1.94 28.26
N ILE D 315 12.91 1.01 27.53
CA ILE D 315 13.81 1.34 26.44
C ILE D 315 13.27 0.72 25.16
N ILE D 316 13.37 1.44 24.05
CA ILE D 316 12.99 0.90 22.75
C ILE D 316 14.11 1.18 21.77
N GLY D 317 14.49 0.16 20.99
CA GLY D 317 15.62 0.29 20.08
C GLY D 317 15.35 -0.43 18.77
N VAL D 318 16.21 -0.13 17.80
CA VAL D 318 16.17 -0.80 16.49
C VAL D 318 17.50 -1.50 16.29
N ASN D 319 17.44 -2.77 15.86
CA ASN D 319 18.70 -3.46 15.56
C ASN D 319 19.06 -3.32 14.08
N ARG D 320 20.19 -3.92 13.70
CA ARG D 320 20.69 -3.86 12.32
C ARG D 320 19.88 -4.75 11.37
N LYS D 321 19.14 -5.73 11.92
CA LYS D 321 18.17 -6.47 11.13
C LYS D 321 17.01 -5.59 10.71
N GLY D 322 16.70 -4.57 11.52
CA GLY D 322 15.55 -3.71 11.29
C GLY D 322 14.46 -3.86 12.32
N GLN D 323 14.69 -4.57 13.41
CA GLN D 323 13.62 -4.88 14.33
C GLN D 323 13.54 -3.79 15.39
N VAL D 324 12.32 -3.31 15.62
CA VAL D 324 12.00 -2.33 16.64
C VAL D 324 11.45 -3.11 17.83
N LEU D 325 12.13 -3.01 18.96
CA LEU D 325 11.83 -3.87 20.09
C LEU D 325 11.94 -3.05 21.37
N SER D 326 11.15 -3.48 22.36
CA SER D 326 10.99 -2.75 23.61
C SER D 326 11.25 -3.68 24.77
N VAL D 327 11.98 -3.18 25.77
CA VAL D 327 12.23 -3.87 27.02
C VAL D 327 11.77 -2.95 28.16
N CYS D 328 10.86 -3.45 28.99
CA CYS D 328 10.41 -2.68 30.14
C CYS D 328 10.46 -3.52 31.40
N VAL D 329 10.26 -2.86 32.53
CA VAL D 329 10.02 -3.53 33.79
C VAL D 329 8.56 -4.00 33.81
N GLU D 330 8.34 -5.31 33.87
CA GLU D 330 7.01 -5.84 34.10
C GLU D 330 6.63 -5.52 35.54
N GLU D 331 5.67 -4.61 35.71
CA GLU D 331 5.50 -3.84 36.94
C GLU D 331 4.90 -4.61 38.10
N GLU D 332 4.52 -5.87 37.93
CA GLU D 332 4.18 -6.67 39.09
C GLU D 332 5.03 -7.92 39.20
N ASN D 333 5.68 -8.37 38.13
CA ASN D 333 6.56 -9.54 38.28
C ASN D 333 7.94 -9.18 38.83
N ILE D 334 8.24 -7.90 39.07
CA ILE D 334 9.60 -7.51 39.40
C ILE D 334 9.93 -7.82 40.87
N ILE D 335 9.07 -7.39 41.82
CA ILE D 335 9.34 -7.66 43.24
C ILE D 335 9.19 -9.12 43.65
N PRO D 336 8.29 -9.94 43.07
CA PRO D 336 8.44 -11.39 43.22
C PRO D 336 9.70 -12.01 42.66
N TYR D 337 10.20 -11.51 41.53
CA TYR D 337 11.41 -12.07 40.96
C TYR D 337 12.62 -11.75 41.84
N ILE D 338 12.66 -10.56 42.45
CA ILE D 338 13.80 -10.29 43.32
C ILE D 338 13.68 -11.03 44.65
N THR D 339 12.45 -11.22 45.18
CA THR D 339 12.41 -11.91 46.47
C THR D 339 12.43 -13.44 46.33
N ASN D 340 12.16 -14.00 45.14
CA ASN D 340 12.18 -15.45 44.96
C ASN D 340 13.38 -15.98 44.18
N VAL D 341 13.65 -15.47 42.98
CA VAL D 341 14.72 -16.06 42.17
C VAL D 341 16.08 -15.53 42.64
N LEU D 342 16.24 -14.22 42.76
CA LEU D 342 17.53 -13.70 43.23
C LEU D 342 17.68 -13.77 44.75
N GLN D 343 16.56 -13.85 45.49
CA GLN D 343 16.49 -13.98 46.96
C GLN D 343 17.24 -12.88 47.71
N ASN D 344 16.89 -11.64 47.41
CA ASN D 344 17.37 -10.47 48.13
C ASN D 344 16.11 -9.72 48.57
N PRO D 345 15.55 -10.05 49.75
CA PRO D 345 14.24 -9.49 50.14
C PRO D 345 14.27 -8.01 50.55
N ASP D 346 15.42 -7.55 51.06
CA ASP D 346 15.59 -6.15 51.43
C ASP D 346 15.46 -5.24 50.23
N LEU D 347 16.05 -5.64 49.10
CA LEU D 347 15.90 -4.93 47.83
C LEU D 347 14.47 -5.00 47.30
N ALA D 348 13.74 -6.09 47.62
CA ALA D 348 12.36 -6.26 47.15
C ALA D 348 11.43 -5.22 47.76
N LEU D 349 11.36 -5.14 49.10
CA LEU D 349 10.48 -4.08 49.61
C LEU D 349 11.13 -2.69 49.65
N ARG D 350 12.45 -2.59 49.37
CA ARG D 350 13.06 -1.32 48.96
C ARG D 350 12.35 -0.75 47.73
N MET D 351 12.23 -1.57 46.67
CA MET D 351 11.45 -1.13 45.50
C MET D 351 9.95 -1.01 45.79
N ALA D 352 9.42 -1.79 46.72
CA ALA D 352 7.96 -1.81 46.88
C ALA D 352 7.44 -0.66 47.72
N VAL D 353 8.24 -0.08 48.62
CA VAL D 353 7.79 1.18 49.22
C VAL D 353 8.33 2.39 48.46
N ARG D 354 9.39 2.21 47.65
CA ARG D 354 9.81 3.35 46.83
C ARG D 354 8.97 3.54 45.58
N ASN D 355 8.61 2.46 44.87
CA ASN D 355 7.94 2.57 43.58
C ASN D 355 6.47 2.14 43.61
N ASN D 356 5.90 2.02 44.82
CA ASN D 356 4.54 1.57 45.12
C ASN D 356 4.20 0.24 44.48
N LEU D 357 4.72 -0.84 45.04
CA LEU D 357 4.63 -2.15 44.42
C LEU D 357 4.25 -3.16 45.47
N SER E 34 4.26 5.72 -5.99
CA SER E 34 3.58 4.64 -6.70
C SER E 34 3.53 3.36 -5.85
N ARG E 35 2.76 3.41 -4.76
CA ARG E 35 2.55 2.23 -3.94
C ARG E 35 1.54 1.30 -4.63
N PRO E 36 1.69 -0.02 -4.45
CA PRO E 36 0.72 -0.99 -5.01
C PRO E 36 -0.74 -0.78 -4.60
N LEU E 37 -1.63 -1.00 -5.57
CA LEU E 37 -3.06 -0.89 -5.38
C LEU E 37 -3.70 -2.18 -4.88
N ILE E 38 -2.88 -3.17 -4.52
CA ILE E 38 -3.33 -4.41 -3.92
C ILE E 38 -2.28 -4.76 -2.87
N ASP E 39 -2.71 -5.42 -1.79
CA ASP E 39 -1.80 -6.13 -0.90
C ASP E 39 -1.99 -7.62 -1.15
N LEU E 40 -0.98 -8.26 -1.72
CA LEU E 40 -0.98 -9.70 -1.95
C LEU E 40 -0.14 -10.45 -0.93
N MET E 41 0.54 -9.74 -0.04
CA MET E 41 1.42 -10.36 0.95
C MET E 41 0.88 -10.19 2.36
N SER E 55 -10.15 16.21 -32.45
CA SER E 55 -11.50 15.65 -32.41
C SER E 55 -11.87 15.12 -33.82
N PRO E 56 -12.47 13.94 -33.90
CA PRO E 56 -12.17 13.02 -34.99
C PRO E 56 -12.85 13.34 -36.32
N VAL E 57 -12.32 12.70 -37.37
CA VAL E 57 -12.87 12.78 -38.71
C VAL E 57 -14.12 11.93 -38.78
N VAL E 58 -15.22 12.54 -39.23
CA VAL E 58 -16.52 11.88 -39.27
C VAL E 58 -16.90 11.63 -40.73
N GLY E 59 -17.11 10.37 -41.07
CA GLY E 59 -17.63 9.99 -42.36
C GLY E 59 -18.55 8.80 -42.23
N GLN E 60 -18.89 8.15 -43.34
CA GLN E 60 -19.84 7.04 -43.33
C GLN E 60 -19.09 5.73 -43.51
N LEU E 61 -19.05 4.92 -42.46
CA LEU E 61 -18.46 3.59 -42.51
C LEU E 61 -19.46 2.54 -42.97
N ILE E 62 -20.68 2.58 -42.44
CA ILE E 62 -21.75 1.67 -42.82
C ILE E 62 -22.99 2.48 -43.12
N ASP E 63 -23.82 1.96 -44.02
CA ASP E 63 -25.09 2.58 -44.37
C ASP E 63 -26.21 1.71 -43.81
N LEU E 64 -26.97 2.26 -42.87
CA LEU E 64 -27.98 1.48 -42.16
C LEU E 64 -29.39 1.63 -42.72
N SER E 65 -29.57 2.33 -43.84
CA SER E 65 -30.89 2.52 -44.40
C SER E 65 -31.21 1.36 -45.33
N SER E 66 -32.33 0.68 -45.06
CA SER E 66 -32.72 -0.54 -45.75
C SER E 66 -33.48 -0.24 -47.04
N SER F 34 7.03 41.22 22.83
CA SER F 34 8.19 40.38 23.01
C SER F 34 8.00 39.44 24.20
N ARG F 35 7.05 39.80 25.05
CA ARG F 35 6.57 39.01 26.17
C ARG F 35 5.67 37.89 25.65
N PRO F 36 5.74 36.67 26.22
CA PRO F 36 4.90 35.57 25.74
C PRO F 36 3.43 35.77 26.08
N LEU F 37 2.57 35.62 25.07
CA LEU F 37 1.13 35.76 25.23
C LEU F 37 0.44 34.45 25.58
N ILE F 38 1.19 33.36 25.73
CA ILE F 38 0.68 32.11 26.28
C ILE F 38 1.71 31.60 27.28
N ASP F 39 1.23 31.01 28.37
CA ASP F 39 2.10 30.36 29.34
C ASP F 39 2.12 28.87 29.00
N LEU F 40 3.19 28.44 28.33
CA LEU F 40 3.40 27.03 28.02
C LEU F 40 4.23 26.33 29.08
N MET F 41 4.55 27.01 30.18
CA MET F 41 5.32 26.43 31.26
C MET F 41 4.47 26.27 32.52
N SER F 55 -5.92 54.28 -2.08
CA SER F 55 -7.06 53.99 -2.94
C SER F 55 -6.81 52.75 -3.81
N PRO F 56 -7.58 51.68 -3.59
CA PRO F 56 -7.48 50.52 -4.48
C PRO F 56 -8.21 50.77 -5.80
N VAL F 57 -7.65 50.24 -6.87
CA VAL F 57 -8.19 50.42 -8.21
C VAL F 57 -9.38 49.48 -8.39
N VAL F 58 -10.52 50.03 -8.83
CA VAL F 58 -11.76 49.28 -8.99
C VAL F 58 -11.99 49.04 -10.48
N GLY F 59 -12.21 47.76 -10.85
CA GLY F 59 -12.62 47.41 -12.19
C GLY F 59 -13.39 46.11 -12.16
N GLN F 60 -13.88 45.72 -13.34
CA GLN F 60 -14.75 44.55 -13.48
C GLN F 60 -13.90 43.31 -13.74
N LEU F 61 -13.78 42.44 -12.74
CA LEU F 61 -13.05 41.18 -12.92
C LEU F 61 -13.94 40.11 -13.53
N ILE F 62 -15.12 39.88 -12.93
CA ILE F 62 -16.13 38.97 -13.44
C ILE F 62 -17.41 39.77 -13.66
N ASP F 63 -18.27 39.26 -14.55
CA ASP F 63 -19.52 39.92 -14.89
C ASP F 63 -20.68 38.99 -14.52
N LEU F 64 -21.55 39.44 -13.59
CA LEU F 64 -22.59 38.61 -13.00
C LEU F 64 -23.96 38.82 -13.65
N SER F 65 -23.98 39.34 -14.88
CA SER F 65 -25.23 39.43 -15.62
C SER F 65 -25.65 38.05 -16.09
N SER F 66 -26.88 37.68 -15.79
CA SER F 66 -27.39 36.35 -16.13
C SER F 66 -28.03 36.35 -17.51
N ALA G 8 22.76 -2.48 -21.28
CA ALA G 8 24.00 -3.20 -21.58
C ALA G 8 23.93 -3.81 -22.98
N SER G 9 23.45 -5.05 -23.06
CA SER G 9 23.20 -5.72 -24.33
C SER G 9 21.72 -6.07 -24.45
N GLN G 10 20.86 -5.23 -23.89
CA GLN G 10 19.43 -5.50 -23.84
C GLN G 10 18.81 -5.36 -25.23
N PRO G 11 18.00 -6.31 -25.68
CA PRO G 11 17.55 -6.30 -27.07
C PRO G 11 16.49 -5.26 -27.39
N LEU G 12 16.67 -4.70 -28.58
CA LEU G 12 15.66 -4.02 -29.39
C LEU G 12 14.31 -4.74 -29.43
N ILE G 13 14.32 -6.07 -29.48
CA ILE G 13 13.27 -6.94 -29.96
C ILE G 13 13.55 -8.27 -29.30
N ASP G 14 12.59 -8.78 -28.56
CA ASP G 14 12.65 -10.15 -28.12
C ASP G 14 11.94 -10.96 -29.19
N LEU G 15 12.74 -11.58 -30.06
CA LEU G 15 12.25 -12.67 -30.88
C LEU G 15 11.81 -13.75 -29.90
N PRO G 16 10.52 -14.14 -29.90
CA PRO G 16 10.01 -14.98 -28.83
C PRO G 16 10.51 -16.40 -28.91
N LEU G 17 10.91 -16.94 -27.77
CA LEU G 17 11.40 -18.30 -27.66
C LEU G 17 10.28 -19.33 -27.52
N ILE G 18 9.03 -18.93 -27.77
CA ILE G 18 7.88 -19.83 -27.86
C ILE G 18 6.99 -19.29 -28.97
N ASP G 19 6.43 -20.20 -29.78
CA ASP G 19 5.50 -19.84 -30.84
C ASP G 19 4.07 -20.10 -30.38
N PHE G 20 3.27 -19.03 -30.30
CA PHE G 20 1.85 -19.15 -29.95
C PHE G 20 0.94 -18.98 -31.15
N CYS G 21 1.48 -18.66 -32.33
CA CYS G 21 0.67 -18.39 -33.51
C CYS G 21 0.08 -19.66 -34.11
N SER G 55 35.92 -13.58 -7.24
CA SER G 55 36.08 -14.67 -6.31
C SER G 55 35.38 -14.37 -4.98
N PRO G 56 34.71 -15.35 -4.39
CA PRO G 56 33.92 -15.10 -3.19
C PRO G 56 34.74 -15.16 -1.90
N VAL G 57 34.09 -14.76 -0.82
CA VAL G 57 34.71 -14.68 0.51
C VAL G 57 34.36 -15.96 1.27
N VAL G 58 35.36 -16.56 1.92
CA VAL G 58 35.25 -17.86 2.57
C VAL G 58 35.52 -17.70 4.06
N GLY G 59 34.66 -18.29 4.88
CA GLY G 59 34.79 -18.29 6.32
C GLY G 59 34.11 -19.55 6.82
N GLN G 60 33.61 -19.51 8.05
CA GLN G 60 32.96 -20.67 8.63
C GLN G 60 31.60 -20.27 9.18
N LEU G 61 30.54 -20.66 8.47
CA LEU G 61 29.16 -20.41 8.88
C LEU G 61 28.63 -21.48 9.81
N ILE G 62 28.98 -22.74 9.56
CA ILE G 62 28.56 -23.87 10.37
C ILE G 62 29.79 -24.69 10.71
N ASP G 63 29.70 -25.41 11.83
CA ASP G 63 30.77 -26.31 12.27
C ASP G 63 30.24 -27.73 12.29
N LEU G 64 31.10 -28.67 11.88
CA LEU G 64 30.82 -30.09 12.00
C LEU G 64 32.09 -30.86 12.34
N SER H 9 28.10 34.69 8.13
CA SER H 9 28.37 33.85 6.97
C SER H 9 27.08 33.31 6.39
N GLN H 10 25.95 33.86 6.86
CA GLN H 10 24.62 33.31 6.55
C GLN H 10 24.26 33.55 5.09
N PRO H 11 23.64 32.58 4.43
CA PRO H 11 23.35 32.73 2.99
C PRO H 11 22.22 33.73 2.74
N LEU H 12 22.14 34.14 1.48
CA LEU H 12 21.09 35.06 1.04
C LEU H 12 19.71 34.40 1.13
N ILE H 13 19.51 33.35 0.36
CA ILE H 13 18.36 32.49 0.52
C ILE H 13 18.85 31.15 1.05
N ASP H 14 17.93 30.43 1.66
CA ASP H 14 18.17 29.05 2.03
C ASP H 14 17.44 28.17 1.02
N LEU H 15 18.21 27.51 0.14
CA LEU H 15 17.65 26.43 -0.66
C LEU H 15 17.22 25.32 0.29
N PRO H 16 15.96 24.86 0.23
CA PRO H 16 15.49 23.86 1.20
C PRO H 16 16.13 22.50 0.97
N LEU H 17 16.53 21.88 2.08
CA LEU H 17 17.17 20.57 2.05
C LEU H 17 16.17 19.42 2.02
N ILE H 18 14.87 19.71 1.81
CA ILE H 18 13.87 18.68 1.53
C ILE H 18 12.83 19.27 0.58
N ASP H 19 12.46 18.50 -0.45
CA ASP H 19 11.44 18.85 -1.41
C ASP H 19 10.09 18.33 -0.94
N PHE H 20 9.09 19.22 -0.82
CA PHE H 20 7.76 18.86 -0.34
C PHE H 20 6.71 18.76 -1.44
N CYS H 21 7.09 18.95 -2.70
CA CYS H 21 6.15 19.00 -3.82
C CYS H 21 5.52 17.65 -4.16
N PRO H 56 40.53 23.73 25.63
CA PRO H 56 39.65 23.32 26.74
C PRO H 56 40.34 23.32 28.09
N VAL H 57 39.58 23.03 29.14
CA VAL H 57 40.02 23.14 30.52
C VAL H 57 39.75 21.80 31.22
N VAL H 58 40.71 21.33 32.01
CA VAL H 58 40.65 20.04 32.68
C VAL H 58 40.73 20.25 34.18
N GLY H 59 39.76 19.69 34.90
CA GLY H 59 39.79 19.68 36.36
C GLY H 59 39.17 18.43 36.92
N GLN H 60 38.75 18.49 38.18
CA GLN H 60 38.11 17.37 38.87
C GLN H 60 36.65 17.74 39.10
N LEU H 61 35.74 17.04 38.43
CA LEU H 61 34.31 17.20 38.68
C LEU H 61 33.77 16.06 39.53
N ILE H 62 34.28 14.86 39.29
CA ILE H 62 33.86 13.64 39.95
C ILE H 62 35.11 12.82 40.22
N ASP H 63 35.14 12.17 41.39
CA ASP H 63 36.09 11.09 41.63
C ASP H 63 35.30 9.78 41.55
N LEU H 64 35.88 8.80 40.86
CA LEU H 64 35.16 7.62 40.41
C LEU H 64 35.55 6.35 41.14
N SER H 65 36.84 6.01 41.11
CA SER H 65 37.28 4.63 41.23
C SER H 65 37.41 4.16 42.68
N SER H 66 37.90 5.05 43.56
CA SER H 66 37.96 4.88 45.03
C SER H 66 38.74 3.64 45.50
#